data_3E5E
# 
_entry.id   3E5E 
# 
_audit_conform.dict_name       mmcif_pdbx.dic 
_audit_conform.dict_version    5.377 
_audit_conform.dict_location   http://mmcif.pdb.org/dictionaries/ascii/mmcif_pdbx.dic 
# 
loop_
_database_2.database_id 
_database_2.database_code 
_database_2.pdbx_database_accession 
_database_2.pdbx_DOI 
PDB   3E5E         pdb_00003e5e 10.2210/pdb3e5e/pdb 
NDB   UR0167       ?            ?                   
RCSB  RCSB048896   ?            ?                   
WWPDB D_1000048896 ?            ?                   
# 
loop_
_pdbx_database_related.db_name 
_pdbx_database_related.db_id 
_pdbx_database_related.details 
_pdbx_database_related.content_type 
PDB 3E5C 'The same RNA in complex with SAM' unspecified 
PDB 3E5F 'The same RNA in complex with EEM' unspecified 
# 
_pdbx_database_status.entry_id                        3E5E 
_pdbx_database_status.deposit_site                    RCSB 
_pdbx_database_status.process_site                    RCSB 
_pdbx_database_status.recvd_initial_deposition_date   2008-08-13 
_pdbx_database_status.status_code                     REL 
_pdbx_database_status.status_code_sf                  REL 
_pdbx_database_status.status_code_mr                  ? 
_pdbx_database_status.SG_entry                        ? 
_pdbx_database_status.pdb_format_compatible           Y 
_pdbx_database_status.status_code_cs                  ? 
_pdbx_database_status.status_code_nmr_data            ? 
_pdbx_database_status.methods_development_category    ? 
# 
_audit_author.name           'Lu, C.' 
_audit_author.pdbx_ordinal   1 
# 
_citation.id                        primary 
_citation.title                     
'Crystal structures of the SAM-III/S(MK) riboswitch reveal the SAM-dependent translation inhibition mechanism.' 
_citation.journal_abbrev            Nat.Struct.Mol.Biol. 
_citation.journal_volume            15 
_citation.page_first                1076 
_citation.page_last                 1083 
_citation.year                      2008 
_citation.journal_id_ASTM           ? 
_citation.country                   US 
_citation.journal_id_ISSN           1545-9993 
_citation.journal_id_CSD            ? 
_citation.book_publisher            ? 
_citation.pdbx_database_id_PubMed   18806797 
_citation.pdbx_database_id_DOI      10.1038/nsmb.1494 
# 
loop_
_citation_author.citation_id 
_citation_author.name 
_citation_author.ordinal 
_citation_author.identifier_ORCID 
primary 'Lu, C.'          1 ? 
primary 'Smith, A.M.'     2 ? 
primary 'Fuchs, R.T.'     3 ? 
primary 'Ding, F.'        4 ? 
primary 'Rajashankar, K.' 5 ? 
primary 'Henkin, T.M.'    6 ? 
primary 'Ke, A.'          7 ? 
# 
_cell.entry_id           3E5E 
_cell.length_a           98.418 
_cell.length_b           98.418 
_cell.length_c           86.393 
_cell.angle_alpha        90.00 
_cell.angle_beta         90.00 
_cell.angle_gamma        90.00 
_cell.Z_PDB              16 
_cell.pdbx_unique_axis   ? 
_cell.length_a_esd       ? 
_cell.length_b_esd       ? 
_cell.length_c_esd       ? 
_cell.angle_alpha_esd    ? 
_cell.angle_beta_esd     ? 
_cell.angle_gamma_esd    ? 
# 
_symmetry.entry_id                         3E5E 
_symmetry.space_group_name_H-M             'I 41 2 2' 
_symmetry.pdbx_full_space_group_name_H-M   ? 
_symmetry.cell_setting                     ? 
_symmetry.Int_Tables_number                98 
_symmetry.space_group_name_Hall            ? 
# 
loop_
_entity.id 
_entity.type 
_entity.src_method 
_entity.pdbx_description 
_entity.formula_weight 
_entity.pdbx_number_of_molecules 
_entity.pdbx_ec 
_entity.pdbx_mutation 
_entity.pdbx_fragment 
_entity.details 
1 polymer     syn 'SMK box (SAM-III) Riboswitch for RNA' 17402.322 1  ? ? ? ? 
2 non-polymer syn 'STRONTIUM ION'                        87.620    12 ? ? ? ? 
3 non-polymer syn S-ADENOSYL-L-HOMOCYSTEINE              384.411   1  ? ? ? ? 
4 water       nat water                                  18.015    5  ? ? ? ? 
# 
_entity_poly.entity_id                      1 
_entity_poly.type                           polyribonucleotide 
_entity_poly.nstd_linkage                   no 
_entity_poly.nstd_monomer                   yes 
_entity_poly.pdbx_seq_one_letter_code       '(GTP)UUCCCGAAAGGAUGGCGGAAACGCCAGAUGCCUUGUAACCGAAAGGGGGAAU' 
_entity_poly.pdbx_seq_one_letter_code_can   GUUCCCGAAAGGAUGGCGGAAACGCCAGAUGCCUUGUAACCGAAAGGGGGAAU 
_entity_poly.pdbx_strand_id                 A 
_entity_poly.pdbx_target_identifier         ? 
# 
loop_
_entity_poly_seq.entity_id 
_entity_poly_seq.num 
_entity_poly_seq.mon_id 
_entity_poly_seq.hetero 
1 1  GTP n 
1 2  U   n 
1 3  U   n 
1 4  C   n 
1 5  C   n 
1 6  C   n 
1 7  G   n 
1 8  A   n 
1 9  A   n 
1 10 A   n 
1 11 G   n 
1 12 G   n 
1 13 A   n 
1 14 U   n 
1 15 G   n 
1 16 G   n 
1 17 C   n 
1 18 G   n 
1 19 G   n 
1 20 A   n 
1 21 A   n 
1 22 A   n 
1 23 C   n 
1 24 G   n 
1 25 C   n 
1 26 C   n 
1 27 A   n 
1 28 G   n 
1 29 A   n 
1 30 U   n 
1 31 G   n 
1 32 C   n 
1 33 C   n 
1 34 U   n 
1 35 U   n 
1 36 G   n 
1 37 U   n 
1 38 A   n 
1 39 A   n 
1 40 C   n 
1 41 C   n 
1 42 G   n 
1 43 A   n 
1 44 A   n 
1 45 A   n 
1 46 G   n 
1 47 G   n 
1 48 G   n 
1 49 G   n 
1 50 G   n 
1 51 A   n 
1 52 A   n 
1 53 U   n 
# 
_pdbx_entity_src_syn.entity_id              1 
_pdbx_entity_src_syn.pdbx_src_id            1 
_pdbx_entity_src_syn.pdbx_alt_source_flag   sample 
_pdbx_entity_src_syn.pdbx_beg_seq_num       ? 
_pdbx_entity_src_syn.pdbx_end_seq_num       ? 
_pdbx_entity_src_syn.organism_scientific    ? 
_pdbx_entity_src_syn.organism_common_name   ? 
_pdbx_entity_src_syn.ncbi_taxonomy_id       ? 
_pdbx_entity_src_syn.details                'RNA was prepared by in vitro transcription' 
# 
_struct_ref.id                         1 
_struct_ref.db_name                    PDB 
_struct_ref.db_code                    3E5E 
_struct_ref.pdbx_db_accession          3E5E 
_struct_ref.entity_id                  1 
_struct_ref.pdbx_align_begin           ? 
_struct_ref.pdbx_seq_one_letter_code   GUUCCCGAAAGGAUGGCGGAAACGCCAGAUGCCUUGUAACCGAAAGGGGGAAU 
_struct_ref.pdbx_db_isoform            ? 
# 
_struct_ref_seq.align_id                      1 
_struct_ref_seq.ref_id                        1 
_struct_ref_seq.pdbx_PDB_id_code              3E5E 
_struct_ref_seq.pdbx_strand_id                A 
_struct_ref_seq.seq_align_beg                 1 
_struct_ref_seq.pdbx_seq_align_beg_ins_code   ? 
_struct_ref_seq.seq_align_end                 53 
_struct_ref_seq.pdbx_seq_align_end_ins_code   ? 
_struct_ref_seq.pdbx_db_accession             3E5E 
_struct_ref_seq.db_align_beg                  1 
_struct_ref_seq.pdbx_db_align_beg_ins_code    ? 
_struct_ref_seq.db_align_end                  53 
_struct_ref_seq.pdbx_db_align_end_ins_code    ? 
_struct_ref_seq.pdbx_auth_seq_align_beg       1 
_struct_ref_seq.pdbx_auth_seq_align_end       53 
# 
loop_
_chem_comp.id 
_chem_comp.type 
_chem_comp.mon_nstd_flag 
_chem_comp.name 
_chem_comp.pdbx_synonyms 
_chem_comp.formula 
_chem_comp.formula_weight 
A   'RNA linking'       y "ADENOSINE-5'-MONOPHOSPHATE" ? 'C10 H14 N5 O7 P'   347.221 
C   'RNA linking'       y "CYTIDINE-5'-MONOPHOSPHATE"  ? 'C9 H14 N3 O8 P'    323.197 
G   'RNA linking'       y "GUANOSINE-5'-MONOPHOSPHATE" ? 'C10 H14 N5 O8 P'   363.221 
GTP non-polymer         n "GUANOSINE-5'-TRIPHOSPHATE"  ? 'C10 H16 N5 O14 P3' 523.180 
HOH non-polymer         . WATER                        ? 'H2 O'              18.015  
SAH 'L-peptide linking' n S-ADENOSYL-L-HOMOCYSTEINE    ? 'C14 H20 N6 O5 S'   384.411 
SR  non-polymer         . 'STRONTIUM ION'              ? 'Sr 2'              87.620  
U   'RNA linking'       y "URIDINE-5'-MONOPHOSPHATE"   ? 'C9 H13 N2 O9 P'    324.181 
# 
_exptl.entry_id          3E5E 
_exptl.method            'X-RAY DIFFRACTION' 
_exptl.crystals_number   1 
# 
_exptl_crystal.id                    1 
_exptl_crystal.density_meas          ? 
_exptl_crystal.density_Matthews      2.75 
_exptl_crystal.density_percent_sol   55.28 
_exptl_crystal.description           ? 
_exptl_crystal.F_000                 ? 
_exptl_crystal.preparation           ? 
# 
_exptl_crystal_grow.crystal_id      1 
_exptl_crystal_grow.method          'VAPOR DIFFUSION, HANGING DROP' 
_exptl_crystal_grow.temp            298 
_exptl_crystal_grow.temp_details    ? 
_exptl_crystal_grow.pH              7 
_exptl_crystal_grow.pdbx_pH_range   ? 
_exptl_crystal_grow.pdbx_details    
'40 mM sodium cacodylate, 80 mM SrCl, 15% MPD, 2 mM spermine-HCl, pH 7, vapor diffusion, hanging drop, temperature 298K' 
# 
loop_
_exptl_crystal_grow_comp.crystal_id 
_exptl_crystal_grow_comp.id 
_exptl_crystal_grow_comp.sol_id 
_exptl_crystal_grow_comp.name 
_exptl_crystal_grow_comp.conc 
_exptl_crystal_grow_comp.volume 
_exptl_crystal_grow_comp.details 
1 1 1 'sodium cacodylate' ? ? ? 
1 2 1 MPD                 ? ? ? 
1 3 1 SrCl                ? ? ? 
1 4 1 spermine-HCl        ? ? ? 
1 5 2 'sodium cacodylate' ? ? ? 
1 6 2 MPD                 ? ? ? 
1 7 2 SrCl                ? ? ? 
# 
_diffrn.id                     1 
_diffrn.ambient_temp           100 
_diffrn.ambient_temp_details   ? 
_diffrn.crystal_id             1 
# 
_diffrn_detector.diffrn_id              1 
_diffrn_detector.detector               CCD 
_diffrn_detector.type                   'ADSC QUANTUM 315' 
_diffrn_detector.pdbx_collection_date   2007-11-21 
_diffrn_detector.details                ? 
# 
_diffrn_radiation.diffrn_id                        1 
_diffrn_radiation.wavelength_id                    1 
_diffrn_radiation.pdbx_monochromatic_or_laue_m_l   M 
_diffrn_radiation.monochromator                    ? 
_diffrn_radiation.pdbx_diffrn_protocol             'SINGLE WAVELENGTH' 
_diffrn_radiation.pdbx_scattering_type             x-ray 
# 
_diffrn_radiation_wavelength.id           1 
_diffrn_radiation_wavelength.wavelength   0.9792 
_diffrn_radiation_wavelength.wt           1.0 
# 
_diffrn_source.diffrn_id                   1 
_diffrn_source.source                      SYNCHROTRON 
_diffrn_source.type                        'APS BEAMLINE 21-ID-E' 
_diffrn_source.pdbx_synchrotron_site       APS 
_diffrn_source.pdbx_synchrotron_beamline   21-ID-E 
_diffrn_source.pdbx_wavelength             ? 
_diffrn_source.pdbx_wavelength_list        0.9792 
# 
_reflns.entry_id                     3E5E 
_reflns.observed_criterion_sigma_I   37.8 
_reflns.observed_criterion_sigma_F   ? 
_reflns.d_resolution_low             20 
_reflns.d_resolution_high            2.9 
_reflns.number_obs                   5258 
_reflns.number_all                   ? 
_reflns.percent_possible_obs         87.2 
_reflns.pdbx_Rmerge_I_obs            0.093 
_reflns.pdbx_Rsym_value              0.099 
_reflns.pdbx_netI_over_sigmaI        21 
_reflns.B_iso_Wilson_estimate        50.0 
_reflns.pdbx_redundancy              7.5 
_reflns.R_free_details               ? 
_reflns.pdbx_chi_squared             ? 
_reflns.pdbx_scaling_rejects         ? 
_reflns.pdbx_diffrn_id               1 
_reflns.pdbx_ordinal                 1 
# 
_reflns_shell.d_res_high             2.9 
_reflns_shell.d_res_low              3.0 
_reflns_shell.percent_possible_all   90 
_reflns_shell.Rmerge_I_obs           .16 
_reflns_shell.pdbx_Rsym_value        .16 
_reflns_shell.meanI_over_sigI_obs    6.2 
_reflns_shell.pdbx_redundancy        5.6 
_reflns_shell.percent_possible_obs   ? 
_reflns_shell.number_unique_all      ? 
_reflns_shell.number_measured_all    ? 
_reflns_shell.number_measured_obs    ? 
_reflns_shell.number_unique_obs      ? 
_reflns_shell.pdbx_chi_squared       ? 
_reflns_shell.pdbx_diffrn_id         ? 
_reflns_shell.pdbx_ordinal           1 
# 
_refine.entry_id                                 3E5E 
_refine.ls_number_reflns_obs                     4922 
_refine.ls_number_reflns_all                     ? 
_refine.pdbx_ls_sigma_I                          ? 
_refine.pdbx_ls_sigma_F                          0.0 
_refine.pdbx_data_cutoff_high_absF               1615854.68 
_refine.pdbx_data_cutoff_low_absF                0.000000 
_refine.pdbx_data_cutoff_high_rms_absF           ? 
_refine.ls_d_res_low                             19.81 
_refine.ls_d_res_high                            2.90 
_refine.ls_percent_reflns_obs                    99.9 
_refine.ls_R_factor_obs                          0.222 
_refine.ls_R_factor_all                          ? 
_refine.ls_R_factor_R_work                       0.222 
_refine.ls_R_factor_R_free                       0.259 
_refine.ls_R_factor_R_free_error                 0.017 
_refine.ls_R_factor_R_free_error_details         ? 
_refine.ls_percent_reflns_R_free                 4.7 
_refine.ls_number_reflns_R_free                  229 
_refine.ls_number_parameters                     ? 
_refine.ls_number_restraints                     ? 
_refine.occupancy_min                            0.00 
_refine.occupancy_max                            1.00 
_refine.correlation_coeff_Fo_to_Fc               ? 
_refine.correlation_coeff_Fo_to_Fc_free          ? 
_refine.B_iso_mean                               62.3 
_refine.aniso_B[1][1]                            -9.19 
_refine.aniso_B[2][2]                            -9.19 
_refine.aniso_B[3][3]                            18.38 
_refine.aniso_B[1][2]                            0.00 
_refine.aniso_B[1][3]                            0.00 
_refine.aniso_B[2][3]                            0.00 
_refine.solvent_model_details                    'FLAT MODEL' 
_refine.solvent_model_param_ksol                 0.35 
_refine.solvent_model_param_bsol                 54.2599 
_refine.pdbx_solvent_vdw_probe_radii             ? 
_refine.pdbx_solvent_ion_probe_radii             ? 
_refine.pdbx_solvent_shrinkage_radii             ? 
_refine.pdbx_ls_cross_valid_method               THROUGHOUT 
_refine.details                                  'BULK SOLVENT MODEL USED, REFMAC WAS ALSO USED FOR REFINEMENT' 
_refine.pdbx_starting_model                      '3e5c Without SAM or ion or water' 
_refine.pdbx_method_to_determine_struct          ? 
_refine.pdbx_isotropic_thermal_model             RESTRAINED 
_refine.pdbx_stereochemistry_target_values       ? 
_refine.pdbx_stereochem_target_val_spec_case     ? 
_refine.pdbx_R_Free_selection_details            RANDOM 
_refine.pdbx_overall_ESU_R                       ? 
_refine.pdbx_overall_ESU_R_Free                  ? 
_refine.overall_SU_ML                            ? 
_refine.pdbx_overall_phase_error                 ? 
_refine.overall_SU_B                             ? 
_refine.pdbx_refine_id                           'X-RAY DIFFRACTION' 
_refine.ls_redundancy_reflns_obs                 ? 
_refine.overall_SU_R_Cruickshank_DPI             ? 
_refine.overall_SU_R_free                        ? 
_refine.ls_wR_factor_R_free                      ? 
_refine.ls_wR_factor_R_work                      ? 
_refine.overall_FOM_free_R_set                   ? 
_refine.overall_FOM_work_R_set                   ? 
_refine.pdbx_diffrn_id                           1 
_refine.pdbx_TLS_residual_ADP_flag               ? 
_refine.pdbx_overall_SU_R_free_Cruickshank_DPI   ? 
_refine.pdbx_overall_SU_R_Blow_DPI               ? 
_refine.pdbx_overall_SU_R_free_Blow_DPI          ? 
# 
_refine_analyze.entry_id                        3E5E 
_refine_analyze.Luzzati_coordinate_error_obs    0.32 
_refine_analyze.Luzzati_sigma_a_obs             0.34 
_refine_analyze.Luzzati_d_res_low_obs           5.00 
_refine_analyze.Luzzati_coordinate_error_free   0.30 
_refine_analyze.Luzzati_sigma_a_free            0.25 
_refine_analyze.Luzzati_d_res_low_free          ? 
_refine_analyze.number_disordered_residues      ? 
_refine_analyze.occupancy_sum_hydrogen          ? 
_refine_analyze.occupancy_sum_non_hydrogen      ? 
_refine_analyze.pdbx_refine_id                  'X-RAY DIFFRACTION' 
# 
_refine_hist.pdbx_refine_id                   'X-RAY DIFFRACTION' 
_refine_hist.cycle_id                         LAST 
_refine_hist.pdbx_number_atoms_protein        0 
_refine_hist.pdbx_number_atoms_nucleic_acid   1155 
_refine_hist.pdbx_number_atoms_ligand         38 
_refine_hist.number_atoms_solvent             5 
_refine_hist.number_atoms_total               1198 
_refine_hist.d_res_high                       2.90 
_refine_hist.d_res_low                        19.81 
# 
loop_
_refine_ls_restr.type 
_refine_ls_restr.dev_ideal 
_refine_ls_restr.dev_ideal_target 
_refine_ls_restr.weight 
_refine_ls_restr.number 
_refine_ls_restr.pdbx_refine_id 
_refine_ls_restr.pdbx_restraint_function 
c_bond_d                0.753 ? ? ? 'X-RAY DIFFRACTION' ? 
c_bond_d_na             ?     ? ? ? 'X-RAY DIFFRACTION' ? 
c_bond_d_prot           ?     ? ? ? 'X-RAY DIFFRACTION' ? 
c_angle_d               ?     ? ? ? 'X-RAY DIFFRACTION' ? 
c_angle_d_na            ?     ? ? ? 'X-RAY DIFFRACTION' ? 
c_angle_d_prot          ?     ? ? ? 'X-RAY DIFFRACTION' ? 
c_angle_deg             1.5   ? ? ? 'X-RAY DIFFRACTION' ? 
c_angle_deg_na          ?     ? ? ? 'X-RAY DIFFRACTION' ? 
c_angle_deg_prot        ?     ? ? ? 'X-RAY DIFFRACTION' ? 
c_dihedral_angle_d      18.7  ? ? ? 'X-RAY DIFFRACTION' ? 
c_dihedral_angle_d_na   ?     ? ? ? 'X-RAY DIFFRACTION' ? 
c_dihedral_angle_d_prot ?     ? ? ? 'X-RAY DIFFRACTION' ? 
c_improper_angle_d      1.47  ? ? ? 'X-RAY DIFFRACTION' ? 
c_improper_angle_d_na   ?     ? ? ? 'X-RAY DIFFRACTION' ? 
c_improper_angle_d_prot ?     ? ? ? 'X-RAY DIFFRACTION' ? 
c_mcbond_it             ?     ? ? ? 'X-RAY DIFFRACTION' ? 
c_mcangle_it            ?     ? ? ? 'X-RAY DIFFRACTION' ? 
c_scbond_it             ?     ? ? ? 'X-RAY DIFFRACTION' ? 
c_scangle_it            ?     ? ? ? 'X-RAY DIFFRACTION' ? 
# 
_refine_ls_shell.pdbx_total_number_of_bins_used   6 
_refine_ls_shell.d_res_high                       2.90 
_refine_ls_shell.d_res_low                        3.08 
_refine_ls_shell.number_reflns_R_work             750 
_refine_ls_shell.R_factor_R_work                  0.279 
_refine_ls_shell.percent_reflns_obs               99.9 
_refine_ls_shell.R_factor_R_free                  0.283 
_refine_ls_shell.R_factor_R_free_error            0.045 
_refine_ls_shell.percent_reflns_R_free            4.9 
_refine_ls_shell.number_reflns_R_free             39 
_refine_ls_shell.number_reflns_all                ? 
_refine_ls_shell.R_factor_all                     ? 
_refine_ls_shell.pdbx_refine_id                   'X-RAY DIFFRACTION' 
_refine_ls_shell.redundancy_reflns_obs            ? 
_refine_ls_shell.number_reflns_obs                ? 
# 
loop_
_pdbx_xplor_file.serial_no 
_pdbx_xplor_file.param_file 
_pdbx_xplor_file.topol_file 
_pdbx_xplor_file.pdbx_refine_id 
1 ion.param         ion.top     'X-RAY DIFFRACTION' 
2 water_rep.param   dna-rna.top 'X-RAY DIFFRACTION' 
3 dna-rna_rep.param water.top   'X-RAY DIFFRACTION' 
4 gtp.param         gtp.top     'X-RAY DIFFRACTION' 
5 sah.param         sah.top     'X-RAY DIFFRACTION' 
# 
_struct.entry_id                  3E5E 
_struct.title                     'Crystal Structures of the SMK box (SAM-III) Riboswitch with SAH' 
_struct.pdbx_model_details        ? 
_struct.pdbx_CASP_flag            ? 
_struct.pdbx_model_type_details   ? 
# 
_struct_keywords.entry_id        3E5E 
_struct_keywords.text            'SMK SAM riboswitch Shine-Delgarno translation regulation, RNA' 
_struct_keywords.pdbx_keywords   RNA 
# 
loop_
_struct_asym.id 
_struct_asym.pdbx_blank_PDB_chainid_flag 
_struct_asym.pdbx_modified 
_struct_asym.entity_id 
_struct_asym.details 
A N N 1 ? 
B N N 2 ? 
C N N 2 ? 
D N N 2 ? 
E N N 2 ? 
F N N 2 ? 
G N N 2 ? 
H N N 2 ? 
I N N 2 ? 
J N N 2 ? 
K N N 2 ? 
L N N 2 ? 
M N N 2 ? 
N N N 3 ? 
O N N 4 ? 
# 
_struct_biol.id        1 
_struct_biol.details   ? 
# 
loop_
_struct_conn.id 
_struct_conn.conn_type_id 
_struct_conn.pdbx_leaving_atom_flag 
_struct_conn.pdbx_PDB_id 
_struct_conn.ptnr1_label_asym_id 
_struct_conn.ptnr1_label_comp_id 
_struct_conn.ptnr1_label_seq_id 
_struct_conn.ptnr1_label_atom_id 
_struct_conn.pdbx_ptnr1_label_alt_id 
_struct_conn.pdbx_ptnr1_PDB_ins_code 
_struct_conn.pdbx_ptnr1_standard_comp_id 
_struct_conn.ptnr1_symmetry 
_struct_conn.ptnr2_label_asym_id 
_struct_conn.ptnr2_label_comp_id 
_struct_conn.ptnr2_label_seq_id 
_struct_conn.ptnr2_label_atom_id 
_struct_conn.pdbx_ptnr2_label_alt_id 
_struct_conn.pdbx_ptnr2_PDB_ins_code 
_struct_conn.ptnr1_auth_asym_id 
_struct_conn.ptnr1_auth_comp_id 
_struct_conn.ptnr1_auth_seq_id 
_struct_conn.ptnr2_auth_asym_id 
_struct_conn.ptnr2_auth_comp_id 
_struct_conn.ptnr2_auth_seq_id 
_struct_conn.ptnr2_symmetry 
_struct_conn.pdbx_ptnr3_label_atom_id 
_struct_conn.pdbx_ptnr3_label_seq_id 
_struct_conn.pdbx_ptnr3_label_comp_id 
_struct_conn.pdbx_ptnr3_label_asym_id 
_struct_conn.pdbx_ptnr3_label_alt_id 
_struct_conn.pdbx_ptnr3_PDB_ins_code 
_struct_conn.details 
_struct_conn.pdbx_dist_value 
_struct_conn.pdbx_value_order 
_struct_conn.pdbx_role 
covale1  covale both ? A GTP 1  "O3'" ? ? ? 1_555 A U   2  P  ? ? A GTP 1   A U   2   1_555 ? ? ? ? ? ? ?             1.703 ? ? 
metalc1  metalc ?    ? A U   14 O4    ? ? ? 1_555 L SR  .  SR B ? A U   14  A SR  211 1_555 ? ? ? ? ? ? ?             2.755 ? ? 
metalc2  metalc ?    ? A U   14 O4    ? ? ? 1_555 J SR  .  SR A ? A U   14  A SR  219 1_555 ? ? ? ? ? ? ?             2.755 ? ? 
metalc3  metalc ?    ? A A   38 OP2   ? ? ? 1_555 K SR  .  SR A ? A A   38  A SR  210 1_555 ? ? ? ? ? ? ?             2.555 ? ? 
metalc4  metalc ?    ? A A   38 OP2   ? ? ? 1_555 M SR  .  SR B ? A A   38  A SR  212 1_555 ? ? ? ? ? ? ?             2.555 ? ? 
metalc5  metalc ?    ? G SR  .  SR    ? ? ? 1_555 O HOH .  O  ? ? A SR  206 A HOH 222 1_555 ? ? ? ? ? ? ?             2.442 ? ? 
metalc6  metalc ?    ? K SR  .  SR    A ? ? 1_555 N SAH .  N  ? ? A SR  210 A SAH 220 1_555 ? ? ? ? ? ? ?             2.280 ? ? 
metalc7  metalc ?    ? M SR  .  SR    B ? ? 1_555 N SAH .  N  ? ? A SR  212 A SAH 220 1_555 ? ? ? ? ? ? ?             2.280 ? ? 
hydrog1  hydrog ?    ? A GTP 1  N1    ? ? ? 1_555 A U   53 O2 ? ? A GTP 1   A U   53  1_555 ? ? ? ? ? ? TYPE_28_PAIR  ?     ? ? 
hydrog2  hydrog ?    ? A GTP 1  O6    ? ? ? 1_555 A U   53 N3 ? ? A GTP 1   A U   53  1_555 ? ? ? ? ? ? TYPE_28_PAIR  ?     ? ? 
hydrog3  hydrog ?    ? A U   2  N3    ? ? ? 1_555 A A   52 N1 ? ? A U   2   A A   52  1_555 ? ? ? ? ? ? WATSON-CRICK  ?     ? ? 
hydrog4  hydrog ?    ? A U   2  O4    ? ? ? 1_555 A A   52 N6 ? ? A U   2   A A   52  1_555 ? ? ? ? ? ? WATSON-CRICK  ?     ? ? 
hydrog5  hydrog ?    ? A U   3  N3    ? ? ? 1_555 A A   51 N1 ? ? A U   3   A A   51  1_555 ? ? ? ? ? ? WATSON-CRICK  ?     ? ? 
hydrog6  hydrog ?    ? A U   3  O4    ? ? ? 1_555 A A   51 N6 ? ? A U   3   A A   51  1_555 ? ? ? ? ? ? WATSON-CRICK  ?     ? ? 
hydrog7  hydrog ?    ? A C   4  N3    ? ? ? 1_555 A G   50 N1 ? ? A C   4   A G   50  1_555 ? ? ? ? ? ? WATSON-CRICK  ?     ? ? 
hydrog8  hydrog ?    ? A C   4  N4    ? ? ? 1_555 A G   50 O6 ? ? A C   4   A G   50  1_555 ? ? ? ? ? ? WATSON-CRICK  ?     ? ? 
hydrog9  hydrog ?    ? A C   4  O2    ? ? ? 1_555 A G   50 N2 ? ? A C   4   A G   50  1_555 ? ? ? ? ? ? WATSON-CRICK  ?     ? ? 
hydrog10 hydrog ?    ? A C   5  N3    ? ? ? 1_555 A G   49 N1 ? ? A C   5   A G   49  1_555 ? ? ? ? ? ? WATSON-CRICK  ?     ? ? 
hydrog11 hydrog ?    ? A C   5  N4    ? ? ? 1_555 A G   49 O6 ? ? A C   5   A G   49  1_555 ? ? ? ? ? ? WATSON-CRICK  ?     ? ? 
hydrog12 hydrog ?    ? A C   5  O2    ? ? ? 1_555 A G   49 N2 ? ? A C   5   A G   49  1_555 ? ? ? ? ? ? WATSON-CRICK  ?     ? ? 
hydrog13 hydrog ?    ? A C   6  N3    ? ? ? 1_555 A G   48 N1 ? ? A C   6   A G   48  1_555 ? ? ? ? ? ? WATSON-CRICK  ?     ? ? 
hydrog14 hydrog ?    ? A C   6  N4    ? ? ? 1_555 A G   48 O6 ? ? A C   6   A G   48  1_555 ? ? ? ? ? ? WATSON-CRICK  ?     ? ? 
hydrog15 hydrog ?    ? A C   6  O2    ? ? ? 1_555 A G   48 N2 ? ? A C   6   A G   48  1_555 ? ? ? ? ? ? WATSON-CRICK  ?     ? ? 
hydrog16 hydrog ?    ? A A   8  N6    ? ? ? 1_555 A G   36 N3 ? ? A A   8   A G   36  1_555 ? ? ? ? ? ? TYPE_11_PAIR  ?     ? ? 
hydrog17 hydrog ?    ? A A   8  N7    ? ? ? 1_555 A G   36 N2 ? ? A A   8   A G   36  1_555 ? ? ? ? ? ? TYPE_11_PAIR  ?     ? ? 
hydrog18 hydrog ?    ? A A   9  N1    ? ? ? 1_555 A U   35 N3 ? ? A A   9   A U   35  1_555 ? ? ? ? ? ? WATSON-CRICK  ?     ? ? 
hydrog19 hydrog ?    ? A A   9  N6    ? ? ? 1_555 A U   35 O4 ? ? A A   9   A U   35  1_555 ? ? ? ? ? ? WATSON-CRICK  ?     ? ? 
hydrog20 hydrog ?    ? A A   10 N1    ? ? ? 1_555 A U   34 N3 ? ? A A   10  A U   34  1_555 ? ? ? ? ? ? WATSON-CRICK  ?     ? ? 
hydrog21 hydrog ?    ? A A   10 N6    ? ? ? 1_555 A U   34 O4 ? ? A A   10  A U   34  1_555 ? ? ? ? ? ? WATSON-CRICK  ?     ? ? 
hydrog22 hydrog ?    ? A G   11 N1    ? ? ? 1_555 A C   33 N3 ? ? A G   11  A C   33  1_555 ? ? ? ? ? ? WATSON-CRICK  ?     ? ? 
hydrog23 hydrog ?    ? A G   11 N2    ? ? ? 1_555 A C   33 O2 ? ? A G   11  A C   33  1_555 ? ? ? ? ? ? WATSON-CRICK  ?     ? ? 
hydrog24 hydrog ?    ? A G   11 O6    ? ? ? 1_555 A C   33 N4 ? ? A G   11  A C   33  1_555 ? ? ? ? ? ? WATSON-CRICK  ?     ? ? 
hydrog25 hydrog ?    ? A G   12 N1    ? ? ? 1_555 A C   32 N3 ? ? A G   12  A C   32  1_555 ? ? ? ? ? ? WATSON-CRICK  ?     ? ? 
hydrog26 hydrog ?    ? A G   12 N2    ? ? ? 1_555 A C   32 O2 ? ? A G   12  A C   32  1_555 ? ? ? ? ? ? WATSON-CRICK  ?     ? ? 
hydrog27 hydrog ?    ? A G   12 O6    ? ? ? 1_555 A C   32 N4 ? ? A G   12  A C   32  1_555 ? ? ? ? ? ? WATSON-CRICK  ?     ? ? 
hydrog28 hydrog ?    ? A A   13 N1    ? ? ? 1_555 A G   28 N1 ? ? A A   13  A G   28  1_555 ? ? ? ? ? ? TYPE_8_PAIR   ?     ? ? 
hydrog29 hydrog ?    ? A A   13 N6    ? ? ? 1_555 A G   28 O6 ? ? A A   13  A G   28  1_555 ? ? ? ? ? ? TYPE_8_PAIR   ?     ? ? 
hydrog30 hydrog ?    ? A U   14 N3    ? ? ? 1_555 A A   27 N1 ? ? A U   14  A A   27  1_555 ? ? ? ? ? ? 'U-A PAIR'    ?     ? ? 
hydrog31 hydrog ?    ? A G   15 N1    ? ? ? 1_555 A C   26 O2 ? ? A G   15  A C   26  1_555 ? ? ? ? ? ? 'G-C PAIR'    ?     ? ? 
hydrog32 hydrog ?    ? A G   16 N1    ? ? ? 1_555 A C   25 N3 ? ? A G   16  A C   25  1_555 ? ? ? ? ? ? WATSON-CRICK  ?     ? ? 
hydrog33 hydrog ?    ? A G   16 N2    ? ? ? 1_555 A C   25 O2 ? ? A G   16  A C   25  1_555 ? ? ? ? ? ? WATSON-CRICK  ?     ? ? 
hydrog34 hydrog ?    ? A G   16 O6    ? ? ? 1_555 A C   25 N4 ? ? A G   16  A C   25  1_555 ? ? ? ? ? ? WATSON-CRICK  ?     ? ? 
hydrog35 hydrog ?    ? A C   17 N3    ? ? ? 1_555 A G   24 N1 ? ? A C   17  A G   24  1_555 ? ? ? ? ? ? WATSON-CRICK  ?     ? ? 
hydrog36 hydrog ?    ? A C   17 N4    ? ? ? 1_555 A G   24 O6 ? ? A C   17  A G   24  1_555 ? ? ? ? ? ? WATSON-CRICK  ?     ? ? 
hydrog37 hydrog ?    ? A C   17 O2    ? ? ? 1_555 A G   24 N2 ? ? A C   17  A G   24  1_555 ? ? ? ? ? ? WATSON-CRICK  ?     ? ? 
hydrog38 hydrog ?    ? A G   18 N1    ? ? ? 1_555 A C   23 N3 ? ? A G   18  A C   23  1_555 ? ? ? ? ? ? WATSON-CRICK  ?     ? ? 
hydrog39 hydrog ?    ? A G   18 N2    ? ? ? 1_555 A C   23 O2 ? ? A G   18  A C   23  1_555 ? ? ? ? ? ? WATSON-CRICK  ?     ? ? 
hydrog40 hydrog ?    ? A G   18 O6    ? ? ? 1_555 A C   23 N4 ? ? A G   18  A C   23  1_555 ? ? ? ? ? ? WATSON-CRICK  ?     ? ? 
hydrog41 hydrog ?    ? A G   19 N2    ? ? ? 1_555 A A   22 N7 ? ? A G   19  A A   22  1_555 ? ? ? ? ? ? 'G-A MISPAIR' ?     ? ? 
hydrog42 hydrog ?    ? A G   31 N7    ? ? ? 1_555 A G   36 N1 ? ? A G   31  A G   36  1_555 ? ? ? ? ? ? TYPE_7_PAIR   ?     ? ? 
hydrog43 hydrog ?    ? A G   31 O6    ? ? ? 1_555 A G   36 N2 ? ? A G   31  A G   36  1_555 ? ? ? ? ? ? TYPE_7_PAIR   ?     ? ? 
hydrog44 hydrog ?    ? A A   38 N1    ? ? ? 1_555 A G   48 N2 ? ? A A   38  A G   48  1_555 ? ? ? ? ? ? TYPE_10_PAIR  ?     ? ? 
hydrog45 hydrog ?    ? A A   38 N6    ? ? ? 1_555 A G   48 N3 ? ? A A   38  A G   48  1_555 ? ? ? ? ? ? TYPE_10_PAIR  ?     ? ? 
hydrog46 hydrog ?    ? A C   40 N3    ? ? ? 1_555 A G   47 N1 ? ? A C   40  A G   47  1_555 ? ? ? ? ? ? WATSON-CRICK  ?     ? ? 
hydrog47 hydrog ?    ? A C   40 N4    ? ? ? 1_555 A G   47 O6 ? ? A C   40  A G   47  1_555 ? ? ? ? ? ? WATSON-CRICK  ?     ? ? 
hydrog48 hydrog ?    ? A C   40 O2    ? ? ? 1_555 A G   47 N2 ? ? A C   40  A G   47  1_555 ? ? ? ? ? ? WATSON-CRICK  ?     ? ? 
hydrog49 hydrog ?    ? A C   41 N3    ? ? ? 1_555 A G   46 N1 ? ? A C   41  A G   46  1_555 ? ? ? ? ? ? WATSON-CRICK  ?     ? ? 
hydrog50 hydrog ?    ? A C   41 N4    ? ? ? 1_555 A G   46 O6 ? ? A C   41  A G   46  1_555 ? ? ? ? ? ? WATSON-CRICK  ?     ? ? 
hydrog51 hydrog ?    ? A C   41 O2    ? ? ? 1_555 A G   46 N2 ? ? A C   41  A G   46  1_555 ? ? ? ? ? ? WATSON-CRICK  ?     ? ? 
hydrog52 hydrog ?    ? A G   42 N2    ? ? ? 1_555 A A   45 N7 ? ? A G   42  A A   45  1_555 ? ? ? ? ? ? 'G-A MISPAIR' ?     ? ? 
# 
loop_
_struct_conn_type.id 
_struct_conn_type.criteria 
_struct_conn_type.reference 
covale ? ? 
metalc ? ? 
hydrog ? ? 
# 
loop_
_struct_site.id 
_struct_site.pdbx_evidence_code 
_struct_site.pdbx_auth_asym_id 
_struct_site.pdbx_auth_comp_id 
_struct_site.pdbx_auth_seq_id 
_struct_site.pdbx_auth_ins_code 
_struct_site.pdbx_num_residues 
_struct_site.details 
AC1 Software A SR  203 ? 1 'BINDING SITE FOR RESIDUE SR A 203'  
AC2 Software A SR  205 ? 2 'BINDING SITE FOR RESIDUE SR A 205'  
AC3 Software A SR  206 ? 2 'BINDING SITE FOR RESIDUE SR A 206'  
AC4 Software A SR  207 ? 2 'BINDING SITE FOR RESIDUE SR A 207'  
AC5 Software A SR  208 ? 1 'BINDING SITE FOR RESIDUE SR A 208'  
AC6 Software A SR  219 ? 2 'BINDING SITE FOR RESIDUE SR A 219'  
AC7 Software A SR  210 ? 2 'BINDING SITE FOR RESIDUE SR A 210'  
AC8 Software A SR  211 ? 2 'BINDING SITE FOR RESIDUE SR A 211'  
AC9 Software A SR  212 ? 2 'BINDING SITE FOR RESIDUE SR A 212'  
BC1 Software A SAH 220 ? 7 'BINDING SITE FOR RESIDUE SAH A 220' 
# 
loop_
_struct_site_gen.id 
_struct_site_gen.site_id 
_struct_site_gen.pdbx_num_res 
_struct_site_gen.label_comp_id 
_struct_site_gen.label_asym_id 
_struct_site_gen.label_seq_id 
_struct_site_gen.pdbx_auth_ins_code 
_struct_site_gen.auth_comp_id 
_struct_site_gen.auth_asym_id 
_struct_site_gen.auth_seq_id 
_struct_site_gen.label_atom_id 
_struct_site_gen.label_alt_id 
_struct_site_gen.symmetry 
_struct_site_gen.details 
1  AC1 1 G   A 46 ? G   A 46  . ? 1_555 ? 
2  AC2 2 G   A 19 ? G   A 19  . ? 1_555 ? 
3  AC2 2 A   A 21 ? A   A 21  . ? 1_555 ? 
4  AC3 2 C   A 6  ? C   A 6   . ? 1_555 ? 
5  AC3 2 HOH O .  ? HOH A 222 . ? 1_555 ? 
6  AC4 2 U   A 34 ? U   A 34  . ? 1_555 ? 
7  AC4 2 G   A 36 ? G   A 36  . ? 1_555 ? 
8  AC5 1 A   A 38 ? A   A 38  . ? 1_555 ? 
9  AC6 2 U   A 14 ? U   A 14  . ? 1_555 ? 
10 AC6 2 G   A 15 ? G   A 15  . ? 1_555 ? 
11 AC7 2 A   A 38 ? A   A 38  . ? 1_555 ? 
12 AC7 2 A   A 39 ? A   A 39  . ? 1_555 ? 
13 AC8 2 U   A 14 ? U   A 14  . ? 1_555 ? 
14 AC8 2 G   A 15 ? G   A 15  . ? 1_555 ? 
15 AC9 2 A   A 38 ? A   A 38  . ? 1_555 ? 
16 AC9 2 A   A 39 ? A   A 39  . ? 1_555 ? 
17 BC1 7 G   A 7  ? G   A 7   . ? 1_555 ? 
18 BC1 7 U   A 37 ? U   A 37  . ? 1_555 ? 
19 BC1 7 A   A 38 ? A   A 38  . ? 1_555 ? 
20 BC1 7 G   A 47 ? G   A 47  . ? 1_555 ? 
21 BC1 7 G   A 48 ? G   A 48  . ? 1_555 ? 
22 BC1 7 HOH O .  ? HOH A 221 . ? 1_555 ? 
23 BC1 7 HOH O .  ? HOH A 223 . ? 1_555 ? 
# 
_atom_sites.entry_id                    3E5E 
_atom_sites.fract_transf_matrix[1][1]   -0.00382861 
_atom_sites.fract_transf_matrix[1][2]   -0.00472356 
_atom_sites.fract_transf_matrix[1][3]   0.00814099 
_atom_sites.fract_transf_matrix[2][1]   0.00082913 
_atom_sites.fract_transf_matrix[2][2]   0.00858532 
_atom_sites.fract_transf_matrix[2][3]   0.00537130 
_atom_sites.fract_transf_matrix[3][1]   -0.01068020 
_atom_sites.fract_transf_matrix[3][2]   0.00306226 
_atom_sites.fract_transf_matrix[3][3]   -0.00324599 
_atom_sites.fract_transf_vector[1]      -0.153472 
_atom_sites.fract_transf_vector[2]      0.083798 
_atom_sites.fract_transf_vector[3]      -0.197863 
# 
loop_
_atom_type.symbol 
C  
N  
O  
P  
S  
SR 
# 
loop_
_atom_site.group_PDB 
_atom_site.id 
_atom_site.type_symbol 
_atom_site.label_atom_id 
_atom_site.label_alt_id 
_atom_site.label_comp_id 
_atom_site.label_asym_id 
_atom_site.label_entity_id 
_atom_site.label_seq_id 
_atom_site.pdbx_PDB_ins_code 
_atom_site.Cartn_x 
_atom_site.Cartn_y 
_atom_site.Cartn_z 
_atom_site.occupancy 
_atom_site.B_iso_or_equiv 
_atom_site.pdbx_formal_charge 
_atom_site.auth_seq_id 
_atom_site.auth_comp_id 
_atom_site.auth_asym_id 
_atom_site.auth_atom_id 
_atom_site.pdbx_PDB_model_num 
HETATM 1    P  PG    . GTP A 1 1  ? 7.915   19.028  15.920 1.00 77.92  ? 1   GTP A PG    1 
HETATM 2    O  O1G   . GTP A 1 1  ? 7.096   17.845  16.411 1.00 77.13  ? 1   GTP A O1G   1 
HETATM 3    O  O2G   . GTP A 1 1  ? 7.826   20.173  16.917 1.00 77.56  ? 1   GTP A O2G   1 
HETATM 4    O  O3G   . GTP A 1 1  ? 7.284   19.476  14.615 1.00 77.17  ? 1   GTP A O3G   1 
HETATM 5    O  O3B   . GTP A 1 1  ? 9.489   18.660  15.654 1.00 72.80  ? 1   GTP A O3B   1 
HETATM 6    P  PB    . GTP A 1 1  ? 10.467  17.709  16.539 1.00 69.09  ? 1   GTP A PB    1 
HETATM 7    O  O1B   . GTP A 1 1  ? 10.897  16.523  15.702 1.00 69.43  ? 1   GTP A O1B   1 
HETATM 8    O  O2B   . GTP A 1 1  ? 11.712  18.490  16.900 1.00 67.23  ? 1   GTP A O2B   1 
HETATM 9    O  O3A   . GTP A 1 1  ? 9.618   17.241  17.871 1.00 66.36  ? 1   GTP A O3A   1 
HETATM 10   P  PA    . GTP A 1 1  ? 8.788   15.864  18.250 1.00 62.09  ? 1   GTP A PA    1 
HETATM 11   O  O1A   . GTP A 1 1  ? 7.663   15.588  17.268 1.00 60.52  ? 1   GTP A O1A   1 
HETATM 12   O  O2A   . GTP A 1 1  ? 9.685   14.650  18.382 1.00 61.59  ? 1   GTP A O2A   1 
HETATM 13   O  "O5'" . GTP A 1 1  ? 8.169   16.203  19.705 1.00 57.83  ? 1   GTP A "O5'" 1 
HETATM 14   C  "C5'" . GTP A 1 1  ? 8.921   16.024  20.890 1.00 51.79  ? 1   GTP A "C5'" 1 
HETATM 15   C  "C4'" . GTP A 1 1  ? 8.324   17.031  22.103 1.00 42.76  ? 1   GTP A "C4'" 1 
HETATM 16   O  "O4'" . GTP A 1 1  ? 7.912   18.066  21.261 1.00 40.33  ? 1   GTP A "O4'" 1 
HETATM 17   C  "C3'" . GTP A 1 1  ? 6.954   16.711  22.610 1.00 41.65  ? 1   GTP A "C3'" 1 
HETATM 18   O  "O3'" . GTP A 1 1  ? 6.939   15.621  23.539 1.00 42.77  ? 1   GTP A "O3'" 1 
HETATM 19   C  "C2'" . GTP A 1 1  ? 6.811   18.117  23.184 1.00 40.01  ? 1   GTP A "C2'" 1 
HETATM 20   O  "O2'" . GTP A 1 1  ? 7.641   18.370  24.276 1.00 41.46  ? 1   GTP A "O2'" 1 
HETATM 21   C  "C1'" . GTP A 1 1  ? 7.261   19.012  21.991 1.00 43.03  ? 1   GTP A "C1'" 1 
HETATM 22   N  N9    . GTP A 1 1  ? 6.377   19.410  20.885 1.00 38.35  ? 1   GTP A N9    1 
HETATM 23   C  C8    . GTP A 1 1  ? 6.548   19.112  19.556 1.00 36.53  ? 1   GTP A C8    1 
HETATM 24   N  N7    . GTP A 1 1  ? 5.535   19.668  18.860 1.00 34.70  ? 1   GTP A N7    1 
HETATM 25   C  C5    . GTP A 1 1  ? 4.731   20.314  19.728 1.00 34.43  ? 1   GTP A C5    1 
HETATM 26   C  C6    . GTP A 1 1  ? 3.561   21.040  19.546 1.00 34.92  ? 1   GTP A C6    1 
HETATM 27   O  O6    . GTP A 1 1  ? 3.105   21.179  18.404 1.00 36.53  ? 1   GTP A O6    1 
HETATM 28   N  N1    . GTP A 1 1  ? 2.923   21.599  20.643 1.00 33.30  ? 1   GTP A N1    1 
HETATM 29   C  C2    . GTP A 1 1  ? 3.464   21.432  21.902 1.00 33.85  ? 1   GTP A C2    1 
HETATM 30   N  N2    . GTP A 1 1  ? 2.863   21.968  22.954 1.00 34.04  ? 1   GTP A N2    1 
HETATM 31   N  N3    . GTP A 1 1  ? 4.628   20.707  22.081 1.00 34.11  ? 1   GTP A N3    1 
HETATM 32   C  C4    . GTP A 1 1  ? 5.246   20.162  21.005 1.00 35.39  ? 1   GTP A C4    1 
ATOM   33   P  P     . U   A 1 2  ? 5.760   14.394  23.599 1.00 53.14  ? 2   U   A P     1 
ATOM   34   O  OP1   . U   A 1 2  ? 5.942   13.469  24.747 1.00 52.43  ? 2   U   A OP1   1 
ATOM   35   O  OP2   . U   A 1 2  ? 5.693   13.905  22.197 1.00 52.30  ? 2   U   A OP2   1 
ATOM   36   O  "O5'" . U   A 1 2  ? 4.527   15.383  23.878 1.00 51.57  ? 2   U   A "O5'" 1 
ATOM   37   C  "C5'" . U   A 1 2  ? 4.318   15.892  25.192 1.00 49.97  ? 2   U   A "C5'" 1 
ATOM   38   C  "C4'" . U   A 1 2  ? 3.056   16.728  25.258 1.00 48.95  ? 2   U   A "C4'" 1 
ATOM   39   O  "O4'" . U   A 1 2  ? 3.207   17.888  24.400 1.00 48.15  ? 2   U   A "O4'" 1 
ATOM   40   C  "C3'" . U   A 1 2  ? 1.796   16.047  24.740 1.00 49.44  ? 2   U   A "C3'" 1 
ATOM   41   O  "O3'" . U   A 1 2  ? 1.175   15.274  25.764 1.00 50.86  ? 2   U   A "O3'" 1 
ATOM   42   C  "C2'" . U   A 1 2  ? 0.944   17.247  24.343 1.00 48.26  ? 2   U   A "C2'" 1 
ATOM   43   O  "O2'" . U   A 1 2  ? 0.317   17.842  25.457 1.00 49.80  ? 2   U   A "O2'" 1 
ATOM   44   C  "C1'" . U   A 1 2  ? 1.981   18.196  23.751 1.00 45.71  ? 2   U   A "C1'" 1 
ATOM   45   N  N1    . U   A 1 2  ? 2.120   18.079  22.254 1.00 41.64  ? 2   U   A N1    1 
ATOM   46   C  C2    . U   A 1 2  ? 1.230   18.760  21.435 1.00 40.98  ? 2   U   A C2    1 
ATOM   47   O  O2    . U   A 1 2  ? 0.317   19.463  21.844 1.00 41.67  ? 2   U   A O2    1 
ATOM   48   N  N3    . U   A 1 2  ? 1.438   18.592  20.087 1.00 39.38  ? 2   U   A N3    1 
ATOM   49   C  C4    . U   A 1 2  ? 2.419   17.826  19.480 1.00 38.74  ? 2   U   A C4    1 
ATOM   50   O  O4    . U   A 1 2  ? 2.475   17.775  18.252 1.00 37.67  ? 2   U   A O4    1 
ATOM   51   C  C5    . U   A 1 2  ? 3.305   17.148  20.395 1.00 38.42  ? 2   U   A C5    1 
ATOM   52   C  C6    . U   A 1 2  ? 3.124   17.298  21.713 1.00 39.36  ? 2   U   A C6    1 
ATOM   53   P  P     . U   A 1 3  ? 0.386   13.914  25.434 1.00 51.56  ? 3   U   A P     1 
ATOM   54   O  OP1   . U   A 1 3  ? 0.209   13.213  26.728 1.00 51.43  ? 3   U   A OP1   1 
ATOM   55   O  OP2   . U   A 1 3  ? 1.033   13.203  24.303 1.00 51.08  ? 3   U   A OP2   1 
ATOM   56   O  "O5'" . U   A 1 3  ? -1.014  14.467  24.894 1.00 50.50  ? 3   U   A "O5'" 1 
ATOM   57   C  "C5'" . U   A 1 3  ? -1.973  15.003  25.779 1.00 50.38  ? 3   U   A "C5'" 1 
ATOM   58   C  "C4'" . U   A 1 3  ? -3.018  15.740  24.971 1.00 50.55  ? 3   U   A "C4'" 1 
ATOM   59   O  "O4'" . U   A 1 3  ? -2.338  16.730  24.160 1.00 50.41  ? 3   U   A "O4'" 1 
ATOM   60   C  "C3'" . U   A 1 3  ? -3.757  14.891  23.940 1.00 50.67  ? 3   U   A "C3'" 1 
ATOM   61   O  "O3'" . U   A 1 3  ? -4.837  14.155  24.503 1.00 50.47  ? 3   U   A "O3'" 1 
ATOM   62   C  "C2'" . U   A 1 3  ? -4.231  15.961  22.961 1.00 50.28  ? 3   U   A "C2'" 1 
ATOM   63   O  "O2'" . U   A 1 3  ? -5.354  16.686  23.420 1.00 51.55  ? 3   U   A "O2'" 1 
ATOM   64   C  "C1'" . U   A 1 3  ? -3.004  16.866  22.908 1.00 49.46  ? 3   U   A "C1'" 1 
ATOM   65   N  N1    . U   A 1 3  ? -2.103  16.522  21.754 1.00 47.28  ? 3   U   A N1    1 
ATOM   66   C  C2    . U   A 1 3  ? -2.500  16.859  20.473 1.00 46.78  ? 3   U   A C2    1 
ATOM   67   O  O2    . U   A 1 3  ? -3.546  17.441  20.234 1.00 46.94  ? 3   U   A O2    1 
ATOM   68   N  N3    . U   A 1 3  ? -1.615  16.497  19.477 1.00 45.46  ? 3   U   A N3    1 
ATOM   69   C  C4    . U   A 1 3  ? -0.407  15.847  19.639 1.00 44.80  ? 3   U   A C4    1 
ATOM   70   O  O4    . U   A 1 3  ? 0.282   15.594  18.665 1.00 44.54  ? 3   U   A O4    1 
ATOM   71   C  C5    . U   A 1 3  ? -0.062  15.523  20.996 1.00 45.25  ? 3   U   A C5    1 
ATOM   72   C  C6    . U   A 1 3  ? -0.906  15.863  21.976 1.00 46.32  ? 3   U   A C6    1 
ATOM   73   P  P     . C   A 1 4  ? -5.307  12.751  23.873 1.00 50.94  ? 4   C   A P     1 
ATOM   74   O  OP1   . C   A 1 4  ? -6.216  12.148  24.874 1.00 51.59  ? 4   C   A OP1   1 
ATOM   75   O  OP2   . C   A 1 4  ? -4.130  11.961  23.431 1.00 49.93  ? 4   C   A OP2   1 
ATOM   76   O  "O5'" . C   A 1 4  ? -6.145  13.185  22.571 1.00 48.77  ? 4   C   A "O5'" 1 
ATOM   77   C  "C5'" . C   A 1 4  ? -7.328  13.978  22.690 1.00 46.51  ? 4   C   A "C5'" 1 
ATOM   78   C  "C4'" . C   A 1 4  ? -7.784  14.500  21.333 1.00 45.02  ? 4   C   A "C4'" 1 
ATOM   79   O  "O4'" . C   A 1 4  ? -6.772  15.370  20.747 1.00 43.69  ? 4   C   A "O4'" 1 
ATOM   80   C  "C3'" . C   A 1 4  ? -7.993  13.436  20.270 1.00 43.88  ? 4   C   A "C3'" 1 
ATOM   81   O  "O3'" . C   A 1 4  ? -9.258  12.821  20.396 1.00 43.46  ? 4   C   A "O3'" 1 
ATOM   82   C  "C2'" . C   A 1 4  ? -7.884  14.269  18.996 1.00 42.85  ? 4   C   A "C2'" 1 
ATOM   83   O  "O2'" . C   A 1 4  ? -9.044  15.028  18.734 1.00 43.22  ? 4   C   A "O2'" 1 
ATOM   84   C  "C1'" . C   A 1 4  ? -6.728  15.192  19.344 1.00 41.13  ? 4   C   A "C1'" 1 
ATOM   85   N  N1    . C   A 1 4  ? -5.402  14.649  18.920 1.00 38.51  ? 4   C   A N1    1 
ATOM   86   C  C2    . C   A 1 4  ? -5.011  14.783  17.577 1.00 38.00  ? 4   C   A C2    1 
ATOM   87   O  O2    . C   A 1 4  ? -5.761  15.355  16.778 1.00 38.24  ? 4   C   A O2    1 
ATOM   88   N  N3    . C   A 1 4  ? -3.808  14.294  17.185 1.00 36.61  ? 4   C   A N3    1 
ATOM   89   C  C4    . C   A 1 4  ? -3.017  13.695  18.072 1.00 36.07  ? 4   C   A C4    1 
ATOM   90   N  N4    . C   A 1 4  ? -1.847  13.243  17.635 1.00 36.07  ? 4   C   A N4    1 
ATOM   91   C  C5    . C   A 1 4  ? -3.383  13.542  19.443 1.00 36.78  ? 4   C   A C5    1 
ATOM   92   C  C6    . C   A 1 4  ? -4.576  14.028  19.817 1.00 37.49  ? 4   C   A C6    1 
ATOM   93   P  P     . C   A 1 5  ? -9.458  11.316  19.868 1.00 44.27  ? 5   C   A P     1 
ATOM   94   O  OP1   . C   A 1 5  ? -10.800 10.884  20.322 1.00 44.50  ? 5   C   A OP1   1 
ATOM   95   O  OP2   . C   A 1 5  ? -8.255  10.499  20.170 1.00 42.06  ? 5   C   A OP2   1 
ATOM   96   O  "O5'" . C   A 1 5  ? -9.511  11.496  18.286 1.00 42.28  ? 5   C   A "O5'" 1 
ATOM   97   C  "C5'" . C   A 1 5  ? -10.575 12.185  17.651 1.00 40.09  ? 5   C   A "C5'" 1 
ATOM   98   C  "C4'" . C   A 1 5  ? -10.301 12.196  16.159 1.00 38.82  ? 5   C   A "C4'" 1 
ATOM   99   O  "O4'" . C   A 1 5  ? -9.058  12.899  15.899 1.00 37.39  ? 5   C   A "O4'" 1 
ATOM   100  C  "C3'" . C   A 1 5  ? -10.031 10.839  15.526 1.00 38.36  ? 5   C   A "C3'" 1 
ATOM   101  O  "O3'" . C   A 1 5  ? -11.235 10.147  15.299 1.00 38.77  ? 5   C   A "O3'" 1 
ATOM   102  C  "C2'" . C   A 1 5  ? -9.379  11.279  14.223 1.00 37.33  ? 5   C   A "C2'" 1 
ATOM   103  O  "O2'" . C   A 1 5  ? -10.320 11.842  13.324 1.00 37.96  ? 5   C   A "O2'" 1 
ATOM   104  C  "C1'" . C   A 1 5  ? -8.451  12.371  14.733 1.00 35.27  ? 5   C   A "C1'" 1 
ATOM   105  N  N1    . C   A 1 5  ? -7.056  11.938  15.029 1.00 33.06  ? 5   C   A N1    1 
ATOM   106  C  C2    . C   A 1 5  ? -6.145  11.770  13.967 1.00 33.46  ? 5   C   A C2    1 
ATOM   107  O  O2    . C   A 1 5  ? -6.526  11.967  12.806 1.00 35.16  ? 5   C   A O2    1 
ATOM   108  N  N3    . C   A 1 5  ? -4.865  11.393  14.218 1.00 31.86  ? 5   C   A N3    1 
ATOM   109  C  C4    . C   A 1 5  ? -4.493  11.179  15.479 1.00 32.67  ? 5   C   A C4    1 
ATOM   110  N  N4    . C   A 1 5  ? -3.225  10.816  15.693 1.00 32.78  ? 5   C   A N4    1 
ATOM   111  C  C5    . C   A 1 5  ? -5.395  11.348  16.579 1.00 32.82  ? 5   C   A C5    1 
ATOM   112  C  C6    . C   A 1 5  ? -6.654  11.725  16.313 1.00 32.37  ? 5   C   A C6    1 
ATOM   113  P  P     . C   A 1 6  ? -11.265 8.542   15.231 1.00 39.28  ? 6   C   A P     1 
ATOM   114  O  OP1   . C   A 1 6  ? -12.705 8.170   15.153 1.00 37.84  ? 6   C   A OP1   1 
ATOM   115  O  OP2   . C   A 1 6  ? -10.392 8.017   16.309 1.00 38.81  ? 6   C   A OP2   1 
ATOM   116  O  "O5'" . C   A 1 6  ? -10.570 8.184   13.835 1.00 37.92  ? 6   C   A "O5'" 1 
ATOM   117  C  "C5'" . C   A 1 6  ? -11.307 8.354   12.621 1.00 37.48  ? 6   C   A "C5'" 1 
ATOM   118  C  "C4'" . C   A 1 6  ? -10.380 8.225   11.432 1.00 36.54  ? 6   C   A "C4'" 1 
ATOM   119  O  "O4'" . C   A 1 6  ? -9.203  9.034   11.680 1.00 35.54  ? 6   C   A "O4'" 1 
ATOM   120  C  "C3'" . C   A 1 6  ? -9.752  6.857   11.250 1.00 37.29  ? 6   C   A "C3'" 1 
ATOM   121  O  "O3'" . C   A 1 6  ? -10.654 5.868   10.711 1.00 38.47  ? 6   C   A "O3'" 1 
ATOM   122  C  "C2'" . C   A 1 6  ? -8.580  7.216   10.340 1.00 35.65  ? 6   C   A "C2'" 1 
ATOM   123  O  "O2'" . C   A 1 6  ? -9.011  7.586   9.048  1.00 37.65  ? 6   C   A "O2'" 1 
ATOM   124  C  "C1'" . C   A 1 6  ? -8.077  8.474   11.026 1.00 33.26  ? 6   C   A "C1'" 1 
ATOM   125  N  N1    . C   A 1 6  ? -6.916  8.314   11.974 1.00 29.68  ? 6   C   A N1    1 
ATOM   126  C  C2    . C   A 1 6  ? -5.648  8.054   11.437 1.00 29.79  ? 6   C   A C2    1 
ATOM   127  O  O2    . C   A 1 6  ? -5.541  7.946   10.206 1.00 31.32  ? 6   C   A O2    1 
ATOM   128  N  N3    . C   A 1 6  ? -4.577  7.912   12.271 1.00 27.74  ? 6   C   A N3    1 
ATOM   129  C  C4    . C   A 1 6  ? -4.746  8.035   13.592 1.00 26.61  ? 6   C   A C4    1 
ATOM   130  N  N4    . C   A 1 6  ? -3.667  7.895   14.374 1.00 25.40  ? 6   C   A N4    1 
ATOM   131  C  C5    . C   A 1 6  ? -6.030  8.303   14.159 1.00 25.62  ? 6   C   A C5    1 
ATOM   132  C  C6    . C   A 1 6  ? -7.071  8.435   13.326 1.00 27.06  ? 6   C   A C6    1 
ATOM   133  P  P     . G   A 1 7  ? -10.465 4.356   11.217 1.00 39.78  ? 7   G   A P     1 
ATOM   134  O  OP1   . G   A 1 7  ? -11.515 3.519   10.594 1.00 38.91  ? 7   G   A OP1   1 
ATOM   135  O  OP2   . G   A 1 7  ? -10.333 4.386   12.696 1.00 39.77  ? 7   G   A OP2   1 
ATOM   136  O  "O5'" . G   A 1 7  ? -8.988  3.986   10.703 1.00 39.25  ? 7   G   A "O5'" 1 
ATOM   137  C  "C5'" . G   A 1 7  ? -8.661  3.606   9.372  1.00 38.19  ? 7   G   A "C5'" 1 
ATOM   138  C  "C4'" . G   A 1 7  ? -7.163  3.354   9.303  1.00 37.47  ? 7   G   A "C4'" 1 
ATOM   139  O  "O4'" . G   A 1 7  ? -6.483  4.459   9.939  1.00 36.86  ? 7   G   A "O4'" 1 
ATOM   140  C  "C3'" . G   A 1 7  ? -6.679  2.179   10.127 1.00 38.67  ? 7   G   A "C3'" 1 
ATOM   141  O  "O3'" . G   A 1 7  ? -6.827  0.986   9.394  1.00 42.07  ? 7   G   A "O3'" 1 
ATOM   142  C  "C2'" . G   A 1 7  ? -5.220  2.525   10.390 1.00 36.82  ? 7   G   A "C2'" 1 
ATOM   143  O  "O2'" . G   A 1 7  ? -4.372  2.263   9.295  1.00 38.12  ? 7   G   A "O2'" 1 
ATOM   144  C  "C1'" . G   A 1 7  ? -5.316  4.024   10.603 1.00 34.43  ? 7   G   A "C1'" 1 
ATOM   145  N  N9    . G   A 1 7  ? -5.431  4.361   12.013 1.00 31.12  ? 7   G   A N9    1 
ATOM   146  C  C8    . G   A 1 7  ? -6.566  4.718   12.713 1.00 29.70  ? 7   G   A C8    1 
ATOM   147  N  N7    . G   A 1 7  ? -6.334  4.965   13.978 1.00 27.67  ? 7   G   A N7    1 
ATOM   148  C  C5    . G   A 1 7  ? -4.977  4.741   14.107 1.00 27.24  ? 7   G   A C5    1 
ATOM   149  C  C6    . G   A 1 7  ? -4.171  4.845   15.245 1.00 28.43  ? 7   G   A C6    1 
ATOM   150  O  O6    . G   A 1 7  ? -4.570  5.168   16.379 1.00 32.28  ? 7   G   A O6    1 
ATOM   151  N  N1    . G   A 1 7  ? -2.825  4.546   14.986 1.00 26.12  ? 7   G   A N1    1 
ATOM   152  C  C2    . G   A 1 7  ? -2.349  4.185   13.744 1.00 26.37  ? 7   G   A C2    1 
ATOM   153  N  N2    . G   A 1 7  ? -1.038  3.927   13.642 1.00 25.64  ? 7   G   A N2    1 
ATOM   154  N  N3    . G   A 1 7  ? -3.102  4.084   12.659 1.00 26.93  ? 7   G   A N3    1 
ATOM   155  C  C4    . G   A 1 7  ? -4.400  4.378   12.919 1.00 28.33  ? 7   G   A C4    1 
ATOM   156  P  P     . A   A 1 8  ? -7.652  -0.221  10.043 1.00 42.76  ? 8   A   A P     1 
ATOM   157  O  OP1   . A   A 1 8  ? -8.980  0.243   10.511 1.00 42.17  ? 8   A   A OP1   1 
ATOM   158  O  OP2   . A   A 1 8  ? -6.716  -0.907  10.960 1.00 42.86  ? 8   A   A OP2   1 
ATOM   159  O  "O5'" . A   A 1 8  ? -7.884  -1.114  8.751  1.00 43.55  ? 8   A   A "O5'" 1 
ATOM   160  C  "C5'" . A   A 1 8  ? -8.497  -0.564  7.580  1.00 44.79  ? 8   A   A "C5'" 1 
ATOM   161  C  "C4'" . A   A 1 8  ? -8.186  -1.474  6.412  1.00 45.79  ? 8   A   A "C4'" 1 
ATOM   162  O  "O4'" . A   A 1 8  ? -6.765  -1.705  6.405  1.00 45.37  ? 8   A   A "O4'" 1 
ATOM   163  C  "C3'" . A   A 1 8  ? -8.699  -2.891  6.581  1.00 47.47  ? 8   A   A "C3'" 1 
ATOM   164  O  "O3'" . A   A 1 8  ? -10.072 -2.954  6.272  1.00 50.26  ? 8   A   A "O3'" 1 
ATOM   165  C  "C2'" . A   A 1 8  ? -7.831  -3.685  5.625  1.00 46.30  ? 8   A   A "C2'" 1 
ATOM   166  O  "O2'" . A   A 1 8  ? -8.204  -3.432  4.290  1.00 47.67  ? 8   A   A "O2'" 1 
ATOM   167  C  "C1'" . A   A 1 8  ? -6.508  -2.985  5.867  1.00 44.25  ? 8   A   A "C1'" 1 
ATOM   168  N  N9    . A   A 1 8  ? -5.466  -3.643  6.649  1.00 42.17  ? 8   A   A N9    1 
ATOM   169  C  C8    . A   A 1 8  ? -4.914  -3.216  7.820  1.00 41.81  ? 8   A   A C8    1 
ATOM   170  N  N7    . A   A 1 8  ? -3.938  -3.977  8.269  1.00 40.79  ? 8   A   A N7    1 
ATOM   171  C  C5    . A   A 1 8  ? -3.842  -4.970  7.315  1.00 40.92  ? 8   A   A C5    1 
ATOM   172  C  C6    . A   A 1 8  ? -3.002  -6.090  7.188  1.00 41.56  ? 8   A   A C6    1 
ATOM   173  N  N6    . A   A 1 8  ? -2.054  -6.408  8.083  1.00 42.23  ? 8   A   A N6    1 
ATOM   174  N  N1    . A   A 1 8  ? -3.165  -6.887  6.107  1.00 41.38  ? 8   A   A N1    1 
ATOM   175  C  C2    . A   A 1 8  ? -4.099  -6.580  5.208  1.00 41.19  ? 8   A   A C2    1 
ATOM   176  N  N3    . A   A 1 8  ? -4.945  -5.552  5.223  1.00 42.04  ? 8   A   A N3    1 
ATOM   177  C  C4    . A   A 1 8  ? -4.765  -4.776  6.307  1.00 41.63  ? 8   A   A C4    1 
ATOM   178  P  P     . A   A 1 9  ? -11.033 -3.677  7.337  1.00 53.33  ? 9   A   A P     1 
ATOM   179  O  OP1   . A   A 1 9  ? -12.420 -3.344  6.907  1.00 51.87  ? 9   A   A OP1   1 
ATOM   180  O  OP2   . A   A 1 9  ? -10.592 -3.385  8.730  1.00 51.32  ? 9   A   A OP2   1 
ATOM   181  O  "O5'" . A   A 1 9  ? -10.705 -5.236  7.061  1.00 54.89  ? 9   A   A "O5'" 1 
ATOM   182  C  "C5'" . A   A 1 9  ? -10.849 -5.832  5.745  1.00 56.18  ? 9   A   A "C5'" 1 
ATOM   183  C  "C4'" . A   A 1 9  ? -10.056 -7.127  5.606  1.00 56.87  ? 9   A   A "C4'" 1 
ATOM   184  O  "O4'" . A   A 1 9  ? -8.622  -6.887  5.646  1.00 55.90  ? 9   A   A "O4'" 1 
ATOM   185  C  "C3'" . A   A 1 9  ? -10.259 -8.136  6.725  1.00 58.17  ? 9   A   A "C3'" 1 
ATOM   186  O  "O3'" . A   A 1 9  ? -11.475 -8.865  6.584  1.00 61.92  ? 9   A   A "O3'" 1 
ATOM   187  C  "C2'" . A   A 1 9  ? -9.011  -9.006  6.609  1.00 56.44  ? 9   A   A "C2'" 1 
ATOM   188  O  "O2'" . A   A 1 9  ? -9.093  -9.960  5.565  1.00 56.50  ? 9   A   A "O2'" 1 
ATOM   189  C  "C1'" . A   A 1 9  ? -7.950  -7.949  6.311  1.00 54.02  ? 9   A   A "C1'" 1 
ATOM   190  N  N9    . A   A 1 9  ? -7.272  -7.439  7.510  1.00 50.72  ? 9   A   A N9    1 
ATOM   191  C  C8    . A   A 1 9  ? -7.675  -6.416  8.333  1.00 50.06  ? 9   A   A C8    1 
ATOM   192  N  N7    . A   A 1 9  ? -6.857  -6.184  9.343  1.00 48.00  ? 9   A   A N7    1 
ATOM   193  C  C5    . A   A 1 9  ? -5.851  -7.111  9.169  1.00 46.45  ? 9   A   A C5    1 
ATOM   194  C  C6    . A   A 1 9  ? -4.679  -7.387  9.902  1.00 45.94  ? 9   A   A C6    1 
ATOM   195  N  N6    . A   A 1 9  ? -4.312  -6.720  11.001 1.00 45.33  ? 9   A   A N6    1 
ATOM   196  N  N1    . A   A 1 9  ? -3.887  -8.391  9.464  1.00 45.78  ? 9   A   A N1    1 
ATOM   197  C  C2    . A   A 1 9  ? -4.249  -9.066  8.362  1.00 46.47  ? 9   A   A C2    1 
ATOM   198  N  N3    . A   A 1 9  ? -5.326  -8.892  7.593  1.00 47.20  ? 9   A   A N3    1 
ATOM   199  C  C4    . A   A 1 9  ? -6.091  -7.891  8.051  1.00 47.76  ? 9   A   A C4    1 
ATOM   200  P  P     . A   A 1 10 ? -12.145 -9.503  7.907  1.00 65.41  ? 10  A   A P     1 
ATOM   201  O  OP1   . A   A 1 10 ? -13.597 -9.664  7.630  1.00 65.58  ? 10  A   A OP1   1 
ATOM   202  O  OP2   . A   A 1 10 ? -11.740 -8.742  9.121  1.00 64.78  ? 10  A   A OP2   1 
ATOM   203  O  "O5'" . A   A 1 10 ? -11.420 -10.934 7.957  1.00 63.93  ? 10  A   A "O5'" 1 
ATOM   204  C  "C5'" . A   A 1 10 ? -10.725 -11.280 9.133  1.00 64.02  ? 10  A   A "C5'" 1 
ATOM   205  C  "C4'" . A   A 1 10 ? -9.695  -12.356 8.882  1.00 64.23  ? 10  A   A "C4'" 1 
ATOM   206  O  "O4'" . A   A 1 10 ? -8.443  -11.737 8.514  1.00 63.62  ? 10  A   A "O4'" 1 
ATOM   207  C  "C3'" . A   A 1 10 ? -9.360  -13.120 10.146 1.00 65.33  ? 10  A   A "C3'" 1 
ATOM   208  O  "O3'" . A   A 1 10 ? -10.243 -14.209 10.307 1.00 67.93  ? 10  A   A "O3'" 1 
ATOM   209  C  "C2'" . A   A 1 10 ? -7.904  -13.525 9.951  1.00 64.17  ? 10  A   A "C2'" 1 
ATOM   210  O  "O2'" . A   A 1 10 ? -7.743  -14.694 9.176  1.00 66.12  ? 10  A   A "O2'" 1 
ATOM   211  C  "C1'" . A   A 1 10 ? -7.363  -12.297 9.234  1.00 62.10  ? 10  A   A "C1'" 1 
ATOM   212  N  N9    . A   A 1 10 ? -6.889  -11.319 10.199 1.00 59.72  ? 10  A   A N9    1 
ATOM   213  C  C8    . A   A 1 10 ? -7.551  -10.212 10.667 1.00 58.94  ? 10  A   A C8    1 
ATOM   214  N  N7    . A   A 1 10 ? -6.863  -9.528  11.554 1.00 57.90  ? 10  A   A N7    1 
ATOM   215  C  C5    . A   A 1 10 ? -5.679  -10.233 11.677 1.00 56.70  ? 10  A   A C5    1 
ATOM   216  C  C6    . A   A 1 10 ? -4.527  -10.028 12.457 1.00 55.79  ? 10  A   A C6    1 
ATOM   217  N  N6    . A   A 1 10 ? -4.396  -9.007  13.295 1.00 55.01  ? 10  A   A N6    1 
ATOM   218  N  N1    . A   A 1 10 ? -3.515  -10.917 12.351 1.00 56.46  ? 10  A   A N1    1 
ATOM   219  C  C2    . A   A 1 10 ? -3.656  -11.949 11.504 1.00 57.30  ? 10  A   A C2    1 
ATOM   220  N  N3    . A   A 1 10 ? -4.696  -12.247 10.715 1.00 57.66  ? 10  A   A N3    1 
ATOM   221  C  C4    . A   A 1 10 ? -5.679  -11.341 10.853 1.00 58.03  ? 10  A   A C4    1 
ATOM   222  P  P     . G   A 1 11 ? -10.960 -14.431 11.721 1.00 69.59  ? 11  G   A P     1 
ATOM   223  O  OP1   . G   A 1 11 ? -11.911 -15.546 11.488 1.00 70.35  ? 11  G   A OP1   1 
ATOM   224  O  OP2   . G   A 1 11 ? -11.507 -13.148 12.228 1.00 68.74  ? 11  G   A OP2   1 
ATOM   225  O  "O5'" . G   A 1 11 ? -9.727  -14.919 12.638 1.00 69.08  ? 11  G   A "O5'" 1 
ATOM   226  C  "C5'" . G   A 1 11 ? -9.189  -16.214 12.375 1.00 70.43  ? 11  G   A "C5'" 1 
ATOM   227  C  "C4'" . G   A 1 11 ? -7.815  -16.464 12.975 1.00 72.04  ? 11  G   A "C4'" 1 
ATOM   228  O  "O4'" . G   A 1 11 ? -6.816  -15.563 12.426 1.00 71.86  ? 11  G   A "O4'" 1 
ATOM   229  C  "C3'" . G   A 1 11 ? -7.672  -16.272 14.474 1.00 73.36  ? 11  G   A "C3'" 1 
ATOM   230  O  "O3'" . G   A 1 11 ? -8.254  -17.341 15.202 1.00 77.39  ? 11  G   A "O3'" 1 
ATOM   231  C  "C2'" . G   A 1 11 ? -6.149  -16.235 14.574 1.00 71.93  ? 11  G   A "C2'" 1 
ATOM   232  O  "O2'" . G   A 1 11 ? -5.517  -17.485 14.406 1.00 71.82  ? 11  G   A "O2'" 1 
ATOM   233  C  "C1'" . G   A 1 11 ? -5.840  -15.285 13.418 1.00 70.57  ? 11  G   A "C1'" 1 
ATOM   234  N  N9    . G   A 1 11 ? -5.966  -13.913 13.922 1.00 68.09  ? 11  G   A N9    1 
ATOM   235  C  C8    . G   A 1 11 ? -6.997  -13.014 13.738 1.00 67.19  ? 11  G   A C8    1 
ATOM   236  N  N7    . G   A 1 11 ? -6.822  -11.881 14.361 1.00 66.13  ? 11  G   A N7    1 
ATOM   237  C  C5    . G   A 1 11 ? -5.605  -12.047 15.009 1.00 65.67  ? 11  G   A C5    1 
ATOM   238  C  C6    . G   A 1 11 ? -4.887  -11.157 15.839 1.00 65.29  ? 11  G   A C6    1 
ATOM   239  O  O6    . G   A 1 11 ? -5.214  -10.009 16.171 1.00 65.62  ? 11  G   A O6    1 
ATOM   240  N  N1    . G   A 1 11 ? -3.690  -11.719 16.297 1.00 64.90  ? 11  G   A N1    1 
ATOM   241  C  C2    . G   A 1 11 ? -3.243  -12.987 15.982 1.00 64.51  ? 11  G   A C2    1 
ATOM   242  N  N2    . G   A 1 11 ? -2.073  -13.373 16.499 1.00 63.91  ? 11  G   A N2    1 
ATOM   243  N  N3    . G   A 1 11 ? -3.905  -13.824 15.202 1.00 64.92  ? 11  G   A N3    1 
ATOM   244  C  C4    . G   A 1 11 ? -5.069  -13.289 14.753 1.00 66.18  ? 11  G   A C4    1 
ATOM   245  P  P     . G   A 1 12 ? -9.143  -17.075 16.517 1.00 80.13  ? 12  G   A P     1 
ATOM   246  O  OP1   . G   A 1 12 ? -9.916  -18.319 16.738 1.00 80.62  ? 12  G   A OP1   1 
ATOM   247  O  OP2   . G   A 1 12 ? -9.877  -15.791 16.396 1.00 79.77  ? 12  G   A OP2   1 
ATOM   248  O  "O5'" . G   A 1 12 ? -8.033  -16.912 17.665 1.00 80.57  ? 12  G   A "O5'" 1 
ATOM   249  C  "C5'" . G   A 1 12 ? -7.007  -17.889 17.806 1.00 82.43  ? 12  G   A "C5'" 1 
ATOM   250  C  "C4'" . G   A 1 12 ? -5.793  -17.308 18.500 1.00 84.39  ? 12  G   A "C4'" 1 
ATOM   251  O  "O4'" . G   A 1 12 ? -5.270  -16.166 17.770 1.00 84.45  ? 12  G   A "O4'" 1 
ATOM   252  C  "C3'" . G   A 1 12 ? -6.029  -16.723 19.885 1.00 85.67  ? 12  G   A "C3'" 1 
ATOM   253  O  "O3'" . G   A 1 12 ? -6.202  -17.721 20.883 1.00 88.33  ? 12  G   A "O3'" 1 
ATOM   254  C  "C2'" . G   A 1 12 ? -4.731  -15.937 20.058 1.00 84.83  ? 12  G   A "C2'" 1 
ATOM   255  O  "O2'" . G   A 1 12 ? -3.594  -16.748 20.294 1.00 84.70  ? 12  G   A "O2'" 1 
ATOM   256  C  "C1'" . G   A 1 12 ? -4.647  -15.272 18.686 1.00 83.76  ? 12  G   A "C1'" 1 
ATOM   257  N  N9    . G   A 1 12 ? -5.325  -13.972 18.679 1.00 82.21  ? 12  G   A N9    1 
ATOM   258  C  C8    . G   A 1 12 ? -6.506  -13.650 18.047 1.00 81.73  ? 12  G   A C8    1 
ATOM   259  N  N7    . G   A 1 12 ? -6.874  -12.411 18.225 1.00 81.07  ? 12  G   A N7    1 
ATOM   260  C  C5    . G   A 1 12 ? -5.877  -11.874 19.030 1.00 80.48  ? 12  G   A C5    1 
ATOM   261  C  C6    . G   A 1 12 ? -5.733  -10.565 19.548 1.00 79.82  ? 12  G   A C6    1 
ATOM   262  O  O6    . G   A 1 12 ? -6.492  -9.598  19.386 1.00 79.40  ? 12  G   A O6    1 
ATOM   263  N  N1    . G   A 1 12 ? -4.580  -10.432 20.327 1.00 79.54  ? 12  G   A N1    1 
ATOM   264  C  C2    . G   A 1 12 ? -3.673  -11.441 20.566 1.00 79.57  ? 12  G   A C2    1 
ATOM   265  N  N2    . G   A 1 12 ? -2.616  -11.136 21.331 1.00 78.78  ? 12  G   A N2    1 
ATOM   266  N  N3    . G   A 1 12 ? -3.794  -12.670 20.074 1.00 80.33  ? 12  G   A N3    1 
ATOM   267  C  C4    . G   A 1 12 ? -4.917  -12.820 19.321 1.00 81.04  ? 12  G   A C4    1 
ATOM   268  P  P     . A   A 1 13 ? -7.100  -17.409 22.175 1.00 90.58  ? 13  A   A P     1 
ATOM   269  O  OP1   . A   A 1 13 ? -7.101  -18.640 22.999 1.00 90.81  ? 13  A   A OP1   1 
ATOM   270  O  OP2   . A   A 1 13 ? -8.385  -16.817 21.731 1.00 89.95  ? 13  A   A OP2   1 
ATOM   271  O  "O5'" . A   A 1 13 ? -6.279  -16.267 22.939 1.00 91.79  ? 13  A   A "O5'" 1 
ATOM   272  C  "C5'" . A   A 1 13 ? -5.161  -16.589 23.765 1.00 94.11  ? 13  A   A "C5'" 1 
ATOM   273  C  "C4'" . A   A 1 13 ? -4.647  -15.359 24.496 1.00 96.15  ? 13  A   A "C4'" 1 
ATOM   274  O  "O4'" . A   A 1 13 ? -4.260  -14.331 23.542 1.00 96.34  ? 13  A   A "O4'" 1 
ATOM   275  C  "C3'" . A   A 1 13 ? -5.651  -14.634 25.387 1.00 97.33  ? 13  A   A "C3'" 1 
ATOM   276  O  "O3'" . A   A 1 13 ? -5.881  -15.302 26.631 1.00 99.45  ? 13  A   A "O3'" 1 
ATOM   277  C  "C2'" . A   A 1 13 ? -4.954  -13.283 25.531 1.00 96.84  ? 13  A   A "C2'" 1 
ATOM   278  O  "O2'" . A   A 1 13 ? -3.809  -13.323 26.361 1.00 96.94  ? 13  A   A "O2'" 1 
ATOM   279  C  "C1'" . A   A 1 13 ? -4.556  -13.050 24.076 1.00 96.31  ? 13  A   A "C1'" 1 
ATOM   280  N  N9    . A   A 1 13 ? -5.632  -12.398 23.319 1.00 95.95  ? 13  A   A N9    1 
ATOM   281  C  C8    . A   A 1 13 ? -6.530  -12.975 22.457 1.00 95.69  ? 13  A   A C8    1 
ATOM   282  N  N7    . A   A 1 13 ? -7.393  -12.135 21.936 1.00 95.39  ? 13  A   A N7    1 
ATOM   283  C  C5    . A   A 1 13 ? -7.044  -10.916 22.497 1.00 95.42  ? 13  A   A C5    1 
ATOM   284  C  C6    . A   A 1 13 ? -7.568  -9.611  22.353 1.00 95.04  ? 13  A   A C6    1 
ATOM   285  N  N6    . A   A 1 13 ? -8.606  -9.326  21.562 1.00 94.84  ? 13  A   A N6    1 
ATOM   286  N  N1    . A   A 1 13 ? -6.990  -8.608  23.054 1.00 94.87  ? 13  A   A N1    1 
ATOM   287  C  C2    . A   A 1 13 ? -5.946  -8.891  23.847 1.00 95.20  ? 13  A   A C2    1 
ATOM   288  N  N3    . A   A 1 13 ? -5.365  -10.074 24.062 1.00 95.69  ? 13  A   A N3    1 
ATOM   289  C  C4    . A   A 1 13 ? -5.961  -11.056 23.351 1.00 95.79  ? 13  A   A C4    1 
ATOM   290  P  P     . U   A 1 14 ? -7.387  -15.525 27.149 1.00 100.99 ? 14  U   A P     1 
ATOM   291  O  OP1   . U   A 1 14 ? -7.349  -16.484 28.274 1.00 101.17 ? 14  U   A OP1   1 
ATOM   292  O  OP2   . U   A 1 14 ? -8.248  -15.826 25.984 1.00 101.10 ? 14  U   A OP2   1 
ATOM   293  O  "O5'" . U   A 1 14 ? -7.798  -14.082 27.704 1.00 102.24 ? 14  U   A "O5'" 1 
ATOM   294  C  "C5'" . U   A 1 14 ? -7.019  -13.449 28.720 1.00 104.16 ? 14  U   A "C5'" 1 
ATOM   295  C  "C4'" . U   A 1 14 ? -7.213  -11.944 28.712 1.00 105.45 ? 14  U   A "C4'" 1 
ATOM   296  O  "O4'" . U   A 1 14 ? -6.965  -11.407 27.383 1.00 105.75 ? 14  U   A "O4'" 1 
ATOM   297  C  "C3'" . U   A 1 14 ? -8.627  -11.480 29.031 1.00 106.10 ? 14  U   A "C3'" 1 
ATOM   298  O  "O3'" . U   A 1 14 ? -8.876  -11.512 30.437 1.00 107.02 ? 14  U   A "O3'" 1 
ATOM   299  C  "C2'" . U   A 1 14 ? -8.613  -10.073 28.439 1.00 106.01 ? 14  U   A "C2'" 1 
ATOM   300  O  "O2'" . U   A 1 14 ? -7.945  -9.126  29.255 1.00 105.96 ? 14  U   A "O2'" 1 
ATOM   301  C  "C1'" . U   A 1 14 ? -7.844  -10.318 27.135 1.00 105.83 ? 14  U   A "C1'" 1 
ATOM   302  N  N1    . U   A 1 14 ? -8.737  -10.619 25.951 1.00 105.61 ? 14  U   A N1    1 
ATOM   303  C  C2    . U   A 1 14 ? -9.408  -9.586  25.311 1.00 105.56 ? 14  U   A C2    1 
ATOM   304  O  O2    . U   A 1 14 ? -9.326  -8.416  25.641 1.00 105.35 ? 14  U   A O2    1 
ATOM   305  N  N3    . U   A 1 14 ? -10.202 -9.974  24.253 1.00 105.76 ? 14  U   A N3    1 
ATOM   306  C  C4    . U   A 1 14 ? -10.386 -11.263 23.775 1.00 105.84 ? 14  U   A C4    1 
ATOM   307  O  O4    . U   A 1 14 ? -11.125 -11.465 22.818 1.00 106.08 ? 14  U   A O4    1 
ATOM   308  C  C5    . U   A 1 14 ? -9.660  -12.285 24.485 1.00 105.72 ? 14  U   A C5    1 
ATOM   309  C  C6    . U   A 1 14 ? -8.884  -11.929 25.518 1.00 105.66 ? 14  U   A C6    1 
ATOM   310  P  P     . G   A 1 15 ? -10.355 -11.791 31.000 1.00 107.78 ? 15  G   A P     1 
ATOM   311  O  OP1   . G   A 1 15 ? -10.210 -12.372 32.357 1.00 107.79 ? 15  G   A OP1   1 
ATOM   312  O  OP2   . G   A 1 15 ? -11.142 -12.521 29.974 1.00 107.46 ? 15  G   A OP2   1 
ATOM   313  O  "O5'" . G   A 1 15 ? -10.943 -10.304 31.133 1.00 107.86 ? 15  G   A "O5'" 1 
ATOM   314  C  "C5'" . G   A 1 15 ? -12.230 -10.001 30.623 1.00 107.97 ? 15  G   A "C5'" 1 
ATOM   315  C  "C4'" . G   A 1 15 ? -12.446 -8.505  30.502 1.00 108.24 ? 15  G   A "C4'" 1 
ATOM   316  O  "O4'" . G   A 1 15 ? -11.658 -7.959  29.410 1.00 108.30 ? 15  G   A "O4'" 1 
ATOM   317  C  "C3'" . G   A 1 15 ? -13.887 -8.169  30.156 1.00 108.48 ? 15  G   A "C3'" 1 
ATOM   318  O  "O3'" . G   A 1 15 ? -14.618 -7.934  31.343 1.00 108.59 ? 15  G   A "O3'" 1 
ATOM   319  C  "C2'" . G   A 1 15 ? -13.784 -6.944  29.250 1.00 108.40 ? 15  G   A "C2'" 1 
ATOM   320  O  "O2'" . G   A 1 15 ? -13.674 -5.718  29.950 1.00 108.21 ? 15  G   A "O2'" 1 
ATOM   321  C  "C1'" . G   A 1 15 ? -12.502 -7.279  28.487 1.00 108.34 ? 15  G   A "C1'" 1 
ATOM   322  N  N9    . G   A 1 15 ? -12.718 -8.119  27.295 1.00 108.08 ? 15  G   A N9    1 
ATOM   323  C  C8    . G   A 1 15 ? -12.238 -9.392  27.084 1.00 107.95 ? 15  G   A C8    1 
ATOM   324  N  N7    . G   A 1 15 ? -12.580 -9.908  25.937 1.00 107.82 ? 15  G   A N7    1 
ATOM   325  C  C5    . G   A 1 15 ? -13.343 -8.920  25.337 1.00 107.57 ? 15  G   A C5    1 
ATOM   326  C  C6    . G   A 1 15 ? -13.985 -8.915  24.073 1.00 107.46 ? 15  G   A C6    1 
ATOM   327  O  O6    . G   A 1 15 ? -14.002 -9.817  23.222 1.00 107.49 ? 15  G   A O6    1 
ATOM   328  N  N1    . G   A 1 15 ? -14.659 -7.716  23.836 1.00 107.24 ? 15  G   A N1    1 
ATOM   329  C  C2    . G   A 1 15 ? -14.703 -6.659  24.719 1.00 107.22 ? 15  G   A C2    1 
ATOM   330  N  N2    . G   A 1 15 ? -15.400 -5.582  24.328 1.00 106.98 ? 15  G   A N2    1 
ATOM   331  N  N3    . G   A 1 15 ? -14.104 -6.654  25.905 1.00 107.41 ? 15  G   A N3    1 
ATOM   332  C  C4    . G   A 1 15 ? -13.440 -7.813  26.154 1.00 107.68 ? 15  G   A C4    1 
ATOM   333  P  P     . G   A 1 16 ? -15.870 -8.876  31.670 1.00 108.64 ? 16  G   A P     1 
ATOM   334  O  OP1   . G   A 1 16 ? -16.120 -8.773  33.128 1.00 108.85 ? 16  G   A OP1   1 
ATOM   335  O  OP2   . G   A 1 16 ? -15.649 -10.199 31.039 1.00 108.31 ? 16  G   A OP2   1 
ATOM   336  O  "O5'" . G   A 1 16 ? -17.072 -8.165  30.884 1.00 107.68 ? 16  G   A "O5'" 1 
ATOM   337  C  "C5'" . G   A 1 16 ? -17.256 -6.752  30.958 1.00 106.27 ? 16  G   A "C5'" 1 
ATOM   338  C  "C4'" . G   A 1 16 ? -18.028 -6.260  29.750 1.00 105.11 ? 16  G   A "C4'" 1 
ATOM   339  O  "O4'" . G   A 1 16 ? -17.193 -6.260  28.563 1.00 104.92 ? 16  G   A "O4'" 1 
ATOM   340  C  "C3'" . G   A 1 16 ? -19.188 -7.140  29.311 1.00 104.22 ? 16  G   A "C3'" 1 
ATOM   341  O  "O3'" . G   A 1 16 ? -20.293 -7.058  30.200 1.00 103.10 ? 16  G   A "O3'" 1 
ATOM   342  C  "C2'" . G   A 1 16 ? -19.468 -6.533  27.941 1.00 104.25 ? 16  G   A "C2'" 1 
ATOM   343  O  "O2'" . G   A 1 16 ? -20.145 -5.292  27.991 1.00 104.17 ? 16  G   A "O2'" 1 
ATOM   344  C  "C1'" . G   A 1 16 ? -18.041 -6.364  27.421 1.00 104.50 ? 16  G   A "C1'" 1 
ATOM   345  N  N9    . G   A 1 16 ? -17.641 -7.485  26.561 1.00 104.09 ? 16  G   A N9    1 
ATOM   346  C  C8    . G   A 1 16 ? -16.753 -8.496  26.856 1.00 103.94 ? 16  G   A C8    1 
ATOM   347  N  N7    . G   A 1 16 ? -16.601 -9.363  25.893 1.00 103.46 ? 16  G   A N7    1 
ATOM   348  C  C5    . G   A 1 16 ? -17.445 -8.902  24.890 1.00 103.29 ? 16  G   A C5    1 
ATOM   349  C  C6    . G   A 1 16 ? -17.702 -9.432  23.600 1.00 103.10 ? 16  G   A C6    1 
ATOM   350  O  O6    . G   A 1 16 ? -17.215 -10.448 23.082 1.00 102.92 ? 16  G   A O6    1 
ATOM   351  N  N1    . G   A 1 16 ? -18.627 -8.664  22.890 1.00 103.00 ? 16  G   A N1    1 
ATOM   352  C  C2    . G   A 1 16 ? -19.226 -7.518  23.372 1.00 103.18 ? 16  G   A C2    1 
ATOM   353  N  N2    . G   A 1 16 ? -20.090 -6.902  22.552 1.00 103.16 ? 16  G   A N2    1 
ATOM   354  N  N3    . G   A 1 16 ? -18.992 -7.011  24.579 1.00 103.14 ? 16  G   A N3    1 
ATOM   355  C  C4    . G   A 1 16 ? -18.093 -7.748  25.283 1.00 103.45 ? 16  G   A C4    1 
ATOM   356  P  P     . C   A 1 17 ? -21.292 -8.306  30.357 1.00 102.10 ? 17  C   A P     1 
ATOM   357  O  OP1   . C   A 1 17 ? -22.101 -8.082  31.577 1.00 102.25 ? 17  C   A OP1   1 
ATOM   358  O  OP2   . C   A 1 17 ? -20.507 -9.556  30.239 1.00 101.81 ? 17  C   A OP2   1 
ATOM   359  O  "O5'" . C   A 1 17 ? -22.242 -8.178  29.071 1.00 100.77 ? 17  C   A "O5'" 1 
ATOM   360  C  "C5'" . C   A 1 17 ? -23.024 -7.000  28.860 1.00 99.16  ? 17  C   A "C5'" 1 
ATOM   361  C  "C4'" . C   A 1 17 ? -23.492 -6.870  27.420 1.00 98.16  ? 17  C   A "C4'" 1 
ATOM   362  O  "O4'" . C   A 1 17 ? -22.371 -6.858  26.490 1.00 98.01  ? 17  C   A "O4'" 1 
ATOM   363  C  "C3'" . C   A 1 17 ? -24.311 -8.032  26.883 1.00 97.47  ? 17  C   A "C3'" 1 
ATOM   364  O  "O3'" . C   A 1 17 ? -25.619 -8.108  27.442 1.00 96.02  ? 17  C   A "O3'" 1 
ATOM   365  C  "C2'" . C   A 1 17 ? -24.257 -7.731  25.386 1.00 97.51  ? 17  C   A "C2'" 1 
ATOM   366  O  "O2'" . C   A 1 17 ? -24.982 -6.578  24.995 1.00 97.48  ? 17  C   A "O2'" 1 
ATOM   367  C  "C1'" . C   A 1 17 ? -22.753 -7.485  25.266 1.00 97.43  ? 17  C   A "C1'" 1 
ATOM   368  N  N1    . C   A 1 17 ? -21.929 -8.744  25.029 1.00 96.81  ? 17  C   A N1    1 
ATOM   369  C  C2    . C   A 1 17 ? -22.005 -9.450  23.805 1.00 96.45  ? 17  C   A C2    1 
ATOM   370  O  O2    . C   A 1 17 ? -22.744 -9.057  22.889 1.00 96.24  ? 17  C   A O2    1 
ATOM   371  N  N3    . C   A 1 17 ? -21.249 -10.570 23.648 1.00 96.21  ? 17  C   A N3    1 
ATOM   372  C  C4    . C   A 1 17 ? -20.451 -10.996 24.635 1.00 96.29  ? 17  C   A C4    1 
ATOM   373  N  N4    . C   A 1 17 ? -19.732 -12.101 24.429 1.00 96.12  ? 17  C   A N4    1 
ATOM   374  C  C5    . C   A 1 17 ? -20.358 -10.306 25.880 1.00 96.47  ? 17  C   A C5    1 
ATOM   375  C  C6    . C   A 1 17 ? -21.103 -9.203  26.025 1.00 96.67  ? 17  C   A C6    1 
ATOM   376  P  P     . G   A 1 18 ? -26.075 -9.515  28.068 1.00 94.99  ? 18  G   A P     1 
ATOM   377  O  OP1   . G   A 1 18 ? -27.173 -9.247  29.024 1.00 95.02  ? 18  G   A OP1   1 
ATOM   378  O  OP2   . G   A 1 18 ? -24.866 -10.242 28.528 1.00 94.55  ? 18  G   A OP2   1 
ATOM   379  O  "O5'" . G   A 1 18 ? -26.663 -10.313 26.806 1.00 93.60  ? 18  G   A "O5'" 1 
ATOM   380  C  "C5'" . G   A 1 18 ? -27.521 -9.685  25.851 1.00 90.86  ? 18  G   A "C5'" 1 
ATOM   381  C  "C4'" . G   A 1 18 ? -27.359 -10.331 24.487 1.00 89.00  ? 18  G   A "C4'" 1 
ATOM   382  O  "O4'" . G   A 1 18 ? -25.991 -10.241 24.015 1.00 87.76  ? 18  G   A "O4'" 1 
ATOM   383  C  "C3'" . G   A 1 18 ? -27.564 -11.835 24.444 1.00 88.51  ? 18  G   A "C3'" 1 
ATOM   384  O  "O3'" . G   A 1 18 ? -28.912 -12.196 24.636 1.00 88.65  ? 18  G   A "O3'" 1 
ATOM   385  C  "C2'" . G   A 1 18 ? -27.037 -12.137 23.047 1.00 87.76  ? 18  G   A "C2'" 1 
ATOM   386  O  "O2'" . G   A 1 18 ? -27.849 -11.638 22.000 1.00 87.81  ? 18  G   A "O2'" 1 
ATOM   387  C  "C1'" . G   A 1 18 ? -25.744 -11.330 23.125 1.00 86.63  ? 18  G   A "C1'" 1 
ATOM   388  N  N9    . G   A 1 18 ? -24.596 -12.138 23.561 1.00 84.44  ? 18  G   A N9    1 
ATOM   389  C  C8    . G   A 1 18 ? -23.929 -12.077 24.766 1.00 83.69  ? 18  G   A C8    1 
ATOM   390  N  N7    . G   A 1 18 ? -22.939 -12.926 24.856 1.00 82.94  ? 18  G   A N7    1 
ATOM   391  C  C5    . G   A 1 18 ? -22.944 -13.597 23.635 1.00 82.26  ? 18  G   A C5    1 
ATOM   392  C  C6    . G   A 1 18 ? -22.103 -14.635 23.145 1.00 81.20  ? 18  G   A C6    1 
ATOM   393  O  O6    . G   A 1 18 ? -21.149 -15.188 23.710 1.00 80.54  ? 18  G   A O6    1 
ATOM   394  N  N1    . G   A 1 18 ? -22.452 -15.036 21.855 1.00 80.38  ? 18  G   A N1    1 
ATOM   395  C  C2    . G   A 1 18 ? -23.489 -14.503 21.128 1.00 80.36  ? 18  G   A C2    1 
ATOM   396  N  N2    . G   A 1 18 ? -23.677 -15.012 19.904 1.00 79.72  ? 18  G   A N2    1 
ATOM   397  N  N3    . G   A 1 18 ? -24.284 -13.534 21.569 1.00 81.19  ? 18  G   A N3    1 
ATOM   398  C  C4    . G   A 1 18 ? -23.960 -13.125 22.827 1.00 82.75  ? 18  G   A C4    1 
ATOM   399  P  P     . G   A 1 19 ? -29.238 -13.293 25.753 1.00 88.86  ? 19  G   A P     1 
ATOM   400  O  OP1   . G   A 1 19 ? -30.695 -13.233 26.018 1.00 88.87  ? 19  G   A OP1   1 
ATOM   401  O  OP2   . G   A 1 19 ? -28.266 -13.131 26.861 1.00 88.45  ? 19  G   A OP2   1 
ATOM   402  O  "O5'" . G   A 1 19 ? -28.896 -14.678 25.027 1.00 88.47  ? 19  G   A "O5'" 1 
ATOM   403  C  "C5'" . G   A 1 19 ? -29.523 -15.030 23.793 1.00 87.63  ? 19  G   A "C5'" 1 
ATOM   404  C  "C4'" . G   A 1 19 ? -28.707 -16.086 23.070 1.00 86.88  ? 19  G   A "C4'" 1 
ATOM   405  O  "O4'" . G   A 1 19 ? -27.358 -15.604 22.832 1.00 85.99  ? 19  G   A "O4'" 1 
ATOM   406  C  "C3'" . G   A 1 19 ? -28.451 -17.373 23.843 1.00 86.80  ? 19  G   A "C3'" 1 
ATOM   407  O  "O3'" . G   A 1 19 ? -29.602 -18.213 23.942 1.00 87.55  ? 19  G   A "O3'" 1 
ATOM   408  C  "C2'" . G   A 1 19 ? -27.336 -17.970 22.997 1.00 86.04  ? 19  G   A "C2'" 1 
ATOM   409  O  "O2'" . G   A 1 19 ? -27.797 -18.533 21.782 1.00 86.12  ? 19  G   A "O2'" 1 
ATOM   410  C  "C1'" . G   A 1 19 ? -26.480 -16.721 22.761 1.00 85.06  ? 19  G   A "C1'" 1 
ATOM   411  N  N9    . G   A 1 19 ? -25.422 -16.615 23.772 1.00 83.08  ? 19  G   A N9    1 
ATOM   412  C  C8    . G   A 1 19 ? -25.354 -15.743 24.832 1.00 82.24  ? 19  G   A C8    1 
ATOM   413  N  N7    . G   A 1 19 ? -24.292 -15.903 25.573 1.00 81.49  ? 19  G   A N7    1 
ATOM   414  C  C5    . G   A 1 19 ? -23.615 -16.951 24.970 1.00 81.58  ? 19  G   A C5    1 
ATOM   415  C  C6    . G   A 1 19 ? -22.392 -17.574 25.331 1.00 81.77  ? 19  G   A C6    1 
ATOM   416  O  O6    . G   A 1 19 ? -21.649 -17.299 26.289 1.00 82.13  ? 19  G   A O6    1 
ATOM   417  N  N1    . G   A 1 19 ? -22.048 -18.607 24.455 1.00 81.45  ? 19  G   A N1    1 
ATOM   418  C  C2    . G   A 1 19 ? -22.798 -18.992 23.365 1.00 81.08  ? 19  G   A C2    1 
ATOM   419  N  N2    . G   A 1 19 ? -22.310 -20.005 22.636 1.00 80.63  ? 19  G   A N2    1 
ATOM   420  N  N3    . G   A 1 19 ? -23.944 -18.417 23.018 1.00 81.22  ? 19  G   A N3    1 
ATOM   421  C  C4    . G   A 1 19 ? -24.294 -17.405 23.861 1.00 81.99  ? 19  G   A C4    1 
ATOM   422  P  P     . A   A 1 20 ? -30.061 -18.745 25.389 1.00 87.79  ? 20  A   A P     1 
ATOM   423  O  OP1   . A   A 1 20 ? -31.417 -19.315 25.231 1.00 87.69  ? 20  A   A OP1   1 
ATOM   424  O  OP2   . A   A 1 20 ? -29.832 -17.650 26.366 1.00 87.56  ? 20  A   A OP2   1 
ATOM   425  O  "O5'" . A   A 1 20 ? -29.032 -19.932 25.713 1.00 87.13  ? 20  A   A "O5'" 1 
ATOM   426  C  "C5'" . A   A 1 20 ? -28.527 -20.115 27.040 1.00 86.53  ? 20  A   A "C5'" 1 
ATOM   427  C  "C4'" . A   A 1 20 ? -27.974 -21.516 27.253 1.00 85.80  ? 20  A   A "C4'" 1 
ATOM   428  O  "O4'" . A   A 1 20 ? -28.946 -22.484 26.786 1.00 85.80  ? 20  A   A "O4'" 1 
ATOM   429  C  "C3'" . A   A 1 20 ? -26.699 -21.847 26.486 1.00 85.35  ? 20  A   A "C3'" 1 
ATOM   430  O  "O3'" . A   A 1 20 ? -25.531 -21.530 27.235 1.00 84.36  ? 20  A   A "O3'" 1 
ATOM   431  C  "C2'" . A   A 1 20 ? -26.812 -23.351 26.287 1.00 85.49  ? 20  A   A "C2'" 1 
ATOM   432  O  "O2'" . A   A 1 20 ? -26.440 -24.083 27.441 1.00 85.32  ? 20  A   A "O2'" 1 
ATOM   433  C  "C1'" . A   A 1 20 ? -28.307 -23.490 26.018 1.00 85.63  ? 20  A   A "C1'" 1 
ATOM   434  N  N9    . A   A 1 20 ? -28.708 -23.362 24.609 1.00 85.56  ? 20  A   A N9    1 
ATOM   435  C  C8    . A   A 1 20 ? -29.420 -22.337 24.039 1.00 85.43  ? 20  A   A C8    1 
ATOM   436  N  N7    . A   A 1 20 ? -29.650 -22.485 22.755 1.00 85.22  ? 20  A   A N7    1 
ATOM   437  C  C5    . A   A 1 20 ? -29.052 -23.700 22.455 1.00 85.25  ? 20  A   A C5    1 
ATOM   438  C  C6    . A   A 1 20 ? -28.939 -24.434 21.253 1.00 85.08  ? 20  A   A C6    1 
ATOM   439  N  N6    . A   A 1 20 ? -29.452 -24.017 20.090 1.00 84.73  ? 20  A   A N6    1 
ATOM   440  N  N1    . A   A 1 20 ? -28.275 -25.616 21.292 1.00 85.34  ? 20  A   A N1    1 
ATOM   441  C  C2    . A   A 1 20 ? -27.754 -26.036 22.457 1.00 85.40  ? 20  A   A C2    1 
ATOM   442  N  N3    . A   A 1 20 ? -27.797 -25.432 23.649 1.00 85.47  ? 20  A   A N3    1 
ATOM   443  C  C4    . A   A 1 20 ? -28.465 -24.258 23.584 1.00 85.50  ? 20  A   A C4    1 
ATOM   444  P  P     . A   A 1 21 ? -24.356 -20.715 26.514 1.00 83.08  ? 21  A   A P     1 
ATOM   445  O  OP1   . A   A 1 21 ? -23.223 -20.603 27.472 1.00 82.70  ? 21  A   A OP1   1 
ATOM   446  O  OP2   . A   A 1 21 ? -24.993 -19.505 25.939 1.00 82.74  ? 21  A   A OP2   1 
ATOM   447  O  "O5'" . A   A 1 21 ? -23.938 -21.657 25.288 1.00 81.32  ? 21  A   A "O5'" 1 
ATOM   448  C  "C5'" . A   A 1 21 ? -23.017 -22.720 25.484 1.00 79.48  ? 21  A   A "C5'" 1 
ATOM   449  C  "C4'" . A   A 1 21 ? -23.086 -23.740 24.362 1.00 78.32  ? 21  A   A "C4'" 1 
ATOM   450  O  "O4'" . A   A 1 21 ? -24.458 -23.859 23.910 1.00 77.70  ? 21  A   A "O4'" 1 
ATOM   451  C  "C3'" . A   A 1 21 ? -22.280 -23.397 23.118 1.00 77.94  ? 21  A   A "C3'" 1 
ATOM   452  O  "O3'" . A   A 1 21 ? -20.967 -23.947 23.228 1.00 78.35  ? 21  A   A "O3'" 1 
ATOM   453  C  "C2'" . A   A 1 21 ? -23.078 -24.045 21.987 1.00 77.17  ? 21  A   A "C2'" 1 
ATOM   454  O  "O2'" . A   A 1 21 ? -22.700 -25.380 21.718 1.00 77.32  ? 21  A   A "O2'" 1 
ATOM   455  C  "C1'" . A   A 1 21 ? -24.507 -24.041 22.510 1.00 76.27  ? 21  A   A "C1'" 1 
ATOM   456  N  N9    . A   A 1 21 ? -25.351 -22.999 21.936 1.00 74.47  ? 21  A   A N9    1 
ATOM   457  C  C8    . A   A 1 21 ? -25.792 -21.863 22.558 1.00 74.22  ? 21  A   A C8    1 
ATOM   458  N  N7    . A   A 1 21 ? -26.551 -21.104 21.805 1.00 73.63  ? 21  A   A N7    1 
ATOM   459  C  C5    . A   A 1 21 ? -26.612 -21.794 20.606 1.00 73.37  ? 21  A   A C5    1 
ATOM   460  C  C6    . A   A 1 21 ? -27.267 -21.519 19.389 1.00 72.87  ? 21  A   A C6    1 
ATOM   461  N  N6    . A   A 1 21 ? -28.006 -20.421 19.204 1.00 72.31  ? 21  A   A N6    1 
ATOM   462  N  N1    . A   A 1 21 ? -27.133 -22.415 18.380 1.00 72.62  ? 21  A   A N1    1 
ATOM   463  C  C2    . A   A 1 21 ? -26.385 -23.513 18.578 1.00 72.64  ? 21  A   A C2    1 
ATOM   464  N  N3    . A   A 1 21 ? -25.721 -23.877 19.680 1.00 73.12  ? 21  A   A N3    1 
ATOM   465  C  C4    . A   A 1 21 ? -25.877 -22.968 20.667 1.00 73.71  ? 21  A   A C4    1 
ATOM   466  P  P     . A   A 1 22 ? -19.704 -23.186 22.603 1.00 78.65  ? 22  A   A P     1 
ATOM   467  O  OP1   . A   A 1 22 ? -18.481 -23.937 22.983 1.00 77.88  ? 22  A   A OP1   1 
ATOM   468  O  OP2   . A   A 1 22 ? -19.841 -21.750 22.960 1.00 78.52  ? 22  A   A OP2   1 
ATOM   469  O  "O5'" . A   A 1 22 ? -19.943 -23.334 21.021 1.00 78.61  ? 22  A   A "O5'" 1 
ATOM   470  C  "C5'" . A   A 1 22 ? -19.644 -24.550 20.314 1.00 78.16  ? 22  A   A "C5'" 1 
ATOM   471  C  "C4'" . A   A 1 22 ? -20.183 -24.521 18.890 1.00 77.89  ? 22  A   A "C4'" 1 
ATOM   472  O  "O4'" . A   A 1 22 ? -21.620 -24.319 18.915 1.00 77.03  ? 22  A   A "O4'" 1 
ATOM   473  C  "C3'" . A   A 1 22 ? -19.669 -23.390 18.010 1.00 78.36  ? 22  A   A "C3'" 1 
ATOM   474  O  "O3'" . A   A 1 22 ? -18.431 -23.726 17.368 1.00 79.60  ? 22  A   A "O3'" 1 
ATOM   475  C  "C2'" . A   A 1 22 ? -20.810 -23.208 17.008 1.00 77.63  ? 22  A   A "C2'" 1 
ATOM   476  O  "O2'" . A   A 1 22 ? -20.797 -24.164 15.960 1.00 77.86  ? 22  A   A "O2'" 1 
ATOM   477  C  "C1'" . A   A 1 22 ? -22.024 -23.410 17.905 1.00 76.23  ? 22  A   A "C1'" 1 
ATOM   478  N  N9    . A   A 1 22 ? -22.574 -22.217 18.555 1.00 74.81  ? 22  A   A N9    1 
ATOM   479  C  C8    . A   A 1 22 ? -22.299 -21.759 19.814 1.00 74.38  ? 22  A   A C8    1 
ATOM   480  N  N7    . A   A 1 22 ? -22.957 -20.679 20.159 1.00 74.00  ? 22  A   A N7    1 
ATOM   481  C  C5    . A   A 1 22 ? -23.728 -20.395 19.045 1.00 73.82  ? 22  A   A C5    1 
ATOM   482  C  C6    . A   A 1 22 ? -24.654 -19.360 18.764 1.00 73.45  ? 22  A   A C6    1 
ATOM   483  N  N6    . A   A 1 22 ? -24.964 -18.384 19.625 1.00 73.17  ? 22  A   A N6    1 
ATOM   484  N  N1    . A   A 1 22 ? -25.255 -19.366 17.552 1.00 73.45  ? 22  A   A N1    1 
ATOM   485  C  C2    . A   A 1 22 ? -24.943 -20.344 16.684 1.00 73.92  ? 22  A   A C2    1 
ATOM   486  N  N3    . A   A 1 22 ? -24.088 -21.364 16.836 1.00 73.92  ? 22  A   A N3    1 
ATOM   487  C  C4    . A   A 1 22 ? -23.505 -21.337 18.049 1.00 74.11  ? 22  A   A C4    1 
ATOM   488  P  P     . C   A 1 23 ? -17.132 -22.805 17.566 1.00 80.21  ? 23  C   A P     1 
ATOM   489  O  OP1   . C   A 1 23 ? -16.156 -23.177 16.515 1.00 80.51  ? 23  C   A OP1   1 
ATOM   490  O  OP2   . C   A 1 23 ? -16.735 -22.902 18.989 1.00 80.20  ? 23  C   A OP2   1 
ATOM   491  O  "O5'" . C   A 1 23 ? -17.655 -21.314 17.286 1.00 79.93  ? 23  C   A "O5'" 1 
ATOM   492  C  "C5'" . C   A 1 23 ? -17.968 -20.890 15.964 1.00 79.75  ? 23  C   A "C5'" 1 
ATOM   493  C  "C4'" . C   A 1 23 ? -19.227 -20.048 15.961 1.00 80.24  ? 23  C   A "C4'" 1 
ATOM   494  O  "O4'" . C   A 1 23 ? -19.947 -20.196 17.212 1.00 79.67  ? 23  C   A "O4'" 1 
ATOM   495  C  "C3'" . C   A 1 23 ? -19.003 -18.552 15.903 1.00 81.20  ? 23  C   A "C3'" 1 
ATOM   496  O  "O3'" . C   A 1 23 ? -18.662 -18.131 14.594 1.00 83.69  ? 23  C   A "O3'" 1 
ATOM   497  C  "C2'" . C   A 1 23 ? -20.366 -18.032 16.357 1.00 80.18  ? 23  C   A "C2'" 1 
ATOM   498  O  "O2'" . C   A 1 23 ? -21.374 -18.074 15.363 1.00 79.87  ? 23  C   A "O2'" 1 
ATOM   499  C  "C1'" . C   A 1 23 ? -20.693 -19.018 17.476 1.00 78.92  ? 23  C   A "C1'" 1 
ATOM   500  N  N1    . C   A 1 23 ? -20.356 -18.492 18.844 1.00 77.11  ? 23  C   A N1    1 
ATOM   501  C  C2    . C   A 1 23 ? -21.096 -17.428 19.397 1.00 76.15  ? 23  C   A C2    1 
ATOM   502  O  O2    . C   A 1 23 ? -22.026 -16.912 18.763 1.00 75.57  ? 23  C   A O2    1 
ATOM   503  N  N3    . C   A 1 23 ? -20.767 -16.978 20.635 1.00 75.79  ? 23  C   A N3    1 
ATOM   504  C  C4    . C   A 1 23 ? -19.760 -17.540 21.311 1.00 75.79  ? 23  C   A C4    1 
ATOM   505  N  N4    . C   A 1 23 ? -19.485 -17.055 22.525 1.00 75.87  ? 23  C   A N4    1 
ATOM   506  C  C5    . C   A 1 23 ? -18.996 -18.621 20.774 1.00 75.87  ? 23  C   A C5    1 
ATOM   507  C  C6    . C   A 1 23 ? -19.327 -19.057 19.551 1.00 76.56  ? 23  C   A C6    1 
ATOM   508  P  P     . G   A 1 24 ? -17.741 -16.835 14.390 1.00 85.89  ? 24  G   A P     1 
ATOM   509  O  OP1   . G   A 1 24 ? -17.321 -16.868 12.968 1.00 85.99  ? 24  G   A OP1   1 
ATOM   510  O  OP2   . G   A 1 24 ? -16.718 -16.804 15.468 1.00 85.34  ? 24  G   A OP2   1 
ATOM   511  O  "O5'" . G   A 1 24 ? -18.746 -15.601 14.631 1.00 86.47  ? 24  G   A "O5'" 1 
ATOM   512  C  "C5'" . G   A 1 24 ? -19.769 -15.312 13.679 1.00 88.00  ? 24  G   A "C5'" 1 
ATOM   513  C  "C4'" . G   A 1 24 ? -20.834 -14.392 14.243 1.00 89.56  ? 24  G   A "C4'" 1 
ATOM   514  O  "O4'" . G   A 1 24 ? -21.347 -14.911 15.497 1.00 89.57  ? 24  G   A "O4'" 1 
ATOM   515  C  "C3'" . G   A 1 24 ? -20.386 -12.985 14.617 1.00 90.91  ? 24  G   A "C3'" 1 
ATOM   516  O  "O3'" . G   A 1 24 ? -20.240 -12.150 13.470 1.00 93.17  ? 24  G   A "O3'" 1 
ATOM   517  C  "C2'" . G   A 1 24 ? -21.557 -12.554 15.497 1.00 90.27  ? 24  G   A "C2'" 1 
ATOM   518  O  "O2'" . G   A 1 24 ? -22.727 -12.209 14.775 1.00 90.45  ? 24  G   A "O2'" 1 
ATOM   519  C  "C1'" . G   A 1 24 ? -21.776 -13.829 16.310 1.00 89.41  ? 24  G   A "C1'" 1 
ATOM   520  N  N9    . G   A 1 24 ? -21.020 -13.825 17.562 1.00 88.52  ? 24  G   A N9    1 
ATOM   521  C  C8    . G   A 1 24 ? -19.914 -14.587 17.872 1.00 88.27  ? 24  G   A C8    1 
ATOM   522  N  N7    . G   A 1 24 ? -19.444 -14.368 19.070 1.00 87.80  ? 24  G   A N7    1 
ATOM   523  C  C5    . G   A 1 24 ? -20.291 -13.396 19.586 1.00 87.66  ? 24  G   A C5    1 
ATOM   524  C  C6    . G   A 1 24 ? -20.280 -12.759 20.848 1.00 87.37  ? 24  G   A C6    1 
ATOM   525  O  O6    . G   A 1 24 ? -19.489 -12.947 21.776 1.00 87.72  ? 24  G   A O6    1 
ATOM   526  N  N1    . G   A 1 24 ? -21.309 -11.826 20.989 1.00 87.23  ? 24  G   A N1    1 
ATOM   527  C  C2    . G   A 1 24 ? -22.242 -11.543 20.016 1.00 87.33  ? 24  G   A C2    1 
ATOM   528  N  N2    . G   A 1 24 ? -23.163 -10.618 20.325 1.00 87.25  ? 24  G   A N2    1 
ATOM   529  N  N3    . G   A 1 24 ? -22.266 -12.134 18.823 1.00 87.48  ? 24  G   A N3    1 
ATOM   530  C  C4    . G   A 1 24 ? -21.266 -13.047 18.675 1.00 87.93  ? 24  G   A C4    1 
ATOM   531  P  P     . C   A 1 25 ? -19.032 -11.097 13.359 1.00 94.74  ? 25  C   A P     1 
ATOM   532  O  OP1   . C   A 1 25 ? -19.097 -10.529 11.992 1.00 94.68  ? 25  C   A OP1   1 
ATOM   533  O  OP2   . C   A 1 25 ? -17.787 -11.751 13.834 1.00 94.08  ? 25  C   A OP2   1 
ATOM   534  O  "O5'" . C   A 1 25 ? -19.422 -9.949  14.411 1.00 95.91  ? 25  C   A "O5'" 1 
ATOM   535  C  "C5'" . C   A 1 25 ? -20.491 -9.034  14.143 1.00 97.31  ? 25  C   A "C5'" 1 
ATOM   536  C  "C4'" . C   A 1 25 ? -20.954 -8.337  15.413 1.00 98.53  ? 25  C   A "C4'" 1 
ATOM   537  O  "O4'" . C   A 1 25 ? -21.182 -9.309  16.471 1.00 98.80  ? 25  C   A "O4'" 1 
ATOM   538  C  "C3'" . C   A 1 25 ? -19.937 -7.407  16.053 1.00 99.29  ? 25  C   A "C3'" 1 
ATOM   539  O  "O3'" . C   A 1 25 ? -19.829 -6.172  15.355 1.00 100.50 ? 25  C   A "O3'" 1 
ATOM   540  C  "C2'" . C   A 1 25 ? -20.510 -7.281  17.463 1.00 99.08  ? 25  C   A "C2'" 1 
ATOM   541  O  "O2'" . C   A 1 25 ? -21.674 -6.477  17.549 1.00 99.07  ? 25  C   A "O2'" 1 
ATOM   542  C  "C1'" . C   A 1 25 ? -20.848 -8.747  17.734 1.00 98.82  ? 25  C   A "C1'" 1 
ATOM   543  N  N1    . C   A 1 25 ? -19.720 -9.535  18.376 1.00 98.71  ? 25  C   A N1    1 
ATOM   544  C  C2    . C   A 1 25 ? -19.353 -9.312  19.724 1.00 98.70  ? 25  C   A C2    1 
ATOM   545  O  O2    . C   A 1 25 ? -19.945 -8.465  20.408 1.00 98.38  ? 25  C   A O2    1 
ATOM   546  N  N3    . C   A 1 25 ? -18.334 -10.042 20.258 1.00 98.73  ? 25  C   A N3    1 
ATOM   547  C  C4    . C   A 1 25 ? -17.694 -10.956 19.518 1.00 99.02  ? 25  C   A C4    1 
ATOM   548  N  N4    . C   A 1 25 ? -16.699 -11.647 20.087 1.00 99.25  ? 25  C   A N4    1 
ATOM   549  C  C5    . C   A 1 25 ? -18.047 -11.199 18.155 1.00 99.01  ? 25  C   A C5    1 
ATOM   550  C  C6    . C   A 1 25 ? -19.052 -10.478 17.638 1.00 98.77  ? 25  C   A C6    1 
ATOM   551  P  P     . C   A 1 26 ? -18.374 -5.648  14.909 1.00 101.38 ? 26  C   A P     1 
ATOM   552  O  OP1   . C   A 1 26 ? -18.558 -4.783  13.713 1.00 101.42 ? 26  C   A OP1   1 
ATOM   553  O  OP2   . C   A 1 26 ? -17.453 -6.813  14.822 1.00 101.19 ? 26  C   A OP2   1 
ATOM   554  O  "O5'" . C   A 1 26 ? -17.893 -4.733  16.148 1.00 100.85 ? 26  C   A "O5'" 1 
ATOM   555  C  "C5'" . C   A 1 26 ? -18.816 -3.863  16.822 1.00 100.21 ? 26  C   A "C5'" 1 
ATOM   556  C  "C4'" . C   A 1 26 ? -18.521 -3.777  18.313 1.00 99.65  ? 26  C   A "C4'" 1 
ATOM   557  O  "O4'" . C   A 1 26 ? -18.642 -5.080  18.939 1.00 99.31  ? 26  C   A "O4'" 1 
ATOM   558  C  "C3'" . C   A 1 26 ? -17.102 -3.364  18.667 1.00 99.51  ? 26  C   A "C3'" 1 
ATOM   559  O  "O3'" . C   A 1 26 ? -16.950 -1.963  18.565 1.00 99.56  ? 26  C   A "O3'" 1 
ATOM   560  C  "C2'" . C   A 1 26 ? -16.995 -3.845  20.108 1.00 99.33  ? 26  C   A "C2'" 1 
ATOM   561  O  "O2'" . C   A 1 26 ? -17.605 -2.975  21.043 1.00 99.62  ? 26  C   A "O2'" 1 
ATOM   562  C  "C1'" . C   A 1 26 ? -17.752 -5.170  20.040 1.00 99.06  ? 26  C   A "C1'" 1 
ATOM   563  N  N1    . C   A 1 26 ? -16.836 -6.359  19.899 1.00 98.81  ? 26  C   A N1    1 
ATOM   564  C  C2    . C   A 1 26 ? -16.030 -6.754  20.982 1.00 98.68  ? 26  C   A C2    1 
ATOM   565  O  O2    . C   A 1 26 ? -16.078 -6.121  22.045 1.00 98.42  ? 26  C   A O2    1 
ATOM   566  N  N3    . C   A 1 26 ? -15.204 -7.827  20.844 1.00 98.57  ? 26  C   A N3    1 
ATOM   567  C  C4    . C   A 1 26 ? -15.163 -8.498  19.690 1.00 98.61  ? 26  C   A C4    1 
ATOM   568  N  N4    . C   A 1 26 ? -14.337 -9.545  19.609 1.00 98.60  ? 26  C   A N4    1 
ATOM   569  C  C5    . C   A 1 26 ? -15.971 -8.119  18.572 1.00 98.73  ? 26  C   A C5    1 
ATOM   570  C  C6    . C   A 1 26 ? -16.780 -7.059  18.720 1.00 98.88  ? 26  C   A C6    1 
ATOM   571  P  P     . A   A 1 27 ? -15.583 -1.341  18.008 1.00 99.53  ? 27  A   A P     1 
ATOM   572  O  OP1   . A   A 1 27 ? -15.920 0.031   17.561 1.00 99.80  ? 27  A   A OP1   1 
ATOM   573  O  OP2   . A   A 1 27 ? -14.973 -2.303  17.059 1.00 99.35  ? 27  A   A OP2   1 
ATOM   574  O  "O5'" . A   A 1 27 ? -14.635 -1.258  19.297 1.00 98.90  ? 27  A   A "O5'" 1 
ATOM   575  C  "C5'" . A   A 1 27 ? -14.895 -0.306  20.328 1.00 98.35  ? 27  A   A "C5'" 1 
ATOM   576  C  "C4'" . A   A 1 27 ? -14.020 -0.557  21.542 1.00 98.14  ? 27  A   A "C4'" 1 
ATOM   577  O  "O4'" . A   A 1 27 ? -14.320 -1.852  22.113 1.00 98.05  ? 27  A   A "O4'" 1 
ATOM   578  C  "C3'" . A   A 1 27 ? -12.527 -0.624  21.263 1.00 98.14  ? 27  A   A "C3'" 1 
ATOM   579  O  "O3'" . A   A 1 27 ? -11.985 0.679   21.224 1.00 98.32  ? 27  A   A "O3'" 1 
ATOM   580  C  "C2'" . A   A 1 27 ? -11.989 -1.442  22.433 1.00 97.98  ? 27  A   A "C2'" 1 
ATOM   581  O  "O2'" . A   A 1 27 ? -11.646 -0.663  23.566 1.00 97.87  ? 27  A   A "O2'" 1 
ATOM   582  C  "C1'" . A   A 1 27 ? -13.162 -2.370  22.746 1.00 97.79  ? 27  A   A "C1'" 1 
ATOM   583  N  N9    . A   A 1 27 ? -12.936 -3.735  22.277 1.00 97.34  ? 27  A   A N9    1 
ATOM   584  C  C8    . A   A 1 27 ? -13.543 -4.357  21.223 1.00 97.22  ? 27  A   A C8    1 
ATOM   585  N  N7    . A   A 1 27 ? -13.140 -5.590  21.033 1.00 97.12  ? 27  A   A N7    1 
ATOM   586  C  C5    . A   A 1 27 ? -12.203 -5.793  22.030 1.00 96.91  ? 27  A   A C5    1 
ATOM   587  C  C6    . A   A 1 27 ? -11.402 -6.904  22.380 1.00 96.62  ? 27  A   A C6    1 
ATOM   588  N  N6    . A   A 1 27 ? -11.428 -8.067  21.725 1.00 96.17  ? 27  A   A N6    1 
ATOM   589  N  N1    . A   A 1 27 ? -10.565 -6.772  23.432 1.00 96.76  ? 27  A   A N1    1 
ATOM   590  C  C2    . A   A 1 27 ? -10.534 -5.606  24.096 1.00 96.93  ? 27  A   A C2    1 
ATOM   591  N  N3    . A   A 1 27 ? -11.238 -4.496  23.861 1.00 97.00  ? 27  A   A N3    1 
ATOM   592  C  C4    . A   A 1 27 ? -12.062 -4.656  22.808 1.00 97.08  ? 27  A   A C4    1 
ATOM   593  P  P     . G   A 1 28 ? -11.597 1.324   19.814 1.00 98.48  ? 28  G   A P     1 
ATOM   594  O  OP1   . G   A 1 28 ? -12.094 2.723   19.824 1.00 98.34  ? 28  G   A OP1   1 
ATOM   595  O  OP2   . G   A 1 28 ? -12.014 0.400   18.728 1.00 98.50  ? 28  G   A OP2   1 
ATOM   596  O  "O5'" . G   A 1 28 ? -9.997  1.300   19.865 1.00 97.48  ? 28  G   A "O5'" 1 
ATOM   597  C  "C5'" . G   A 1 28 ? -9.290  2.222   20.684 1.00 96.29  ? 28  G   A "C5'" 1 
ATOM   598  C  "C4'" . G   A 1 28 ? -8.326  1.498   21.601 1.00 95.19  ? 28  G   A "C4'" 1 
ATOM   599  O  "O4'" . G   A 1 28 ? -8.986  0.354   22.199 1.00 95.89  ? 28  G   A "O4'" 1 
ATOM   600  C  "C3'" . G   A 1 28 ? -7.098  0.872   20.941 1.00 94.13  ? 28  G   A "C3'" 1 
ATOM   601  O  "O3'" . G   A 1 28 ? -6.065  1.793   20.516 1.00 91.10  ? 28  G   A "O3'" 1 
ATOM   602  C  "C2'" . G   A 1 28 ? -6.655  -0.097  22.038 1.00 95.33  ? 28  G   A "C2'" 1 
ATOM   603  O  "O2'" . G   A 1 28 ? -6.003  0.514   23.139 1.00 95.43  ? 28  G   A "O2'" 1 
ATOM   604  C  "C1'" . G   A 1 28 ? -8.012  -0.645  22.478 1.00 96.26  ? 28  G   A "C1'" 1 
ATOM   605  N  N9    . G   A 1 28 ? -8.347  -1.906  21.808 1.00 97.10  ? 28  G   A N9    1 
ATOM   606  C  C8    . G   A 1 28 ? -9.063  -2.087  20.645 1.00 97.24  ? 28  G   A C8    1 
ATOM   607  N  N7    . G   A 1 28 ? -9.193  -3.339  20.302 1.00 97.22  ? 28  G   A N7    1 
ATOM   608  C  C5    . G   A 1 28 ? -8.514  -4.036  21.294 1.00 97.22  ? 28  G   A C5    1 
ATOM   609  C  C6    . G   A 1 28 ? -8.306  -5.427  21.461 1.00 97.02  ? 28  G   A C6    1 
ATOM   610  O  O6    . G   A 1 28 ? -8.698  -6.349  20.737 1.00 96.72  ? 28  G   A O6    1 
ATOM   611  N  N1    . G   A 1 28 ? -7.562  -5.713  22.607 1.00 97.35  ? 28  G   A N1    1 
ATOM   612  C  C2    . G   A 1 28 ? -7.075  -4.769  23.487 1.00 97.50  ? 28  G   A C2    1 
ATOM   613  N  N2    . G   A 1 28 ? -6.374  -5.221  24.537 1.00 97.61  ? 28  G   A N2    1 
ATOM   614  N  N3    . G   A 1 28 ? -7.261  -3.463  23.341 1.00 97.46  ? 28  G   A N3    1 
ATOM   615  C  C4    . G   A 1 28 ? -7.986  -3.168  22.228 1.00 97.30  ? 28  G   A C4    1 
ATOM   616  P  P     . A   A 1 29 ? -5.565  3.112   21.296 1.00 88.46  ? 29  A   A P     1 
ATOM   617  O  OP1   . A   A 1 29 ? -5.850  3.006   22.746 1.00 87.97  ? 29  A   A OP1   1 
ATOM   618  O  OP2   . A   A 1 29 ? -6.051  4.285   20.525 1.00 88.51  ? 29  A   A OP2   1 
ATOM   619  O  "O5'" . A   A 1 29 ? -3.979  3.048   21.105 1.00 85.05  ? 29  A   A "O5'" 1 
ATOM   620  C  "C5'" . A   A 1 29 ? -3.287  1.807   21.201 1.00 80.18  ? 29  A   A "C5'" 1 
ATOM   621  C  "C4'" . A   A 1 29 ? -2.008  1.800   20.371 1.00 76.63  ? 29  A   A "C4'" 1 
ATOM   622  O  "O4'" . A   A 1 29 ? -2.210  1.117   19.105 1.00 72.94  ? 29  A   A "O4'" 1 
ATOM   623  C  "C3'" . A   A 1 29 ? -1.418  3.161   20.022 1.00 76.11  ? 29  A   A "C3'" 1 
ATOM   624  O  "O3'" . A   A 1 29 ? -0.014  3.059   20.149 1.00 78.89  ? 29  A   A "O3'" 1 
ATOM   625  C  "C2'" . A   A 1 29 ? -1.868  3.406   18.575 1.00 73.49  ? 29  A   A "C2'" 1 
ATOM   626  O  "O2'" . A   A 1 29 ? -0.958  4.183   17.810 1.00 73.57  ? 29  A   A "O2'" 1 
ATOM   627  C  "C1'" . A   A 1 29 ? -1.990  1.987   18.009 1.00 69.68  ? 29  A   A "C1'" 1 
ATOM   628  N  N9    . A   A 1 29 ? -3.115  1.811   17.088 1.00 63.26  ? 29  A   A N9    1 
ATOM   629  C  C8    . A   A 1 29 ? -4.435  2.078   17.355 1.00 61.26  ? 29  A   A C8    1 
ATOM   630  N  N7    . A   A 1 29 ? -5.241  1.821   16.350 1.00 58.68  ? 29  A   A N7    1 
ATOM   631  C  C5    . A   A 1 29 ? -4.391  1.349   15.364 1.00 56.98  ? 29  A   A C5    1 
ATOM   632  C  C6    . A   A 1 29 ? -4.633  0.900   14.055 1.00 55.77  ? 29  A   A C6    1 
ATOM   633  N  N6    . A   A 1 29 ? -5.865  0.877   13.529 1.00 56.01  ? 29  A   A N6    1 
ATOM   634  N  N1    . A   A 1 29 ? -3.576  0.487   13.313 1.00 54.37  ? 29  A   A N1    1 
ATOM   635  C  C2    . A   A 1 29 ? -2.354  0.525   13.863 1.00 54.50  ? 29  A   A C2    1 
ATOM   636  N  N3    . A   A 1 29 ? -2.004  0.927   15.089 1.00 55.76  ? 29  A   A N3    1 
ATOM   637  C  C4    . A   A 1 29 ? -3.077  1.331   15.794 1.00 58.49  ? 29  A   A C4    1 
ATOM   638  P  P     . U   A 1 30 ? 0.896   4.328   20.496 1.00 81.21  ? 30  U   A P     1 
ATOM   639  O  OP1   . U   A 1 30 ? 1.714   3.959   21.674 1.00 81.25  ? 30  U   A OP1   1 
ATOM   640  O  OP2   . U   A 1 30 ? 0.041   5.540   20.523 1.00 81.51  ? 30  U   A OP2   1 
ATOM   641  O  "O5'" . U   A 1 30 ? 1.867   4.423   19.227 1.00 82.11  ? 30  U   A "O5'" 1 
ATOM   642  C  "C5'" . U   A 1 30 ? 2.187   3.241   18.503 1.00 83.93  ? 30  U   A "C5'" 1 
ATOM   643  C  "C4'" . U   A 1 30 ? 3.674   2.947   18.547 1.00 84.94  ? 30  U   A "C4'" 1 
ATOM   644  O  "O4'" . U   A 1 30 ? 4.305   3.529   19.724 1.00 86.35  ? 30  U   A "O4'" 1 
ATOM   645  C  "C3'" . U   A 1 30 ? 4.079   1.484   18.692 1.00 84.38  ? 30  U   A "C3'" 1 
ATOM   646  O  "O3'" . U   A 1 30 ? 3.789   0.650   17.563 1.00 80.58  ? 30  U   A "O3'" 1 
ATOM   647  C  "C2'" . U   A 1 30 ? 5.576   1.708   18.921 1.00 86.53  ? 30  U   A "C2'" 1 
ATOM   648  O  "O2'" . U   A 1 30 ? 6.284   2.195   17.785 1.00 87.00  ? 30  U   A "O2'" 1 
ATOM   649  C  "C1'" . U   A 1 30 ? 5.465   2.759   20.027 1.00 88.02  ? 30  U   A "C1'" 1 
ATOM   650  N  N1    . U   A 1 30 ? 5.363   2.111   21.395 1.00 90.71  ? 30  U   A N1    1 
ATOM   651  C  C2    . U   A 1 30 ? 6.521   1.660   22.028 1.00 91.94  ? 30  U   A C2    1 
ATOM   652  O  O2    . U   A 1 30 ? 7.646   1.758   21.553 1.00 92.60  ? 30  U   A O2    1 
ATOM   653  N  N3    . U   A 1 30 ? 6.316   1.079   23.264 1.00 92.64  ? 30  U   A N3    1 
ATOM   654  C  C4    . U   A 1 30 ? 5.100   0.901   23.918 1.00 93.10  ? 30  U   A C4    1 
ATOM   655  O  O4    . U   A 1 30 ? 5.074   0.362   25.022 1.00 93.72  ? 30  U   A O4    1 
ATOM   656  C  C5    . U   A 1 30 ? 3.941   1.386   23.204 1.00 92.65  ? 30  U   A C5    1 
ATOM   657  C  C6    . U   A 1 30 ? 4.117   1.954   22.000 1.00 91.83  ? 30  U   A C6    1 
ATOM   658  P  P     . G   A 1 31 ? 3.879   -0.948  17.721 1.00 77.28  ? 31  G   A P     1 
ATOM   659  O  OP1   . G   A 1 31 ? 4.669   -1.279  18.934 1.00 77.19  ? 31  G   A OP1   1 
ATOM   660  O  OP2   . G   A 1 31 ? 4.286   -1.518  16.417 1.00 77.11  ? 31  G   A OP2   1 
ATOM   661  O  "O5'" . G   A 1 31 ? 2.348   -1.343  17.951 1.00 73.11  ? 31  G   A "O5'" 1 
ATOM   662  C  "C5'" . G   A 1 31 ? 1.805   -1.347  19.259 1.00 67.19  ? 31  G   A "C5'" 1 
ATOM   663  C  "C4'" . G   A 1 31 ? 0.300   -1.197  19.192 1.00 62.89  ? 31  G   A "C4'" 1 
ATOM   664  O  "O4'" . G   A 1 31 ? -0.152  -1.315  17.817 1.00 58.40  ? 31  G   A "O4'" 1 
ATOM   665  C  "C3'" . G   A 1 31 ? -0.479  -2.243  19.983 1.00 62.39  ? 31  G   A "C3'" 1 
ATOM   666  O  "O3'" . G   A 1 31 ? -1.359  -1.585  20.896 1.00 67.24  ? 31  G   A "O3'" 1 
ATOM   667  C  "C2'" . G   A 1 31 ? -1.245  -3.000  18.897 1.00 58.45  ? 31  G   A "C2'" 1 
ATOM   668  O  "O2'" . G   A 1 31 ? -2.507  -3.473  19.321 1.00 59.28  ? 31  G   A "O2'" 1 
ATOM   669  C  "C1'" . G   A 1 31 ? -1.433  -1.885  17.882 1.00 53.29  ? 31  G   A "C1'" 1 
ATOM   670  N  N9    . G   A 1 31 ? -1.863  -2.331  16.563 1.00 44.71  ? 31  G   A N9    1 
ATOM   671  C  C8    . G   A 1 31 ? -1.093  -2.889  15.563 1.00 41.77  ? 31  G   A C8    1 
ATOM   672  N  N7    . G   A 1 31 ? -1.787  -3.188  14.495 1.00 38.48  ? 31  G   A N7    1 
ATOM   673  C  C5    . G   A 1 31 ? -3.082  -2.808  14.813 1.00 36.70  ? 31  G   A C5    1 
ATOM   674  C  C6    . G   A 1 31 ? -4.263  -2.881  14.046 1.00 35.59  ? 31  G   A C6    1 
ATOM   675  O  O6    . G   A 1 31 ? -4.377  -3.328  12.899 1.00 36.67  ? 31  G   A O6    1 
ATOM   676  N  N1    . G   A 1 31 ? -5.379  -2.372  14.712 1.00 33.34  ? 31  G   A N1    1 
ATOM   677  C  C2    . G   A 1 31 ? -5.334  -1.873  15.989 1.00 33.29  ? 31  G   A C2    1 
ATOM   678  N  N2    . G   A 1 31 ? -6.498  -1.452  16.486 1.00 31.38  ? 31  G   A N2    1 
ATOM   679  N  N3    . G   A 1 31 ? -4.231  -1.801  16.728 1.00 34.79  ? 31  G   A N3    1 
ATOM   680  C  C4    . G   A 1 31 ? -3.148  -2.279  16.077 1.00 38.43  ? 31  G   A C4    1 
ATOM   681  P  P     . C   A 1 32 ? -0.970  -1.367  22.438 1.00 71.27  ? 32  C   A P     1 
ATOM   682  O  OP1   . C   A 1 32 ? -2.153  -0.757  23.097 1.00 70.84  ? 32  C   A OP1   1 
ATOM   683  O  OP2   . C   A 1 32 ? 0.344   -0.666  22.481 1.00 70.95  ? 32  C   A OP2   1 
ATOM   684  O  "O5'" . C   A 1 32 ? -0.810  -2.869  22.993 1.00 72.99  ? 32  C   A "O5'" 1 
ATOM   685  C  "C5'" . C   A 1 32 ? 0.259   -3.232  23.880 1.00 75.87  ? 32  C   A "C5'" 1 
ATOM   686  C  "C4'" . C   A 1 32 ? 0.390   -4.740  24.034 1.00 77.76  ? 32  C   A "C4'" 1 
ATOM   687  O  "O4'" . C   A 1 32 ? -0.870  -5.318  24.474 1.00 78.02  ? 32  C   A "O4'" 1 
ATOM   688  C  "C3'" . C   A 1 32 ? 0.711   -5.501  22.758 1.00 78.86  ? 32  C   A "C3'" 1 
ATOM   689  O  "O3'" . C   A 1 32 ? 2.094   -5.466  22.450 1.00 80.82  ? 32  C   A "O3'" 1 
ATOM   690  C  "C2'" . C   A 1 32 ? 0.249   -6.906  23.123 1.00 78.81  ? 32  C   A "C2'" 1 
ATOM   691  O  "O2'" . C   A 1 32 ? 1.193   -7.622  23.899 1.00 79.29  ? 32  C   A "O2'" 1 
ATOM   692  C  "C1'" . C   A 1 32 ? -1.036  -6.609  23.903 1.00 78.19  ? 32  C   A "C1'" 1 
ATOM   693  N  N1    . C   A 1 32 ? -2.254  -6.642  23.005 1.00 77.75  ? 32  C   A N1    1 
ATOM   694  C  C2    . C   A 1 32 ? -2.597  -7.818  22.304 1.00 77.14  ? 32  C   A C2    1 
ATOM   695  O  O2    . C   A 1 32 ? -1.912  -8.845  22.420 1.00 76.82  ? 32  C   A O2    1 
ATOM   696  N  N3    . C   A 1 32 ? -3.689  -7.801  21.496 1.00 76.61  ? 32  C   A N3    1 
ATOM   697  C  C4    . C   A 1 32 ? -4.422  -6.693  21.366 1.00 76.14  ? 32  C   A C4    1 
ATOM   698  N  N4    . C   A 1 32 ? -5.483  -6.742  20.559 1.00 75.71  ? 32  C   A N4    1 
ATOM   699  C  C5    . C   A 1 32 ? -4.099  -5.491  22.062 1.00 76.42  ? 32  C   A C5    1 
ATOM   700  C  C6    . C   A 1 32 ? -3.021  -5.512  22.856 1.00 77.40  ? 32  C   A C6    1 
ATOM   701  P  P     . C   A 1 33 ? 2.544   -5.639  20.918 1.00 83.03  ? 33  C   A P     1 
ATOM   702  O  OP1   . C   A 1 33 ? 3.964   -5.219  20.814 1.00 83.01  ? 33  C   A OP1   1 
ATOM   703  O  OP2   . C   A 1 33 ? 1.517   -5.004  20.052 1.00 82.40  ? 33  C   A OP2   1 
ATOM   704  O  "O5'" . C   A 1 33 ? 2.444   -7.220  20.677 1.00 83.44  ? 33  C   A "O5'" 1 
ATOM   705  C  "C5'" . C   A 1 33 ? 3.394   -8.148  21.211 1.00 83.71  ? 33  C   A "C5'" 1 
ATOM   706  C  "C4'" . C   A 1 33 ? 3.092   -9.537  20.676 1.00 84.05  ? 33  C   A "C4'" 1 
ATOM   707  O  "O4'" . C   A 1 33 ? 1.730   -9.896  21.040 1.00 83.56  ? 33  C   A "O4'" 1 
ATOM   708  C  "C3'" . C   A 1 33 ? 3.103   -9.650  19.154 1.00 84.64  ? 33  C   A "C3'" 1 
ATOM   709  O  "O3'" . C   A 1 33 ? 4.404   -9.866  18.602 1.00 85.95  ? 33  C   A "O3'" 1 
ATOM   710  C  "C2'" . C   A 1 33 ? 2.186   -10.842 18.909 1.00 84.02  ? 33  C   A "C2'" 1 
ATOM   711  O  "O2'" . C   A 1 33 ? 2.844   -12.091 19.006 1.00 84.19  ? 33  C   A "O2'" 1 
ATOM   712  C  "C1'" . C   A 1 33 ? 1.139   -10.676 20.009 1.00 83.39  ? 33  C   A "C1'" 1 
ATOM   713  N  N1    . C   A 1 33 ? -0.119  -10.041 19.463 1.00 82.69  ? 33  C   A N1    1 
ATOM   714  C  C2    . C   A 1 33 ? -1.015  -10.810 18.692 1.00 82.58  ? 33  C   A C2    1 
ATOM   715  O  O2    . C   A 1 33 ? -0.785  -12.005 18.480 1.00 83.15  ? 33  C   A O2    1 
ATOM   716  N  N3    . C   A 1 33 ? -2.138  -10.229 18.192 1.00 81.84  ? 33  C   A N3    1 
ATOM   717  C  C4    . C   A 1 33 ? -2.385  -8.943  18.423 1.00 81.09  ? 33  C   A C4    1 
ATOM   718  N  N4    . C   A 1 33 ? -3.504  -8.431  17.911 1.00 80.37  ? 33  C   A N4    1 
ATOM   719  C  C5    . C   A 1 33 ? -1.491  -8.137  19.191 1.00 81.59  ? 33  C   A C5    1 
ATOM   720  C  C6    . C   A 1 33 ? -0.384  -8.716  19.683 1.00 82.21  ? 33  C   A C6    1 
ATOM   721  P  P     . U   A 1 34 ? 4.748   -9.304  17.130 1.00 87.47  ? 34  U   A P     1 
ATOM   722  O  OP1   . U   A 1 34 ? 5.953   -8.444  17.265 1.00 87.50  ? 34  U   A OP1   1 
ATOM   723  O  OP2   . U   A 1 34 ? 3.512   -8.739  16.530 1.00 87.56  ? 34  U   A OP2   1 
ATOM   724  O  "O5'" . U   A 1 34 ? 5.130   -10.589 16.241 1.00 86.10  ? 34  U   A "O5'" 1 
ATOM   725  C  "C5'" . U   A 1 34 ? 4.671   -11.904 16.554 1.00 84.01  ? 34  U   A "C5'" 1 
ATOM   726  C  "C4'" . U   A 1 34 ? 3.771   -12.496 15.478 1.00 82.51  ? 34  U   A "C4'" 1 
ATOM   727  O  "O4'" . U   A 1 34 ? 2.382   -12.484 15.901 1.00 82.17  ? 34  U   A "O4'" 1 
ATOM   728  C  "C3'" . U   A 1 34 ? 3.687   -11.772 14.141 1.00 81.55  ? 34  U   A "C3'" 1 
ATOM   729  O  "O3'" . U   A 1 34 ? 4.901   -11.890 13.377 1.00 80.08  ? 34  U   A "O3'" 1 
ATOM   730  C  "C2'" . U   A 1 34 ? 2.473   -12.475 13.533 1.00 81.24  ? 34  U   A "C2'" 1 
ATOM   731  O  "O2'" . U   A 1 34 ? 2.752   -13.775 13.050 1.00 80.95  ? 34  U   A "O2'" 1 
ATOM   732  C  "C1'" . U   A 1 34 ? 1.550   -12.559 14.749 1.00 81.17  ? 34  U   A "C1'" 1 
ATOM   733  N  N1    . U   A 1 34 ? 0.497   -11.481 14.813 1.00 80.49  ? 34  U   A N1    1 
ATOM   734  C  C2    . U   A 1 34 ? -0.677  -11.597 14.076 1.00 80.50  ? 34  U   A C2    1 
ATOM   735  O  O2    . U   A 1 34 ? -0.940  -12.535 13.346 1.00 80.98  ? 34  U   A O2    1 
ATOM   736  N  N3    . U   A 1 34 ? -1.564  -10.554 14.216 1.00 80.02  ? 34  U   A N3    1 
ATOM   737  C  C4    . U   A 1 34 ? -1.401  -9.427  15.005 1.00 80.06  ? 34  U   A C4    1 
ATOM   738  O  O4    . U   A 1 34 ? -2.278  -8.572  15.032 1.00 80.05  ? 34  U   A O4    1 
ATOM   739  C  C5    . U   A 1 34 ? -0.160  -9.370  15.738 1.00 79.94  ? 34  U   A C5    1 
ATOM   740  C  C6    . U   A 1 34 ? 0.716   -10.377 15.618 1.00 80.10  ? 34  U   A C6    1 
ATOM   741  P  P     . U   A 1 35 ? 5.463   -10.605 12.574 1.00 79.06  ? 35  U   A P     1 
ATOM   742  O  OP1   . U   A 1 35 ? 6.817   -10.926 12.056 1.00 78.84  ? 35  U   A OP1   1 
ATOM   743  O  OP2   . U   A 1 35 ? 5.296   -9.392  13.421 1.00 78.18  ? 35  U   A OP2   1 
ATOM   744  O  "O5'" . U   A 1 35 ? 4.451   -10.560 11.327 1.00 75.85  ? 35  U   A "O5'" 1 
ATOM   745  C  "C5'" . U   A 1 35 ? 4.511   -11.627 10.370 1.00 71.38  ? 35  U   A "C5'" 1 
ATOM   746  C  "C4'" . U   A 1 35 ? 3.234   -11.749 9.563  1.00 67.74  ? 35  U   A "C4'" 1 
ATOM   747  O  "O4'" . U   A 1 35 ? 2.085   -11.618 10.430 1.00 66.03  ? 35  U   A "O4'" 1 
ATOM   748  C  "C3'" . U   A 1 35 ? 3.011   -10.624 8.575  1.00 66.35  ? 35  U   A "C3'" 1 
ATOM   749  O  "O3'" . U   A 1 35 ? 3.800   -10.793 7.402  1.00 65.58  ? 35  U   A "O3'" 1 
ATOM   750  C  "C2'" . U   A 1 35 ? 1.508   -10.716 8.314  1.00 65.21  ? 35  U   A "C2'" 1 
ATOM   751  O  "O2'" . U   A 1 35 ? 1.153   -11.593 7.262  1.00 65.41  ? 35  U   A "O2'" 1 
ATOM   752  C  "C1'" . U   A 1 35 ? 0.973   -11.206 9.659  1.00 63.52  ? 35  U   A "C1'" 1 
ATOM   753  N  N1    . U   A 1 35 ? 0.248   -10.132 10.377 1.00 60.30  ? 35  U   A N1    1 
ATOM   754  C  C2    . U   A 1 35 ? -1.041  -9.826  9.982  1.00 59.65  ? 35  U   A C2    1 
ATOM   755  O  O2    . U   A 1 35 ? -1.614  -10.403 9.072  1.00 59.77  ? 35  U   A O2    1 
ATOM   756  N  N3    . U   A 1 35 ? -1.649  -8.813  10.691 1.00 58.52  ? 35  U   A N3    1 
ATOM   757  C  C4    . U   A 1 35 ? -1.096  -8.088  11.737 1.00 58.43  ? 35  U   A C4    1 
ATOM   758  O  O4    . U   A 1 35 ? -1.764  -7.210  12.279 1.00 57.54  ? 35  U   A O4    1 
ATOM   759  C  C5    . U   A 1 35 ? 0.258   -8.465  12.093 1.00 58.49  ? 35  U   A C5    1 
ATOM   760  C  C6    . U   A 1 35 ? 0.869   -9.451  11.412 1.00 59.24  ? 35  U   A C6    1 
ATOM   761  P  P     . G   A 1 36 ? 4.601   -9.521  6.828  1.00 65.14  ? 36  G   A P     1 
ATOM   762  O  OP1   . G   A 1 36 ? 5.076   -9.842  5.455  1.00 65.27  ? 36  G   A OP1   1 
ATOM   763  O  OP2   . G   A 1 36 ? 5.569   -9.085  7.865  1.00 64.29  ? 36  G   A OP2   1 
ATOM   764  O  "O5'" . G   A 1 36 ? 3.454   -8.406  6.735  1.00 61.75  ? 36  G   A "O5'" 1 
ATOM   765  C  "C5'" . G   A 1 36 ? 2.441   -8.453  5.732  1.00 57.26  ? 36  G   A "C5'" 1 
ATOM   766  C  "C4'" . G   A 1 36 ? 1.458   -7.325  5.981  1.00 54.15  ? 36  G   A "C4'" 1 
ATOM   767  O  "O4'" . G   A 1 36 ? 1.039   -7.289  7.385  1.00 52.90  ? 36  G   A "O4'" 1 
ATOM   768  C  "C3'" . G   A 1 36 ? 2.032   -5.942  5.680  1.00 52.18  ? 36  G   A "C3'" 1 
ATOM   769  O  "O3'" . G   A 1 36 ? 0.997   -5.123  5.184  1.00 51.20  ? 36  G   A "O3'" 1 
ATOM   770  C  "C2'" . G   A 1 36 ? 2.450   -5.484  7.068  1.00 51.42  ? 36  G   A "C2'" 1 
ATOM   771  O  "O2'" . G   A 1 36 ? 2.602   -4.087  7.188  1.00 52.85  ? 36  G   A "O2'" 1 
ATOM   772  C  "C1'" . G   A 1 36 ? 1.221   -5.961  7.839  1.00 50.23  ? 36  G   A "C1'" 1 
ATOM   773  N  N9    . G   A 1 36 ? 1.386   -5.801  9.279  1.00 46.40  ? 36  G   A N9    1 
ATOM   774  C  C8    . G   A 1 36 ? 2.493   -6.112  10.029 1.00 45.27  ? 36  G   A C8    1 
ATOM   775  N  N7    . G   A 1 36 ? 2.353   -5.810  11.296 1.00 44.65  ? 36  G   A N7    1 
ATOM   776  C  C5    . G   A 1 36 ? 1.080   -5.257  11.387 1.00 43.69  ? 36  G   A C5    1 
ATOM   777  C  C6    . G   A 1 36 ? 0.377   -4.750  12.507 1.00 43.07  ? 36  G   A C6    1 
ATOM   778  O  O6    . G   A 1 36 ? 0.771   -4.688  13.683 1.00 44.60  ? 36  G   A O6    1 
ATOM   779  N  N1    . G   A 1 36 ? -0.889  -4.271  12.176 1.00 41.36  ? 36  G   A N1    1 
ATOM   780  C  C2    . G   A 1 36 ? -1.406  -4.291  10.909 1.00 42.24  ? 36  G   A C2    1 
ATOM   781  N  N2    . G   A 1 36 ? -2.642  -3.791  10.762 1.00 41.78  ? 36  G   A N2    1 
ATOM   782  N  N3    . G   A 1 36 ? -0.758  -4.770  9.850  1.00 43.17  ? 36  G   A N3    1 
ATOM   783  C  C4    . G   A 1 36 ? 0.478   -5.235  10.153 1.00 44.31  ? 36  G   A C4    1 
ATOM   784  P  P     . U   A 1 37 ? 1.044   -4.622  3.680  1.00 50.71  ? 37  U   A P     1 
ATOM   785  O  OP1   . U   A 1 37 ? 0.762   -5.761  2.768  1.00 50.87  ? 37  U   A OP1   1 
ATOM   786  O  OP2   . U   A 1 37 ? 2.286   -3.819  3.545  1.00 50.53  ? 37  U   A OP2   1 
ATOM   787  O  "O5'" . U   A 1 37 ? -0.197  -3.620  3.643  1.00 48.28  ? 37  U   A "O5'" 1 
ATOM   788  C  "C5'" . U   A 1 37 ? -1.523  -4.096  3.526  1.00 45.25  ? 37  U   A "C5'" 1 
ATOM   789  C  "C4'" . U   A 1 37 ? -2.499  -3.061  4.057  1.00 42.33  ? 37  U   A "C4'" 1 
ATOM   790  O  "O4'" . U   A 1 37 ? -2.347  -2.967  5.493  1.00 40.72  ? 37  U   A "O4'" 1 
ATOM   791  C  "C3'" . U   A 1 37 ? -2.310  -1.640  3.553  1.00 41.72  ? 37  U   A "C3'" 1 
ATOM   792  O  "O3'" . U   A 1 37 ? -3.564  -1.086  3.303  1.00 43.66  ? 37  U   A "O3'" 1 
ATOM   793  C  "C2'" . U   A 1 37 ? -1.690  -0.912  4.753  1.00 39.79  ? 37  U   A "C2'" 1 
ATOM   794  O  "O2'" . U   A 1 37 ? -2.024  0.462   4.798  1.00 40.86  ? 37  U   A "O2'" 1 
ATOM   795  C  "C1'" . U   A 1 37 ? -2.405  -1.619  5.890  1.00 37.16  ? 37  U   A "C1'" 1 
ATOM   796  N  N1    . U   A 1 37 ? -1.787  -1.507  7.253  1.00 33.18  ? 37  U   A N1    1 
ATOM   797  C  C2    . U   A 1 37 ? -2.485  -0.887  8.283  1.00 32.43  ? 37  U   A C2    1 
ATOM   798  O  O2    . U   A 1 37 ? -3.603  -0.391  8.159  1.00 33.85  ? 37  U   A O2    1 
ATOM   799  N  N3    . U   A 1 37 ? -1.830  -0.846  9.490  1.00 29.38  ? 37  U   A N3    1 
ATOM   800  C  C4    . U   A 1 37 ? -0.573  -1.362  9.755  1.00 30.46  ? 37  U   A C4    1 
ATOM   801  O  O4    . U   A 1 37 ? -0.092  -1.265  10.884 1.00 31.38  ? 37  U   A O4    1 
ATOM   802  C  C5    . U   A 1 37 ? 0.088   -1.993  8.642  1.00 30.05  ? 37  U   A C5    1 
ATOM   803  C  C6    . U   A 1 37 ? -0.533  -2.044  7.461  1.00 31.23  ? 37  U   A C6    1 
ATOM   804  P  P     . A   A 1 38 ? -4.520  -1.508  2.108  1.00 45.22  ? 38  A   A P     1 
ATOM   805  O  OP1   . A   A 1 38 ? -5.140  -2.797  2.475  1.00 47.85  ? 38  A   A OP1   1 
ATOM   806  O  OP2   . A   A 1 38 ? -3.799  -1.381  0.824  1.00 46.31  ? 38  A   A OP2   1 
ATOM   807  O  "O5'" . A   A 1 38 ? -5.599  -0.328  2.200  1.00 43.89  ? 38  A   A "O5'" 1 
ATOM   808  C  "C5'" . A   A 1 38 ? -6.985  -0.557  2.107  1.00 43.23  ? 38  A   A "C5'" 1 
ATOM   809  C  "C4'" . A   A 1 38 ? -7.751  0.671   2.569  1.00 43.56  ? 38  A   A "C4'" 1 
ATOM   810  O  "O4'" . A   A 1 38 ? -7.687  0.761   4.017  1.00 42.60  ? 38  A   A "O4'" 1 
ATOM   811  C  "C3'" . A   A 1 38 ? -7.216  2.014   2.097  1.00 44.08  ? 38  A   A "C3'" 1 
ATOM   812  O  "O3'" . A   A 1 38 ? -7.763  2.364   0.839  1.00 46.66  ? 38  A   A "O3'" 1 
ATOM   813  C  "C2'" . A   A 1 38 ? -7.741  2.935   3.185  1.00 42.52  ? 38  A   A "C2'" 1 
ATOM   814  O  "O2'" . A   A 1 38 ? -9.120  3.178   3.025  1.00 43.22  ? 38  A   A "O2'" 1 
ATOM   815  C  "C1'" . A   A 1 38 ? -7.510  2.101   4.430  1.00 40.37  ? 38  A   A "C1'" 1 
ATOM   816  N  N9    . A   A 1 38 ? -6.178  2.234   5.029  1.00 37.41  ? 38  A   A N9    1 
ATOM   817  C  C8    . A   A 1 38 ? -5.206  1.275   5.092  1.00 35.90  ? 38  A   A C8    1 
ATOM   818  N  N7    . A   A 1 38 ? -4.111  1.660   5.701  1.00 34.91  ? 38  A   A N7    1 
ATOM   819  C  C5    . A   A 1 38 ? -4.375  2.964   6.062  1.00 34.98  ? 38  A   A C5    1 
ATOM   820  C  C6    . A   A 1 38 ? -3.607  3.934   6.732  1.00 34.75  ? 38  A   A C6    1 
ATOM   821  N  N6    . A   A 1 38 ? -2.370  3.702   7.183  1.00 35.00  ? 38  A   A N6    1 
ATOM   822  N  N1    . A   A 1 38 ? -4.157  5.143   6.940  1.00 34.10  ? 38  A   A N1    1 
ATOM   823  C  C2    . A   A 1 38 ? -5.398  5.366   6.502  1.00 35.28  ? 38  A   A C2    1 
ATOM   824  N  N3    . A   A 1 38 ? -6.215  4.534   5.856  1.00 36.31  ? 38  A   A N3    1 
ATOM   825  C  C4    . A   A 1 38 ? -5.642  3.334   5.664  1.00 35.95  ? 38  A   A C4    1 
ATOM   826  P  P     . A   A 1 39 ? -6.837  3.056   -0.274 1.00 49.52  ? 39  A   A P     1 
ATOM   827  O  OP1   . A   A 1 39 ? -7.699  3.218   -1.472 1.00 49.90  ? 39  A   A OP1   1 
ATOM   828  O  OP2   . A   A 1 39 ? -5.547  2.311   -0.332 1.00 48.44  ? 39  A   A OP2   1 
ATOM   829  O  "O5'" . A   A 1 39 ? -6.511  4.523   0.275  1.00 49.05  ? 39  A   A "O5'" 1 
ATOM   830  C  "C5'" . A   A 1 39 ? -7.552  5.456   0.560  1.00 47.94  ? 39  A   A "C5'" 1 
ATOM   831  C  "C4'" . A   A 1 39 ? -7.000  6.544   1.456  1.00 47.23  ? 39  A   A "C4'" 1 
ATOM   832  O  "O4'" . A   A 1 39 ? -6.546  5.974   2.710  1.00 45.79  ? 39  A   A "O4'" 1 
ATOM   833  C  "C3'" . A   A 1 39 ? -5.744  7.205   0.914  1.00 47.65  ? 39  A   A "C3'" 1 
ATOM   834  O  "O3'" . A   A 1 39 ? -6.070  8.203   -0.029 1.00 49.12  ? 39  A   A "O3'" 1 
ATOM   835  C  "C2'" . A   A 1 39 ? -5.146  7.798   2.179  1.00 46.54  ? 39  A   A "C2'" 1 
ATOM   836  O  "O2'" . A   A 1 39 ? -5.810  8.986   2.586  1.00 47.88  ? 39  A   A "O2'" 1 
ATOM   837  C  "C1'" . A   A 1 39 ? -5.385  6.648   3.159  1.00 44.15  ? 39  A   A "C1'" 1 
ATOM   838  N  N9    . A   A 1 39 ? -4.258  5.718   3.243  1.00 40.94  ? 39  A   A N9    1 
ATOM   839  C  C8    . A   A 1 39 ? -4.118  4.494   2.648  1.00 40.18  ? 39  A   A C8    1 
ATOM   840  N  N7    . A   A 1 39 ? -2.965  3.900   2.911  1.00 38.98  ? 39  A   A N7    1 
ATOM   841  C  C5    . A   A 1 39 ? -2.311  4.793   3.734  1.00 37.17  ? 39  A   A C5    1 
ATOM   842  C  C6    . A   A 1 39 ? -1.052  4.767   4.362  1.00 36.04  ? 39  A   A C6    1 
ATOM   843  N  N6    . A   A 1 39 ? -0.185  3.761   4.261  1.00 35.16  ? 39  A   A N6    1 
ATOM   844  N  N1    . A   A 1 39 ? -0.695  5.826   5.108  1.00 36.09  ? 39  A   A N1    1 
ATOM   845  C  C2    . A   A 1 39 ? -1.549  6.847   5.223  1.00 37.88  ? 39  A   A C2    1 
ATOM   846  N  N3    . A   A 1 39 ? -2.760  6.987   4.678  1.00 38.50  ? 39  A   A N3    1 
ATOM   847  C  C4    . A   A 1 39 ? -3.086  5.915   3.941  1.00 38.72  ? 39  A   A C4    1 
ATOM   848  P  P     . C   A 1 40 ? -5.123  8.408   -1.298 1.00 49.90  ? 40  C   A P     1 
ATOM   849  O  OP1   . C   A 1 40 ? -5.816  9.410   -2.142 1.00 50.69  ? 40  C   A OP1   1 
ATOM   850  O  OP2   . C   A 1 40 ? -4.792  7.079   -1.860 1.00 49.24  ? 40  C   A OP2   1 
ATOM   851  O  "O5'" . C   A 1 40 ? -3.784  9.035   -0.678 1.00 48.24  ? 40  C   A "O5'" 1 
ATOM   852  C  "C5'" . C   A 1 40 ? -3.725  10.414  -0.371 1.00 46.95  ? 40  C   A "C5'" 1 
ATOM   853  C  "C4'" . C   A 1 40 ? -2.528  10.718  0.503  1.00 46.40  ? 40  C   A "C4'" 1 
ATOM   854  O  "O4'" . C   A 1 40 ? -2.510  9.800   1.624  1.00 45.00  ? 40  C   A "O4'" 1 
ATOM   855  C  "C3'" . C   A 1 40 ? -1.169  10.506  -0.142 1.00 47.13  ? 40  C   A "C3'" 1 
ATOM   856  O  "O3'" . C   A 1 40 ? -0.809  11.583  -1.009 1.00 49.45  ? 40  C   A "O3'" 1 
ATOM   857  C  "C2'" . C   A 1 40 ? -0.299  10.376  1.111  1.00 45.86  ? 40  C   A "C2'" 1 
ATOM   858  O  "O2'" . C   A 1 40 ? -0.074  11.588  1.801  1.00 47.65  ? 40  C   A "O2'" 1 
ATOM   859  C  "C1'" . C   A 1 40 ? -1.177  9.462   1.962  1.00 43.75  ? 40  C   A "C1'" 1 
ATOM   860  N  N1    . C   A 1 40 ? -0.863  8.014   1.689  1.00 40.14  ? 40  C   A N1    1 
ATOM   861  C  C2    . C   A 1 40 ? 0.283   7.459   2.279  1.00 39.02  ? 40  C   A C2    1 
ATOM   862  O  O2    . C   A 1 40 ? 0.978   8.161   3.020  1.00 38.73  ? 40  C   A O2    1 
ATOM   863  N  N3    . C   A 1 40 ? 0.602   6.164   2.021  1.00 37.88  ? 40  C   A N3    1 
ATOM   864  C  C4    . C   A 1 40 ? -0.186  5.443   1.211  1.00 37.64  ? 40  C   A C4    1 
ATOM   865  N  N4    . C   A 1 40 ? 0.156   4.175   0.988  1.00 36.45  ? 40  C   A N4    1 
ATOM   866  C  C5    . C   A 1 40 ? -1.359  5.980   0.596  1.00 37.26  ? 40  C   A C5    1 
ATOM   867  C  C6    . C   A 1 40 ? -1.648  7.258   0.858  1.00 38.46  ? 40  C   A C6    1 
ATOM   868  P  P     . C   A 1 41 ? 0.077   11.344  -2.339 1.00 51.97  ? 41  C   A P     1 
ATOM   869  O  OP1   . C   A 1 41 ? -0.034  12.598  -3.130 1.00 52.22  ? 41  C   A OP1   1 
ATOM   870  O  OP2   . C   A 1 41 ? -0.303  10.056  -2.976 1.00 50.32  ? 41  C   A OP2   1 
ATOM   871  O  "O5'" . C   A 1 41 ? 1.589   11.183  -1.816 1.00 49.28  ? 41  C   A "O5'" 1 
ATOM   872  C  "C5'" . C   A 1 41 ? 2.161   12.154  -0.951 1.00 47.98  ? 41  C   A "C5'" 1 
ATOM   873  C  "C4'" . C   A 1 41 ? 3.475   11.652  -0.380 1.00 46.97  ? 41  C   A "C4'" 1 
ATOM   874  O  "O4'" . C   A 1 41 ? 3.282   10.504  0.492  1.00 45.57  ? 41  C   A "O4'" 1 
ATOM   875  C  "C3'" . C   A 1 41 ? 4.426   11.071  -1.405 1.00 47.11  ? 41  C   A "C3'" 1 
ATOM   876  O  "O3'" . C   A 1 41 ? 5.008   12.077  -2.230 1.00 49.73  ? 41  C   A "O3'" 1 
ATOM   877  C  "C2'" . C   A 1 41 ? 5.419   10.388  -0.472 1.00 45.06  ? 41  C   A "C2'" 1 
ATOM   878  O  "O2'" . C   A 1 41 ? 6.212   11.322  0.234  1.00 45.77  ? 41  C   A "O2'" 1 
ATOM   879  C  "C1'" . C   A 1 41 ? 4.450   9.689   0.480  1.00 42.33  ? 41  C   A "C1'" 1 
ATOM   880  N  N1    . C   A 1 41 ? 4.111   8.268   0.097  1.00 37.12  ? 41  C   A N1    1 
ATOM   881  C  C2    . C   A 1 41 ? 5.038   7.221   0.289  1.00 36.08  ? 41  C   A C2    1 
ATOM   882  O  O2    . C   A 1 41 ? 6.155   7.444   0.778  1.00 35.75  ? 41  C   A O2    1 
ATOM   883  N  N3    . C   A 1 41 ? 4.688   5.957   -0.071 1.00 34.18  ? 41  C   A N3    1 
ATOM   884  C  C4    . C   A 1 41 ? 3.480   5.724   -0.600 1.00 34.19  ? 41  C   A C4    1 
ATOM   885  N  N4    . C   A 1 41 ? 3.173   4.469   -0.944 1.00 33.14  ? 41  C   A N4    1 
ATOM   886  C  C5    . C   A 1 41 ? 2.525   6.766   -0.805 1.00 33.61  ? 41  C   A C5    1 
ATOM   887  C  C6    . C   A 1 41 ? 2.888   8.000   -0.443 1.00 35.15  ? 41  C   A C6    1 
ATOM   888  P  P     . G   A 1 42 ? 5.294   11.763  -3.782 1.00 50.69  ? 42  G   A P     1 
ATOM   889  O  OP1   . G   A 1 42 ? 5.797   13.022  -4.371 1.00 52.06  ? 42  G   A OP1   1 
ATOM   890  O  OP2   . G   A 1 42 ? 4.100   11.120  -4.380 1.00 49.11  ? 42  G   A OP2   1 
ATOM   891  O  "O5'" . G   A 1 42 ? 6.491   10.699  -3.715 1.00 49.49  ? 42  G   A "O5'" 1 
ATOM   892  C  "C5'" . G   A 1 42 ? 7.811   11.120  -3.447 1.00 49.65  ? 42  G   A "C5'" 1 
ATOM   893  C  "C4'" . G   A 1 42 ? 8.731   9.917   -3.305 1.00 50.82  ? 42  G   A "C4'" 1 
ATOM   894  O  "O4'" . G   A 1 42 ? 8.195   9.019   -2.296 1.00 51.07  ? 42  G   A "O4'" 1 
ATOM   895  C  "C3'" . G   A 1 42 ? 8.873   8.998   -4.508 1.00 51.23  ? 42  G   A "C3'" 1 
ATOM   896  O  "O3'" . G   A 1 42 ? 9.713   9.541   -5.528 1.00 52.91  ? 42  G   A "O3'" 1 
ATOM   897  C  "C2'" . G   A 1 42 ? 9.501   7.798   -3.806 1.00 50.92  ? 42  G   A "C2'" 1 
ATOM   898  O  "O2'" . G   A 1 42 ? 10.862  7.997   -3.475 1.00 51.95  ? 42  G   A "O2'" 1 
ATOM   899  C  "C1'" . G   A 1 42 ? 8.627   7.697   -2.548 1.00 49.29  ? 42  G   A "C1'" 1 
ATOM   900  N  N9    . G   A 1 42 ? 7.484   6.821   -2.813 1.00 46.75  ? 42  G   A N9    1 
ATOM   901  C  C8    . G   A 1 42 ? 6.186   7.172   -3.103 1.00 45.42  ? 42  G   A C8    1 
ATOM   902  N  N7    . G   A 1 42 ? 5.404   6.145   -3.330 1.00 44.48  ? 42  G   A N7    1 
ATOM   903  C  C5    . G   A 1 42 ? 6.238   5.046   -3.189 1.00 44.55  ? 42  G   A C5    1 
ATOM   904  C  C6    . G   A 1 42 ? 5.973   3.663   -3.316 1.00 44.50  ? 42  G   A C6    1 
ATOM   905  O  O6    . G   A 1 42 ? 4.897   3.117   -3.586 1.00 45.86  ? 42  G   A O6    1 
ATOM   906  N  N1    . G   A 1 42 ? 7.100   2.874   -3.094 1.00 43.85  ? 42  G   A N1    1 
ATOM   907  C  C2    . G   A 1 42 ? 8.340   3.364   -2.778 1.00 43.91  ? 42  G   A C2    1 
ATOM   908  N  N2    . G   A 1 42 ? 9.320   2.466   -2.600 1.00 43.68  ? 42  G   A N2    1 
ATOM   909  N  N3    . G   A 1 42 ? 8.604   4.656   -2.657 1.00 44.92  ? 42  G   A N3    1 
ATOM   910  C  C4    . G   A 1 42 ? 7.516   5.441   -2.874 1.00 45.48  ? 42  G   A C4    1 
ATOM   911  P  P     . A   A 1 43 ? 9.238   9.619   -7.073 1.00 54.15  ? 43  A   A P     1 
ATOM   912  O  OP1   . A   A 1 43 ? 10.074  10.655  -7.724 1.00 54.55  ? 43  A   A OP1   1 
ATOM   913  O  OP2   . A   A 1 43 ? 7.760   9.698   -7.173 1.00 53.32  ? 43  A   A OP2   1 
ATOM   914  O  "O5'" . A   A 1 43 ? 9.666   8.195   -7.644 1.00 53.08  ? 43  A   A "O5'" 1 
ATOM   915  C  "C5'" . A   A 1 43 ? 9.062   7.703   -8.824 1.00 51.83  ? 43  A   A "C5'" 1 
ATOM   916  C  "C4'" . A   A 1 43 ? 9.811   6.462   -9.245 1.00 51.32  ? 43  A   A "C4'" 1 
ATOM   917  O  "O4'" . A   A 1 43 ? 11.207  6.797   -9.427 1.00 50.98  ? 43  A   A "O4'" 1 
ATOM   918  C  "C3'" . A   A 1 43 ? 9.821   5.371   -8.192 1.00 50.97  ? 43  A   A "C3'" 1 
ATOM   919  O  "O3'" . A   A 1 43 ? 8.679   4.532   -8.335 1.00 50.31  ? 43  A   A "O3'" 1 
ATOM   920  C  "C2'" . A   A 1 43 ? 11.140  4.644   -8.433 1.00 50.96  ? 43  A   A "C2'" 1 
ATOM   921  O  "O2'" . A   A 1 43 ? 11.023  3.686   -9.462 1.00 52.28  ? 43  A   A "O2'" 1 
ATOM   922  C  "C1'" . A   A 1 43 ? 12.039  5.774   -8.909 1.00 50.45  ? 43  A   A "C1'" 1 
ATOM   923  N  N9    . A   A 1 43 ? 12.915  6.393   -7.918 1.00 49.91  ? 43  A   A N9    1 
ATOM   924  C  C8    . A   A 1 43 ? 12.713  7.591   -7.285 1.00 49.91  ? 43  A   A C8    1 
ATOM   925  N  N7    . A   A 1 43 ? 13.675  7.926   -6.458 1.00 49.31  ? 43  A   A N7    1 
ATOM   926  C  C5    . A   A 1 43 ? 14.570  6.890   -6.561 1.00 48.24  ? 43  A   A C5    1 
ATOM   927  C  C6    . A   A 1 43 ? 15.796  6.661   -5.932 1.00 48.40  ? 43  A   A C6    1 
ATOM   928  N  N6    . A   A 1 43 ? 16.311  7.518   -5.053 1.00 48.11  ? 43  A   A N6    1 
ATOM   929  N  N1    . A   A 1 43 ? 16.464  5.524   -6.236 1.00 49.61  ? 43  A   A N1    1 
ATOM   930  C  C2    . A   A 1 43 ? 15.919  4.671   -7.124 1.00 50.23  ? 43  A   A C2    1 
ATOM   931  N  N3    . A   A 1 43 ? 14.757  4.788   -7.782 1.00 50.43  ? 43  A   A N3    1 
ATOM   932  C  C4    . A   A 1 43 ? 14.126  5.933   -7.454 1.00 49.41  ? 43  A   A C4    1 
ATOM   933  P  P     . A   A 1 44 ? 8.015   3.988   -6.981 1.00 49.68  ? 44  A   A P     1 
ATOM   934  O  OP1   . A   A 1 44 ? 6.718   3.315   -7.258 1.00 48.98  ? 44  A   A OP1   1 
ATOM   935  O  OP2   . A   A 1 44 ? 8.049   5.127   -6.024 1.00 48.59  ? 44  A   A OP2   1 
ATOM   936  O  "O5'" . A   A 1 44 ? 9.086   2.869   -6.570 1.00 46.90  ? 44  A   A "O5'" 1 
ATOM   937  C  "C5'" . A   A 1 44 ? 9.077   1.625   -7.247 1.00 44.66  ? 44  A   A "C5'" 1 
ATOM   938  C  "C4'" . A   A 1 44 ? 10.321  0.807   -6.945 1.00 43.46  ? 44  A   A "C4'" 1 
ATOM   939  O  "O4'" . A   A 1 44 ? 11.518  1.605   -7.100 1.00 42.75  ? 44  A   A "O4'" 1 
ATOM   940  C  "C3'" . A   A 1 44 ? 10.410  0.288   -5.527 1.00 43.10  ? 44  A   A "C3'" 1 
ATOM   941  O  "O3'" . A   A 1 44 ? 9.663   -0.893  -5.429 1.00 43.35  ? 44  A   A "O3'" 1 
ATOM   942  C  "C2'" . A   A 1 44 ? 11.905  0.045   -5.377 1.00 42.97  ? 44  A   A "C2'" 1 
ATOM   943  O  "O2'" . A   A 1 44 ? 12.305  -1.180  -5.955 1.00 44.25  ? 44  A   A "O2'" 1 
ATOM   944  C  "C1'" . A   A 1 44 ? 12.498  1.210   -6.158 1.00 41.89  ? 44  A   A "C1'" 1 
ATOM   945  N  N9    . A   A 1 44 ? 12.856  2.389   -5.371 1.00 40.89  ? 44  A   A N9    1 
ATOM   946  C  C8    . A   A 1 44 ? 12.059  3.471   -5.108 1.00 40.65  ? 44  A   A C8    1 
ATOM   947  N  N7    . A   A 1 44 ? 12.635  4.407   -4.389 1.00 40.70  ? 44  A   A N7    1 
ATOM   948  C  C5    . A   A 1 44 ? 13.902  3.901   -4.164 1.00 40.73  ? 44  A   A C5    1 
ATOM   949  C  C6    . A   A 1 44 ? 15.011  4.410   -3.460 1.00 41.10  ? 44  A   A C6    1 
ATOM   950  N  N6    . A   A 1 44 ? 14.980  5.592   -2.845 1.00 42.02  ? 44  A   A N6    1 
ATOM   951  N  N1    . A   A 1 44 ? 16.148  3.672   -3.407 1.00 41.04  ? 44  A   A N1    1 
ATOM   952  C  C2    . A   A 1 44 ? 16.167  2.482   -4.034 1.00 41.27  ? 44  A   A C2    1 
ATOM   953  N  N3    . A   A 1 44 ? 15.179  1.898   -4.730 1.00 41.78  ? 44  A   A N3    1 
ATOM   954  C  C4    . A   A 1 44 ? 14.061  2.661   -4.761 1.00 41.20  ? 44  A   A C4    1 
ATOM   955  P  P     . A   A 1 45 ? 8.927   -1.278  -4.061 1.00 45.22  ? 45  A   A P     1 
ATOM   956  O  OP1   . A   A 1 45 ? 8.125   -2.501  -4.304 1.00 45.01  ? 45  A   A OP1   1 
ATOM   957  O  OP2   . A   A 1 45 ? 8.272   -0.079  -3.461 1.00 43.52  ? 45  A   A OP2   1 
ATOM   958  O  "O5'" . A   A 1 45 ? 10.197  -1.709  -3.193 1.00 44.37  ? 45  A   A "O5'" 1 
ATOM   959  C  "C5'" . A   A 1 45 ? 10.815  -2.968  -3.417 1.00 43.16  ? 45  A   A "C5'" 1 
ATOM   960  C  "C4'" . A   A 1 45 ? 12.043  -3.063  -2.533 1.00 43.24  ? 45  A   A "C4'" 1 
ATOM   961  O  "O4'" . A   A 1 45 ? 12.918  -1.940  -2.803 1.00 42.59  ? 45  A   A "O4'" 1 
ATOM   962  C  "C3'" . A   A 1 45 ? 11.759  -2.956  -1.046 1.00 42.89  ? 45  A   A "C3'" 1 
ATOM   963  O  "O3'" . A   A 1 45 ? 11.407  -4.227  -0.557 1.00 43.85  ? 45  A   A "O3'" 1 
ATOM   964  C  "C2'" . A   A 1 45 ? 13.089  -2.450  -0.494 1.00 42.19  ? 45  A   A "C2'" 1 
ATOM   965  O  "O2'" . A   A 1 45 ? 14.079  -3.448  -0.345 1.00 42.20  ? 45  A   A "O2'" 1 
ATOM   966  C  "C1'" . A   A 1 45 ? 13.537  -1.523  -1.609 1.00 41.43  ? 45  A   A "C1'" 1 
ATOM   967  N  N9    . A   A 1 45 ? 13.204  -0.128  -1.398 1.00 40.43  ? 45  A   A N9    1 
ATOM   968  C  C8    . A   A 1 45 ? 12.000  0.492   -1.560 1.00 39.64  ? 45  A   A C8    1 
ATOM   969  N  N7    . A   A 1 45 ? 12.045  1.773   -1.284 1.00 39.58  ? 45  A   A N7    1 
ATOM   970  C  C5    . A   A 1 45 ? 13.361  1.996   -0.932 1.00 39.20  ? 45  A   A C5    1 
ATOM   971  C  C6    . A   A 1 45 ? 14.057  3.145   -0.534 1.00 39.59  ? 45  A   A C6    1 
ATOM   972  N  N6    . A   A 1 45 ? 13.478  4.339   -0.425 1.00 40.77  ? 45  A   A N6    1 
ATOM   973  N  N1    . A   A 1 45 ? 15.368  3.034   -0.251 1.00 40.20  ? 45  A   A N1    1 
ATOM   974  C  C2    . A   A 1 45 ? 15.951  1.831   -0.364 1.00 40.91  ? 45  A   A C2    1 
ATOM   975  N  N3    . A   A 1 45 ? 15.404  0.671   -0.721 1.00 40.29  ? 45  A   A N3    1 
ATOM   976  C  C4    . A   A 1 45 ? 14.093  0.835   -0.997 1.00 40.09  ? 45  A   A C4    1 
ATOM   977  P  P     . G   A 1 46 ? 10.212  -4.352  0.496  1.00 44.82  ? 46  G   A P     1 
ATOM   978  O  OP1   . G   A 1 46 ? 10.254  -5.743  0.986  1.00 45.26  ? 46  G   A OP1   1 
ATOM   979  O  OP2   . G   A 1 46 ? 8.963   -3.813  -0.099 1.00 44.28  ? 46  G   A OP2   1 
ATOM   980  O  "O5'" . G   A 1 46 ? 10.691  -3.393  1.683  1.00 44.40  ? 46  G   A "O5'" 1 
ATOM   981  C  "C5'" . G   A 1 46 ? 9.807   -2.474  2.312  1.00 43.38  ? 46  G   A "C5'" 1 
ATOM   982  C  "C4'" . G   A 1 46 ? 10.569  -1.195  2.602  1.00 42.54  ? 46  G   A "C4'" 1 
ATOM   983  O  "O4'" . G   A 1 46 ? 10.804  -0.462  1.368  1.00 42.61  ? 46  G   A "O4'" 1 
ATOM   984  C  "C3'" . G   A 1 46 ? 9.816   -0.218  3.480  1.00 41.90  ? 46  G   A "C3'" 1 
ATOM   985  O  "O3'" . G   A 1 46 ? 10.072  -0.517  4.843  1.00 41.84  ? 46  G   A "O3'" 1 
ATOM   986  C  "C2'" . G   A 1 46 ? 10.350  1.137   2.991  1.00 41.22  ? 46  G   A "C2'" 1 
ATOM   987  O  "O2'" . G   A 1 46 ? 11.638  1.486   3.438  1.00 41.05  ? 46  G   A "O2'" 1 
ATOM   988  C  "C1'" . G   A 1 46 ? 10.387  0.888   1.493  1.00 40.48  ? 46  G   A "C1'" 1 
ATOM   989  N  N9    . G   A 1 46 ? 9.064   1.060   0.894  1.00 39.94  ? 46  G   A N9    1 
ATOM   990  C  C8    . G   A 1 46 ? 8.276   0.097   0.316  1.00 38.83  ? 46  G   A C8    1 
ATOM   991  N  N7    . G   A 1 46 ? 7.139   0.558   -0.113 1.00 39.26  ? 46  G   A N7    1 
ATOM   992  C  C5    . G   A 1 46 ? 7.160   1.907   0.205  1.00 39.61  ? 46  G   A C5    1 
ATOM   993  C  C6    . G   A 1 46 ? 6.196   2.921   -0.017 1.00 40.36  ? 46  G   A C6    1 
ATOM   994  O  O6    . G   A 1 46 ? 5.091   2.813   -0.554 1.00 41.92  ? 46  G   A O6    1 
ATOM   995  N  N1    . G   A 1 46 ? 6.599   4.168   0.444  1.00 40.02  ? 46  G   A N1    1 
ATOM   996  C  C2    . G   A 1 46 ? 7.804   4.398   1.056  1.00 39.81  ? 46  G   A C2    1 
ATOM   997  N  N2    . G   A 1 46 ? 8.043   5.653   1.448  1.00 39.42  ? 46  G   A N2    1 
ATOM   998  N  N3    . G   A 1 46 ? 8.714   3.460   1.276  1.00 40.04  ? 46  G   A N3    1 
ATOM   999  C  C4    . G   A 1 46 ? 8.335   2.235   0.824  1.00 39.84  ? 46  G   A C4    1 
ATOM   1000 P  P     . G   A 1 47 ? 8.875   -0.440  5.905  1.00 41.65  ? 47  G   A P     1 
ATOM   1001 O  OP1   . G   A 1 47 ? 9.381   -0.824  7.243  1.00 41.26  ? 47  G   A OP1   1 
ATOM   1002 O  OP2   . G   A 1 47 ? 7.721   -1.171  5.332  1.00 41.20  ? 47  G   A OP2   1 
ATOM   1003 O  "O5'" . G   A 1 47 ? 8.555   1.127   5.920  1.00 40.07  ? 47  G   A "O5'" 1 
ATOM   1004 C  "C5'" . G   A 1 47 ? 9.517   2.034   6.461  1.00 37.44  ? 47  G   A "C5'" 1 
ATOM   1005 C  "C4'" . G   A 1 47 ? 9.069   3.456   6.208  1.00 36.06  ? 47  G   A "C4'" 1 
ATOM   1006 O  "O4'" . G   A 1 47 ? 8.732   3.615   4.806  1.00 35.26  ? 47  G   A "O4'" 1 
ATOM   1007 C  "C3'" . G   A 1 47 ? 7.778   3.850   6.902  1.00 35.51  ? 47  G   A "C3'" 1 
ATOM   1008 O  "O3'" . G   A 1 47 ? 8.005   4.192   8.261  1.00 36.62  ? 47  G   A "O3'" 1 
ATOM   1009 C  "C2'" . G   A 1 47 ? 7.407   5.073   6.084  1.00 34.68  ? 47  G   A "C2'" 1 
ATOM   1010 O  "O2'" . G   A 1 47 ? 8.220   6.185   6.404  1.00 35.52  ? 47  G   A "O2'" 1 
ATOM   1011 C  "C1'" . G   A 1 47 ? 7.719   4.595   4.672  1.00 33.04  ? 47  G   A "C1'" 1 
ATOM   1012 N  N9    . G   A 1 47 ? 6.566   4.015   3.996  1.00 30.34  ? 47  G   A N9    1 
ATOM   1013 C  C8    . G   A 1 47 ? 6.402   2.710   3.596  1.00 30.48  ? 47  G   A C8    1 
ATOM   1014 N  N7    . G   A 1 47 ? 5.246   2.493   3.017  1.00 30.02  ? 47  G   A N7    1 
ATOM   1015 C  C5    . G   A 1 47 ? 4.612   3.723   3.032  1.00 28.26  ? 47  G   A C5    1 
ATOM   1016 C  C6    . G   A 1 47 ? 3.341   4.099   2.545  1.00 28.75  ? 47  G   A C6    1 
ATOM   1017 O  O6    . G   A 1 47 ? 2.505   3.381   1.977  1.00 30.29  ? 47  G   A O6    1 
ATOM   1018 N  N1    . G   A 1 47 ? 3.057   5.446   2.758  1.00 27.46  ? 47  G   A N1    1 
ATOM   1019 C  C2    . G   A 1 47 ? 3.936   6.315   3.363  1.00 28.86  ? 47  G   A C2    1 
ATOM   1020 N  N2    . G   A 1 47 ? 3.528   7.587   3.485  1.00 28.96  ? 47  G   A N2    1 
ATOM   1021 N  N3    . G   A 1 47 ? 5.143   5.977   3.818  1.00 28.54  ? 47  G   A N3    1 
ATOM   1022 C  C4    . G   A 1 47 ? 5.411   4.667   3.625  1.00 28.74  ? 47  G   A C4    1 
ATOM   1023 P  P     . G   A 1 48 ? 7.039   3.599   9.403  1.00 37.76  ? 48  G   A P     1 
ATOM   1024 O  OP1   . G   A 1 48 ? 7.240   4.386   10.640 1.00 37.55  ? 48  G   A OP1   1 
ATOM   1025 O  OP2   . G   A 1 48 ? 7.290   2.131   9.463  1.00 38.00  ? 48  G   A OP2   1 
ATOM   1026 O  "O5'" . G   A 1 48 ? 5.565   3.924   8.844  1.00 35.07  ? 48  G   A "O5'" 1 
ATOM   1027 C  "C5'" . G   A 1 48 ? 5.050   5.255   8.889  1.00 33.27  ? 48  G   A "C5'" 1 
ATOM   1028 C  "C4'" . G   A 1 48 ? 3.843   5.384   7.972  1.00 31.96  ? 48  G   A "C4'" 1 
ATOM   1029 O  "O4'" . G   A 1 48 ? 2.775   4.560   8.488  1.00 29.30  ? 48  G   A "O4'" 1 
ATOM   1030 C  "C3'" . G   A 1 48 ? 3.206   6.759   7.889  1.00 32.22  ? 48  G   A "C3'" 1 
ATOM   1031 O  "O3'" . G   A 1 48 ? 3.864   7.559   6.917  1.00 35.97  ? 48  G   A "O3'" 1 
ATOM   1032 C  "C2'" . G   A 1 48 ? 1.781   6.409   7.482  1.00 29.68  ? 48  G   A "C2'" 1 
ATOM   1033 O  "O2'" . G   A 1 48 ? 1.667   6.016   6.137  1.00 31.18  ? 48  G   A "O2'" 1 
ATOM   1034 C  "C1'" . G   A 1 48 ? 1.523   5.197   8.360  1.00 26.60  ? 48  G   A "C1'" 1 
ATOM   1035 N  N9    . G   A 1 48 ? 1.038   5.617   9.665  1.00 21.66  ? 48  G   A N9    1 
ATOM   1036 C  C8    . G   A 1 48 ? 1.759   5.656   10.836 1.00 19.83  ? 48  G   A C8    1 
ATOM   1037 N  N7    . G   A 1 48 ? 1.042   6.107   11.840 1.00 18.98  ? 48  G   A N7    1 
ATOM   1038 C  C5    . G   A 1 48 ? -0.203  6.386   11.295 1.00 16.31  ? 48  G   A C5    1 
ATOM   1039 C  C6    . G   A 1 48 ? -1.358  6.902   11.912 1.00 17.99  ? 48  G   A C6    1 
ATOM   1040 O  O6    . G   A 1 48 ? -1.502  7.227   13.109 1.00 20.74  ? 48  G   A O6    1 
ATOM   1041 N  N1    . G   A 1 48 ? -2.425  7.048   11.027 1.00 16.53  ? 48  G   A N1    1 
ATOM   1042 C  C2    . G   A 1 48 ? -2.352  6.733   9.694  1.00 17.32  ? 48  G   A C2    1 
ATOM   1043 N  N2    . G   A 1 48 ? -3.480  6.940   8.995  1.00 16.13  ? 48  G   A N2    1 
ATOM   1044 N  N3    . G   A 1 48 ? -1.263  6.234   9.098  1.00 17.10  ? 48  G   A N3    1 
ATOM   1045 C  C4    . G   A 1 48 ? -0.228  6.096   9.962  1.00 17.81  ? 48  G   A C4    1 
ATOM   1046 P  P     . G   A 1 49 ? 4.127   9.113   7.227  1.00 38.82  ? 49  G   A P     1 
ATOM   1047 O  OP1   . G   A 1 49 ? 4.865   9.683   6.077  1.00 39.27  ? 49  G   A OP1   1 
ATOM   1048 O  OP2   . G   A 1 49 ? 4.657   9.247   8.610  1.00 37.27  ? 49  G   A OP2   1 
ATOM   1049 O  "O5'" . G   A 1 49 ? 2.653   9.718   7.154  1.00 37.45  ? 49  G   A "O5'" 1 
ATOM   1050 C  "C5'" . G   A 1 49 ? 2.053   9.778   5.878  1.00 36.56  ? 49  G   A "C5'" 1 
ATOM   1051 C  "C4'" . G   A 1 49 ? 0.586   10.079  6.046  1.00 36.80  ? 49  G   A "C4'" 1 
ATOM   1052 O  "O4'" . G   A 1 49 ? 0.024   9.209   7.051  1.00 35.94  ? 49  G   A "O4'" 1 
ATOM   1053 C  "C3'" . G   A 1 49 ? 0.285   11.447  6.621  1.00 37.01  ? 49  G   A "C3'" 1 
ATOM   1054 O  "O3'" . G   A 1 49 ? 0.377   12.426  5.611  1.00 40.16  ? 49  G   A "O3'" 1 
ATOM   1055 C  "C2'" . G   A 1 49 ? -1.156  11.250  7.039  1.00 34.57  ? 49  G   A "C2'" 1 
ATOM   1056 O  "O2'" . G   A 1 49 ? -2.032  11.251  5.938  1.00 34.64  ? 49  G   A "O2'" 1 
ATOM   1057 C  "C1'" . G   A 1 49 ? -1.078  9.863   7.638  1.00 33.04  ? 49  G   A "C1'" 1 
ATOM   1058 N  N9    . G   A 1 49 ? -0.870  9.927   9.074  1.00 29.90  ? 49  G   A N9    1 
ATOM   1059 C  C8    . G   A 1 49 ? 0.263   9.626   9.787  1.00 28.63  ? 49  G   A C8    1 
ATOM   1060 N  N7    . G   A 1 49 ? 0.106   9.789   11.074 1.00 27.64  ? 49  G   A N7    1 
ATOM   1061 C  C5    . G   A 1 49 ? -1.202  10.229  11.204 1.00 26.81  ? 49  G   A C5    1 
ATOM   1062 C  C6    . G   A 1 49 ? -1.945  10.560  12.347 1.00 26.76  ? 49  G   A C6    1 
ATOM   1063 O  O6    . G   A 1 49 ? -1.562  10.535  13.517 1.00 28.43  ? 49  G   A O6    1 
ATOM   1064 N  N1    . G   A 1 49 ? -3.250  10.947  12.048 1.00 27.05  ? 49  G   A N1    1 
ATOM   1065 C  C2    . G   A 1 49 ? -3.774  11.000  10.773 1.00 27.80  ? 49  G   A C2    1 
ATOM   1066 N  N2    . G   A 1 49 ? -5.053  11.388  10.633 1.00 27.39  ? 49  G   A N2    1 
ATOM   1067 N  N3    . G   A 1 49 ? -3.079  10.683  9.691  1.00 27.85  ? 49  G   A N3    1 
ATOM   1068 C  C4    . G   A 1 49 ? -1.812  10.311  9.986  1.00 27.81  ? 49  G   A C4    1 
ATOM   1069 P  P     . G   A 1 50 ? 0.864   13.899  5.976  1.00 41.56  ? 50  G   A P     1 
ATOM   1070 O  OP1   . G   A 1 50 ? 0.774   14.644  4.699  1.00 42.71  ? 50  G   A OP1   1 
ATOM   1071 O  OP2   . G   A 1 50 ? 2.136   13.824  6.735  1.00 39.24  ? 50  G   A OP2   1 
ATOM   1072 O  "O5'" . G   A 1 50 ? -0.291  14.450  6.936  1.00 41.44  ? 50  G   A "O5'" 1 
ATOM   1073 C  "C5'" . G   A 1 50 ? -1.417  15.074  6.341  1.00 41.42  ? 50  G   A "C5'" 1 
ATOM   1074 C  "C4'" . G   A 1 50 ? -2.600  15.158  7.293  1.00 41.47  ? 50  G   A "C4'" 1 
ATOM   1075 O  "O4'" . G   A 1 50 ? -2.634  14.039  8.218  1.00 40.24  ? 50  G   A "O4'" 1 
ATOM   1076 C  "C3'" . G   A 1 50 ? -2.628  16.348  8.237  1.00 41.34  ? 50  G   A "C3'" 1 
ATOM   1077 O  "O3'" . G   A 1 50 ? -2.953  17.526  7.530  1.00 43.15  ? 50  G   A "O3'" 1 
ATOM   1078 C  "C2'" . G   A 1 50 ? -3.770  15.886  9.139  1.00 39.84  ? 50  G   A "C2'" 1 
ATOM   1079 O  "O2'" . G   A 1 50 ? -5.031  15.937  8.497  1.00 38.54  ? 50  G   A "O2'" 1 
ATOM   1080 C  "C1'" . G   A 1 50 ? -3.356  14.436  9.371  1.00 37.85  ? 50  G   A "C1'" 1 
ATOM   1081 N  N9    . G   A 1 50 ? -2.525  14.204  10.555 1.00 34.60  ? 50  G   A N9    1 
ATOM   1082 C  C8    . G   A 1 50 ? -1.204  13.824  10.584 1.00 33.89  ? 50  G   A C8    1 
ATOM   1083 N  N7    . G   A 1 50 ? -0.737  13.665  11.793 1.00 32.59  ? 50  G   A N7    1 
ATOM   1084 C  C5    . G   A 1 50 ? -1.810  13.963  12.619 1.00 30.93  ? 50  G   A C5    1 
ATOM   1085 C  C6    . G   A 1 50 ? -1.903  13.958  14.030 1.00 30.47  ? 50  G   A C6    1 
ATOM   1086 O  O6    . G   A 1 50 ? -1.010  13.688  14.848 1.00 30.18  ? 50  G   A O6    1 
ATOM   1087 N  N1    . G   A 1 50 ? -3.176  14.315  14.477 1.00 29.73  ? 50  G   A N1    1 
ATOM   1088 C  C2    . G   A 1 50 ? -4.227  14.618  13.646 1.00 30.26  ? 50  G   A C2    1 
ATOM   1089 N  N2    . G   A 1 50 ? -5.385  14.936  14.228 1.00 29.63  ? 50  G   A N2    1 
ATOM   1090 N  N3    . G   A 1 50 ? -4.153  14.623  12.319 1.00 31.34  ? 50  G   A N3    1 
ATOM   1091 C  C4    . G   A 1 50 ? -2.915  14.291  11.873 1.00 32.25  ? 50  G   A C4    1 
ATOM   1092 P  P     . A   A 1 51 ? -2.658  18.985  8.136  1.00 44.81  ? 51  A   A P     1 
ATOM   1093 O  OP1   . A   A 1 51 ? -3.185  19.924  7.110  1.00 44.34  ? 51  A   A OP1   1 
ATOM   1094 O  OP2   . A   A 1 51 ? -1.235  19.052  8.561  1.00 43.14  ? 51  A   A OP2   1 
ATOM   1095 O  "O5'" . A   A 1 51 ? -3.592  19.089  9.443  1.00 42.49  ? 51  A   A "O5'" 1 
ATOM   1096 C  "C5'" . A   A 1 51 ? -5.006  19.281  9.350  1.00 39.87  ? 51  A   A "C5'" 1 
ATOM   1097 C  "C4'" . A   A 1 51 ? -5.616  19.347  10.740 1.00 38.60  ? 51  A   A "C4'" 1 
ATOM   1098 O  "O4'" . A   A 1 51 ? -5.296  18.155  11.507 1.00 37.39  ? 51  A   A "O4'" 1 
ATOM   1099 C  "C3'" . A   A 1 51 ? -5.049  20.436  11.630 1.00 37.94  ? 51  A   A "C3'" 1 
ATOM   1100 O  "O3'" . A   A 1 51 ? -5.617  21.665  11.295 1.00 39.47  ? 51  A   A "O3'" 1 
ATOM   1101 C  "C2'" . A   A 1 51 ? -5.463  19.950  13.016 1.00 36.08  ? 51  A   A "C2'" 1 
ATOM   1102 O  "O2'" . A   A 1 51 ? -6.843  20.086  13.300 1.00 35.27  ? 51  A   A "O2'" 1 
ATOM   1103 C  "C1'" . A   A 1 51 ? -5.154  18.474  12.883 1.00 34.24  ? 51  A   A "C1'" 1 
ATOM   1104 N  N9    . A   A 1 51 ? -3.834  18.054  13.350 1.00 30.93  ? 51  A   A N9    1 
ATOM   1105 C  C8    . A   A 1 51 ? -2.743  17.766  12.578 1.00 30.01  ? 51  A   A C8    1 
ATOM   1106 N  N7    . A   A 1 51 ? -1.697  17.375  13.270 1.00 29.31  ? 51  A   A N7    1 
ATOM   1107 C  C5    . A   A 1 51 ? -2.134  17.407  14.581 1.00 28.53  ? 51  A   A C5    1 
ATOM   1108 C  C6    . A   A 1 51 ? -1.497  17.109  15.800 1.00 29.39  ? 51  A   A C6    1 
ATOM   1109 N  N6    . A   A 1 51 ? -0.223  16.702  15.884 1.00 29.35  ? 51  A   A N6    1 
ATOM   1110 N  N1    . A   A 1 51 ? -2.216  17.258  16.944 1.00 30.10  ? 51  A   A N1    1 
ATOM   1111 C  C2    . A   A 1 51 ? -3.491  17.664  16.864 1.00 28.66  ? 51  A   A C2    1 
ATOM   1112 N  N3    . A   A 1 51 ? -4.187  17.964  15.768 1.00 28.34  ? 51  A   A N3    1 
ATOM   1113 C  C4    . A   A 1 51 ? -3.450  17.818  14.652 1.00 29.19  ? 51  A   A C4    1 
ATOM   1114 P  P     . A   A 1 52 ? -4.794  23.010  11.543 1.00 41.18  ? 52  A   A P     1 
ATOM   1115 O  OP1   . A   A 1 52 ? -5.549  24.077  10.849 1.00 41.78  ? 52  A   A OP1   1 
ATOM   1116 O  OP2   . A   A 1 52 ? -3.365  22.787  11.207 1.00 39.85  ? 52  A   A OP2   1 
ATOM   1117 O  "O5'" . A   A 1 52 ? -4.917  23.240  13.127 1.00 40.72  ? 52  A   A "O5'" 1 
ATOM   1118 C  "C5'" . A   A 1 52 ? -6.176  23.443  13.768 1.00 39.66  ? 52  A   A "C5'" 1 
ATOM   1119 C  "C4'" . A   A 1 52 ? -6.035  23.220  15.264 1.00 39.96  ? 52  A   A "C4'" 1 
ATOM   1120 O  "O4'" . A   A 1 52 ? -5.500  21.897  15.515 1.00 39.51  ? 52  A   A "O4'" 1 
ATOM   1121 C  "C3'" . A   A 1 52 ? -5.021  24.093  15.968 1.00 41.02  ? 52  A   A "C3'" 1 
ATOM   1122 O  "O3'" . A   A 1 52 ? -5.570  25.381  16.218 1.00 43.77  ? 52  A   A "O3'" 1 
ATOM   1123 C  "C2'" . A   A 1 52 ? -4.804  23.286  17.246 1.00 40.45  ? 52  A   A "C2'" 1 
ATOM   1124 O  "O2'" . A   A 1 52 ? -5.900  23.378  18.140 1.00 41.45  ? 52  A   A "O2'" 1 
ATOM   1125 C  "C1'" . A   A 1 52 ? -4.729  21.869  16.700 1.00 38.53  ? 52  A   A "C1'" 1 
ATOM   1126 N  N9    . A   A 1 52 ? -3.379  21.371  16.415 1.00 36.10  ? 52  A   A N9    1 
ATOM   1127 C  C8    . A   A 1 52 ? -2.750  21.323  15.201 1.00 35.41  ? 52  A   A C8    1 
ATOM   1128 N  N7    . A   A 1 52 ? -1.536  20.814  15.243 1.00 34.31  ? 52  A   A N7    1 
ATOM   1129 C  C5    . A   A 1 52 ? -1.356  20.505  16.570 1.00 33.77  ? 52  A   A C5    1 
ATOM   1130 C  C6    . A   A 1 52 ? -0.265  19.941  17.268 1.00 34.39  ? 52  A   A C6    1 
ATOM   1131 N  N6    . A   A 1 52 ? 0.876   19.583  16.671 1.00 32.86  ? 52  A   A N6    1 
ATOM   1132 N  N1    . A   A 1 52 ? -0.397  19.768  18.610 1.00 35.10  ? 52  A   A N1    1 
ATOM   1133 C  C2    . A   A 1 52 ? -1.550  20.139  19.196 1.00 34.82  ? 52  A   A C2    1 
ATOM   1134 N  N3    . A   A 1 52 ? -2.638  20.680  18.629 1.00 34.22  ? 52  A   A N3    1 
ATOM   1135 C  C4    . A   A 1 52 ? -2.477  20.838  17.308 1.00 34.38  ? 52  A   A C4    1 
ATOM   1136 P  P     . U   A 1 53 ? -4.623  26.673  16.404 1.00 46.19  ? 53  U   A P     1 
ATOM   1137 O  OP1   . U   A 1 53 ? -5.540  27.795  16.708 1.00 47.78  ? 53  U   A OP1   1 
ATOM   1138 O  OP2   . U   A 1 53 ? -3.697  26.779  15.250 1.00 45.32  ? 53  U   A OP2   1 
ATOM   1139 O  "O5'" . U   A 1 53 ? -3.750  26.369  17.719 1.00 45.51  ? 53  U   A "O5'" 1 
ATOM   1140 C  "C5'" . U   A 1 53 ? -4.292  26.552  19.037 1.00 44.67  ? 53  U   A "C5'" 1 
ATOM   1141 C  "C4'" . U   A 1 53 ? -3.269  26.127  20.074 1.00 44.51  ? 53  U   A "C4'" 1 
ATOM   1142 O  "O4'" . U   A 1 53 ? -2.862  24.774  19.771 1.00 43.90  ? 53  U   A "O4'" 1 
ATOM   1143 C  "C3'" . U   A 1 53 ? -1.948  26.879  20.041 1.00 45.62  ? 53  U   A "C3'" 1 
ATOM   1144 O  "O3'" . U   A 1 53 ? -2.054  28.148  20.721 1.00 47.48  ? 53  U   A "O3'" 1 
ATOM   1145 C  "C2'" . U   A 1 53 ? -0.996  25.859  20.689 1.00 44.59  ? 53  U   A "C2'" 1 
ATOM   1146 O  "O2'" . U   A 1 53 ? -1.039  25.846  22.109 1.00 46.91  ? 53  U   A "O2'" 1 
ATOM   1147 C  "C1'" . U   A 1 53 ? -1.524  24.531  20.137 1.00 42.08  ? 53  U   A "C1'" 1 
ATOM   1148 N  N1    . U   A 1 53 ? -0.786  24.053  18.933 1.00 39.37  ? 53  U   A N1    1 
ATOM   1149 C  C2    . U   A 1 53 ? 0.368   23.294  19.072 1.00 38.07  ? 53  U   A C2    1 
ATOM   1150 O  O2    . U   A 1 53 ? 0.854   22.967  20.133 1.00 40.15  ? 53  U   A O2    1 
ATOM   1151 N  N3    . U   A 1 53 ? 0.983   22.927  17.913 1.00 35.54  ? 53  U   A N3    1 
ATOM   1152 C  C4    . U   A 1 53 ? 0.559   23.237  16.642 1.00 36.36  ? 53  U   A C4    1 
ATOM   1153 O  O4    . U   A 1 53 ? 1.220   22.846  15.702 1.00 37.10  ? 53  U   A O4    1 
ATOM   1154 C  C5    . U   A 1 53 ? -0.647  24.019  16.545 1.00 37.21  ? 53  U   A C5    1 
ATOM   1155 C  C6    . U   A 1 53 ? -1.262  24.391  17.676 1.00 38.71  ? 53  U   A C6    1 
HETATM 1156 SR SR    . SR  B 2 .  ? 2.730   11.413  14.192 1.00 124.91 ? 201 SR  A SR    1 
HETATM 1157 SR SR    . SR  C 2 .  ? -9.649  -8.553  16.048 0.50 107.10 ? 202 SR  A SR    1 
HETATM 1158 SR SR    . SR  D 2 .  ? 4.619   -0.329  -1.141 1.00 115.40 ? 203 SR  A SR    1 
HETATM 1159 SR SR    . SR  E 2 .  ? 3.315   6.271   -7.181 1.00 113.91 ? 204 SR  A SR    1 
HETATM 1160 SR SR    . SR  F 2 .  ? -21.891 -18.747 30.112 0.50 100.33 ? 205 SR  A SR    1 
HETATM 1161 SR SR    . SR  G 2 .  ? -8.882  6.194   17.834 1.00 101.17 ? 206 SR  A SR    1 
HETATM 1162 SR SR    . SR  H 2 .  ? 2.930   -5.336  15.415 1.00 83.84  ? 207 SR  A SR    1 
HETATM 1163 SR SR    . SR  I 2 .  ? -5.703  -4.811  0.610  1.00 96.17  ? 208 SR  A SR    1 
HETATM 1164 SR SR    A SR  J 2 .  ? -13.468 -12.873 22.477 0.50 92.99  ? 219 SR  A SR    1 
HETATM 1165 SR SR    A SR  K 2 .  ? -2.625  0.524   -0.408 1.00 89.58  ? 210 SR  A SR    1 
HETATM 1166 SR SR    B SR  L 2 .  ? -13.468 -12.873 22.477 0.50 87.29  ? 211 SR  A SR    1 
HETATM 1167 SR SR    B SR  M 2 .  ? -2.625  0.524   -0.408 1.00 83.88  ? 212 SR  A SR    1 
HETATM 1168 N  N     . SAH N 3 .  ? -1.049  -1.007  0.202  0.00 25.70  ? 220 SAH A N     1 
HETATM 1169 C  CA    . SAH N 3 .  ? 0.000   0.000   0.000  0.00 25.70  ? 220 SAH A CA    1 
HETATM 1170 C  CB    . SAH N 3 .  ? 1.255   -0.410  0.773  0.00 25.70  ? 220 SAH A CB    1 
HETATM 1171 C  CG    . SAH N 3 .  ? 0.927   -0.511  2.261  0.00 25.70  ? 220 SAH A CG    1 
HETATM 1172 S  SD    . SAH N 3 .  ? 2.150   -0.346  3.428  0.30 48.64  ? 220 SAH A SD    1 
HETATM 1173 C  C     . SAH N 3 .  ? 0.323   0.100   -1.468 0.00 25.70  ? 220 SAH A C     1 
HETATM 1174 O  O     . SAH N 3 .  ? 0.201   -0.868  -2.181 0.00 25.70  ? 220 SAH A O     1 
HETATM 1175 O  OXT   . SAH N 3 .  ? 0.750   1.264   -1.984 0.00 25.70  ? 220 SAH A OXT   1 
HETATM 1176 C  "C5'" . SAH N 3 .  ? 2.294   -0.345  5.233  1.00 48.63  ? 220 SAH A "C5'" 1 
HETATM 1177 C  "C4'" . SAH N 3 .  ? 3.631   0.180   5.770  1.00 47.95  ? 220 SAH A "C4'" 1 
HETATM 1178 O  "O4'" . SAH N 3 .  ? 3.481   1.370   6.523  1.00 46.52  ? 220 SAH A "O4'" 1 
HETATM 1179 C  "C3'" . SAH N 3 .  ? 4.261   -0.772  6.759  1.00 47.84  ? 220 SAH A "C3'" 1 
HETATM 1180 O  "O3'" . SAH N 3 .  ? 5.637   -0.466  6.733  1.00 49.04  ? 220 SAH A "O3'" 1 
HETATM 1181 C  "C2'" . SAH N 3 .  ? 3.713   -0.364  8.106  1.00 47.14  ? 220 SAH A "C2'" 1 
HETATM 1182 O  "O2'" . SAH N 3 .  ? 4.737   -0.426  9.075  1.00 48.20  ? 220 SAH A "O2'" 1 
HETATM 1183 C  "C1'" . SAH N 3 .  ? 3.303   1.078   7.897  1.00 45.24  ? 220 SAH A "C1'" 1 
HETATM 1184 N  N9    . SAH N 3 .  ? 1.896   1.371   8.225  1.00 42.68  ? 220 SAH A N9    1 
HETATM 1185 C  C8    . SAH N 3 .  ? 0.826   1.342   7.367  1.00 41.63  ? 220 SAH A C8    1 
HETATM 1186 N  N7    . SAH N 3 .  ? -0.281  1.719   8.035  1.00 41.18  ? 220 SAH A N7    1 
HETATM 1187 C  C5    . SAH N 3 .  ? 0.071   2.003   9.309  1.00 40.73  ? 220 SAH A C5    1 
HETATM 1188 C  C6    . SAH N 3 .  ? -0.655  2.432   10.414 1.00 40.62  ? 220 SAH A C6    1 
HETATM 1189 N  N6    . SAH N 3 .  ? -1.963  2.643   10.335 1.00 41.37  ? 220 SAH A N6    1 
HETATM 1190 N  N1    . SAH N 3 .  ? -0.012  2.644   11.608 1.00 39.59  ? 220 SAH A N1    1 
HETATM 1191 C  C2    . SAH N 3 .  ? 1.342   2.429   11.716 1.00 39.13  ? 220 SAH A C2    1 
HETATM 1192 N  N3    . SAH N 3 .  ? 2.049   2.001   10.618 1.00 39.19  ? 220 SAH A N3    1 
HETATM 1193 C  C4    . SAH N 3 .  ? 1.431   1.792   9.440  1.00 40.47  ? 220 SAH A C4    1 
HETATM 1194 O  O     . HOH O 4 .  ? 6.923   -0.186  10.427 1.00 44.92  ? 221 HOH A O     1 
HETATM 1195 O  O     . HOH O 4 .  ? -6.494  5.730   18.050 1.00 49.74  ? 222 HOH A O     1 
HETATM 1196 O  O     . HOH O 4 .  ? 2.586   3.623   5.475  1.00 56.80  ? 223 HOH A O     1 
HETATM 1197 O  O     . HOH O 4 .  ? -6.585  18.470  15.592 1.00 44.50  ? 224 HOH A O     1 
HETATM 1198 O  O     . HOH O 4 .  ? 9.502   14.603  15.564 1.00 51.73  ? 225 HOH A O     1 
# 
loop_
_pdbx_poly_seq_scheme.asym_id 
_pdbx_poly_seq_scheme.entity_id 
_pdbx_poly_seq_scheme.seq_id 
_pdbx_poly_seq_scheme.mon_id 
_pdbx_poly_seq_scheme.ndb_seq_num 
_pdbx_poly_seq_scheme.pdb_seq_num 
_pdbx_poly_seq_scheme.auth_seq_num 
_pdbx_poly_seq_scheme.pdb_mon_id 
_pdbx_poly_seq_scheme.auth_mon_id 
_pdbx_poly_seq_scheme.pdb_strand_id 
_pdbx_poly_seq_scheme.pdb_ins_code 
_pdbx_poly_seq_scheme.hetero 
A 1 1  GTP 1  1  1  GTP GTP A . n 
A 1 2  U   2  2  2  U   U   A . n 
A 1 3  U   3  3  3  U   U   A . n 
A 1 4  C   4  4  4  C   C   A . n 
A 1 5  C   5  5  5  C   C   A . n 
A 1 6  C   6  6  6  C   C   A . n 
A 1 7  G   7  7  7  G   G   A . n 
A 1 8  A   8  8  8  A   A   A . n 
A 1 9  A   9  9  9  A   A   A . n 
A 1 10 A   10 10 10 A   A   A . n 
A 1 11 G   11 11 11 G   G   A . n 
A 1 12 G   12 12 12 G   G   A . n 
A 1 13 A   13 13 13 A   A   A . n 
A 1 14 U   14 14 14 U   U   A . n 
A 1 15 G   15 15 15 G   G   A . n 
A 1 16 G   16 16 16 G   G   A . n 
A 1 17 C   17 17 17 C   C   A . n 
A 1 18 G   18 18 18 G   G   A . n 
A 1 19 G   19 19 19 G   G   A . n 
A 1 20 A   20 20 20 A   A   A . n 
A 1 21 A   21 21 21 A   A   A . n 
A 1 22 A   22 22 22 A   A   A . n 
A 1 23 C   23 23 23 C   C   A . n 
A 1 24 G   24 24 24 G   G   A . n 
A 1 25 C   25 25 25 C   C   A . n 
A 1 26 C   26 26 26 C   C   A . n 
A 1 27 A   27 27 27 A   A   A . n 
A 1 28 G   28 28 28 G   G   A . n 
A 1 29 A   29 29 29 A   A   A . n 
A 1 30 U   30 30 30 U   U   A . n 
A 1 31 G   31 31 31 G   G   A . n 
A 1 32 C   32 32 32 C   C   A . n 
A 1 33 C   33 33 33 C   C   A . n 
A 1 34 U   34 34 34 U   U   A . n 
A 1 35 U   35 35 35 U   U   A . n 
A 1 36 G   36 36 36 G   G   A . n 
A 1 37 U   37 37 37 U   U   A . n 
A 1 38 A   38 38 38 A   A   A . n 
A 1 39 A   39 39 39 A   A   A . n 
A 1 40 C   40 40 40 C   C   A . n 
A 1 41 C   41 41 41 C   C   A . n 
A 1 42 G   42 42 42 G   G   A . n 
A 1 43 A   43 43 43 A   A   A . n 
A 1 44 A   44 44 44 A   A   A . n 
A 1 45 A   45 45 45 A   A   A . n 
A 1 46 G   46 46 46 G   G   A . n 
A 1 47 G   47 47 47 G   G   A . n 
A 1 48 G   48 48 48 G   G   A . n 
A 1 49 G   49 49 49 G   G   A . n 
A 1 50 G   50 50 50 G   G   A . n 
A 1 51 A   51 51 51 A   A   A . n 
A 1 52 A   52 52 52 A   A   A . n 
A 1 53 U   53 53 53 U   U   A . n 
# 
loop_
_pdbx_nonpoly_scheme.asym_id 
_pdbx_nonpoly_scheme.entity_id 
_pdbx_nonpoly_scheme.mon_id 
_pdbx_nonpoly_scheme.ndb_seq_num 
_pdbx_nonpoly_scheme.pdb_seq_num 
_pdbx_nonpoly_scheme.auth_seq_num 
_pdbx_nonpoly_scheme.pdb_mon_id 
_pdbx_nonpoly_scheme.auth_mon_id 
_pdbx_nonpoly_scheme.pdb_strand_id 
_pdbx_nonpoly_scheme.pdb_ins_code 
B 2 SR  1 201 201 SR  SR  A . 
C 2 SR  1 202 202 SR  SR  A . 
D 2 SR  1 203 203 SR  SR  A . 
E 2 SR  1 204 204 SR  SR  A . 
F 2 SR  1 205 205 SR  SR  A . 
G 2 SR  1 206 206 SR  SR  A . 
H 2 SR  1 207 207 SR  SR  A . 
I 2 SR  1 208 208 SR  SR  A . 
J 2 SR  1 219 219 SR  SR  A . 
K 2 SR  1 210 210 SR  SR  A . 
L 2 SR  1 211 211 SR  SR  A . 
M 2 SR  1 212 212 SR  SR  A . 
N 3 SAH 1 220 220 SAH SAH A . 
O 4 HOH 1 221 221 HOH HOH A . 
O 4 HOH 2 222 222 HOH HOH A . 
O 4 HOH 3 223 223 HOH HOH A . 
O 4 HOH 4 224 224 HOH HOH A . 
O 4 HOH 5 225 225 HOH HOH A . 
# 
_pdbx_struct_mod_residue.id               1 
_pdbx_struct_mod_residue.label_asym_id    A 
_pdbx_struct_mod_residue.label_comp_id    GTP 
_pdbx_struct_mod_residue.label_seq_id     1 
_pdbx_struct_mod_residue.auth_asym_id     A 
_pdbx_struct_mod_residue.auth_comp_id     GTP 
_pdbx_struct_mod_residue.auth_seq_id      1 
_pdbx_struct_mod_residue.PDB_ins_code     ? 
_pdbx_struct_mod_residue.parent_comp_id   G 
_pdbx_struct_mod_residue.details          "GUANOSINE-5'-TRIPHOSPHATE" 
# 
_pdbx_struct_assembly.id                   1 
_pdbx_struct_assembly.details              author_and_software_defined_assembly 
_pdbx_struct_assembly.method_details       PISA 
_pdbx_struct_assembly.oligomeric_details   monomeric 
_pdbx_struct_assembly.oligomeric_count     1 
# 
_pdbx_struct_assembly_gen.assembly_id       1 
_pdbx_struct_assembly_gen.oper_expression   1 
_pdbx_struct_assembly_gen.asym_id_list      A,B,C,D,E,F,G,H,I,J,K,L,M,N,O 
# 
_pdbx_struct_oper_list.id                   1 
_pdbx_struct_oper_list.type                 'identity operation' 
_pdbx_struct_oper_list.name                 1_555 
_pdbx_struct_oper_list.symmetry_operation   x,y,z 
_pdbx_struct_oper_list.matrix[1][1]         1.0000000000 
_pdbx_struct_oper_list.matrix[1][2]         0.0000000000 
_pdbx_struct_oper_list.matrix[1][3]         0.0000000000 
_pdbx_struct_oper_list.vector[1]            0.0000000000 
_pdbx_struct_oper_list.matrix[2][1]         0.0000000000 
_pdbx_struct_oper_list.matrix[2][2]         1.0000000000 
_pdbx_struct_oper_list.matrix[2][3]         0.0000000000 
_pdbx_struct_oper_list.vector[2]            0.0000000000 
_pdbx_struct_oper_list.matrix[3][1]         0.0000000000 
_pdbx_struct_oper_list.matrix[3][2]         0.0000000000 
_pdbx_struct_oper_list.matrix[3][3]         1.0000000000 
_pdbx_struct_oper_list.vector[3]            0.0000000000 
# 
loop_
_pdbx_struct_conn_angle.id 
_pdbx_struct_conn_angle.ptnr1_label_atom_id 
_pdbx_struct_conn_angle.ptnr1_label_alt_id 
_pdbx_struct_conn_angle.ptnr1_label_asym_id 
_pdbx_struct_conn_angle.ptnr1_label_comp_id 
_pdbx_struct_conn_angle.ptnr1_label_seq_id 
_pdbx_struct_conn_angle.ptnr1_auth_atom_id 
_pdbx_struct_conn_angle.ptnr1_auth_asym_id 
_pdbx_struct_conn_angle.ptnr1_auth_comp_id 
_pdbx_struct_conn_angle.ptnr1_auth_seq_id 
_pdbx_struct_conn_angle.ptnr1_PDB_ins_code 
_pdbx_struct_conn_angle.ptnr1_symmetry 
_pdbx_struct_conn_angle.ptnr2_label_atom_id 
_pdbx_struct_conn_angle.ptnr2_label_alt_id 
_pdbx_struct_conn_angle.ptnr2_label_asym_id 
_pdbx_struct_conn_angle.ptnr2_label_comp_id 
_pdbx_struct_conn_angle.ptnr2_label_seq_id 
_pdbx_struct_conn_angle.ptnr2_auth_atom_id 
_pdbx_struct_conn_angle.ptnr2_auth_asym_id 
_pdbx_struct_conn_angle.ptnr2_auth_comp_id 
_pdbx_struct_conn_angle.ptnr2_auth_seq_id 
_pdbx_struct_conn_angle.ptnr2_PDB_ins_code 
_pdbx_struct_conn_angle.ptnr2_symmetry 
_pdbx_struct_conn_angle.ptnr3_label_atom_id 
_pdbx_struct_conn_angle.ptnr3_label_alt_id 
_pdbx_struct_conn_angle.ptnr3_label_asym_id 
_pdbx_struct_conn_angle.ptnr3_label_comp_id 
_pdbx_struct_conn_angle.ptnr3_label_seq_id 
_pdbx_struct_conn_angle.ptnr3_auth_atom_id 
_pdbx_struct_conn_angle.ptnr3_auth_asym_id 
_pdbx_struct_conn_angle.ptnr3_auth_comp_id 
_pdbx_struct_conn_angle.ptnr3_auth_seq_id 
_pdbx_struct_conn_angle.ptnr3_PDB_ins_code 
_pdbx_struct_conn_angle.ptnr3_symmetry 
_pdbx_struct_conn_angle.value 
_pdbx_struct_conn_angle.value_esd 
1 OP2 ? A A 38 ? A A 38 ? 1_555 SR A K SR . ? A SR 210 ? 1_555 N ? N SAH . ? A SAH 220 ? 1_555 71.8 ? 
2 OP2 ? A A 38 ? A A 38 ? 1_555 SR B M SR . ? A SR 212 ? 1_555 N ? N SAH . ? A SAH 220 ? 1_555 71.8 ? 
# 
loop_
_pdbx_audit_revision_history.ordinal 
_pdbx_audit_revision_history.data_content_type 
_pdbx_audit_revision_history.major_revision 
_pdbx_audit_revision_history.minor_revision 
_pdbx_audit_revision_history.revision_date 
1 'Structure model' 1 0 2008-10-07 
2 'Structure model' 1 1 2011-07-13 
3 'Structure model' 1 2 2023-08-30 
# 
_pdbx_audit_revision_details.ordinal             1 
_pdbx_audit_revision_details.revision_ordinal    1 
_pdbx_audit_revision_details.data_content_type   'Structure model' 
_pdbx_audit_revision_details.provider            repository 
_pdbx_audit_revision_details.type                'Initial release' 
_pdbx_audit_revision_details.description         ? 
_pdbx_audit_revision_details.details             ? 
# 
loop_
_pdbx_audit_revision_group.ordinal 
_pdbx_audit_revision_group.revision_ordinal 
_pdbx_audit_revision_group.data_content_type 
_pdbx_audit_revision_group.group 
1 2 'Structure model' 'Version format compliance' 
2 3 'Structure model' 'Data collection'           
3 3 'Structure model' 'Database references'       
4 3 'Structure model' 'Derived calculations'      
5 3 'Structure model' 'Refinement description'    
# 
loop_
_pdbx_audit_revision_category.ordinal 
_pdbx_audit_revision_category.revision_ordinal 
_pdbx_audit_revision_category.data_content_type 
_pdbx_audit_revision_category.category 
1 3 'Structure model' chem_comp_atom                
2 3 'Structure model' chem_comp_bond                
3 3 'Structure model' database_2                    
4 3 'Structure model' pdbx_initial_refinement_model 
5 3 'Structure model' struct_conn                   
6 3 'Structure model' struct_site                   
# 
loop_
_pdbx_audit_revision_item.ordinal 
_pdbx_audit_revision_item.revision_ordinal 
_pdbx_audit_revision_item.data_content_type 
_pdbx_audit_revision_item.item 
1 3 'Structure model' '_database_2.pdbx_DOI'                 
2 3 'Structure model' '_database_2.pdbx_database_accession'  
3 3 'Structure model' '_struct_conn.pdbx_leaving_atom_flag'  
4 3 'Structure model' '_struct_conn.pdbx_ptnr2_label_alt_id' 
5 3 'Structure model' '_struct_conn.ptnr2_auth_seq_id'       
6 3 'Structure model' '_struct_conn.ptnr2_label_asym_id'     
7 3 'Structure model' '_struct_site.pdbx_auth_asym_id'       
8 3 'Structure model' '_struct_site.pdbx_auth_comp_id'       
9 3 'Structure model' '_struct_site.pdbx_auth_seq_id'        
# 
loop_
_software.name 
_software.version 
_software.date 
_software.type 
_software.contact_author 
_software.contact_author_email 
_software.classification 
_software.location 
_software.language 
_software.citation_id 
_software.pdbx_ordinal 
CNS         1.2   ?               package 'Axel T. Brunger' axel.brunger@yale.edu refinement        http://cns-online.org/ 
Fortran_77 ? 1 
PDB_EXTRACT 3.006 'June 11, 2008' package PDB               help@deposit.rcsb.org 'data extraction' 
http://sw-tools.pdb.org/apps/PDB_EXTRACT/ C++        ? 2 
HKL-2000    .     ?               ?       ?                 ?                     'data collection' ? ?          ? 3 
HKL-2000    .     ?               ?       ?                 ?                     'data reduction'  ? ?          ? 4 
HKL-2000    .     ?               ?       ?                 ?                     'data scaling'    ? ?          ? 5 
PHASER      .     ?               ?       ?                 ?                     phasing           ? ?          ? 6 
# 
_pdbx_validate_rmsd_bond.id                        1 
_pdbx_validate_rmsd_bond.PDB_model_num             1 
_pdbx_validate_rmsd_bond.auth_atom_id_1            "O3'" 
_pdbx_validate_rmsd_bond.auth_asym_id_1            A 
_pdbx_validate_rmsd_bond.auth_comp_id_1            GTP 
_pdbx_validate_rmsd_bond.auth_seq_id_1             1 
_pdbx_validate_rmsd_bond.PDB_ins_code_1            ? 
_pdbx_validate_rmsd_bond.label_alt_id_1            ? 
_pdbx_validate_rmsd_bond.auth_atom_id_2            P 
_pdbx_validate_rmsd_bond.auth_asym_id_2            A 
_pdbx_validate_rmsd_bond.auth_comp_id_2            U 
_pdbx_validate_rmsd_bond.auth_seq_id_2             2 
_pdbx_validate_rmsd_bond.PDB_ins_code_2            ? 
_pdbx_validate_rmsd_bond.label_alt_id_2            ? 
_pdbx_validate_rmsd_bond.bond_value                1.703 
_pdbx_validate_rmsd_bond.bond_target_value         1.607 
_pdbx_validate_rmsd_bond.bond_deviation            0.096 
_pdbx_validate_rmsd_bond.bond_standard_deviation   0.012 
_pdbx_validate_rmsd_bond.linker_flag               Y 
# 
_pdbx_validate_rmsd_angle.id                         1 
_pdbx_validate_rmsd_angle.PDB_model_num              1 
_pdbx_validate_rmsd_angle.auth_atom_id_1             "O4'" 
_pdbx_validate_rmsd_angle.auth_asym_id_1             A 
_pdbx_validate_rmsd_angle.auth_comp_id_1             G 
_pdbx_validate_rmsd_angle.auth_seq_id_1              36 
_pdbx_validate_rmsd_angle.PDB_ins_code_1             ? 
_pdbx_validate_rmsd_angle.label_alt_id_1             ? 
_pdbx_validate_rmsd_angle.auth_atom_id_2             "C1'" 
_pdbx_validate_rmsd_angle.auth_asym_id_2             A 
_pdbx_validate_rmsd_angle.auth_comp_id_2             G 
_pdbx_validate_rmsd_angle.auth_seq_id_2              36 
_pdbx_validate_rmsd_angle.PDB_ins_code_2             ? 
_pdbx_validate_rmsd_angle.label_alt_id_2             ? 
_pdbx_validate_rmsd_angle.auth_atom_id_3             N9 
_pdbx_validate_rmsd_angle.auth_asym_id_3             A 
_pdbx_validate_rmsd_angle.auth_comp_id_3             G 
_pdbx_validate_rmsd_angle.auth_seq_id_3              36 
_pdbx_validate_rmsd_angle.PDB_ins_code_3             ? 
_pdbx_validate_rmsd_angle.label_alt_id_3             ? 
_pdbx_validate_rmsd_angle.angle_value                115.70 
_pdbx_validate_rmsd_angle.angle_target_value         108.50 
_pdbx_validate_rmsd_angle.angle_deviation            7.20 
_pdbx_validate_rmsd_angle.angle_standard_deviation   0.70 
_pdbx_validate_rmsd_angle.linker_flag                N 
# 
loop_
_pdbx_unobs_or_zero_occ_atoms.id 
_pdbx_unobs_or_zero_occ_atoms.PDB_model_num 
_pdbx_unobs_or_zero_occ_atoms.polymer_flag 
_pdbx_unobs_or_zero_occ_atoms.occupancy_flag 
_pdbx_unobs_or_zero_occ_atoms.auth_asym_id 
_pdbx_unobs_or_zero_occ_atoms.auth_comp_id 
_pdbx_unobs_or_zero_occ_atoms.auth_seq_id 
_pdbx_unobs_or_zero_occ_atoms.PDB_ins_code 
_pdbx_unobs_or_zero_occ_atoms.auth_atom_id 
_pdbx_unobs_or_zero_occ_atoms.label_alt_id 
_pdbx_unobs_or_zero_occ_atoms.label_asym_id 
_pdbx_unobs_or_zero_occ_atoms.label_comp_id 
_pdbx_unobs_or_zero_occ_atoms.label_seq_id 
_pdbx_unobs_or_zero_occ_atoms.label_atom_id 
1 1 N 0 A SAH 220 ? N   ? N SAH ? N   
2 1 N 0 A SAH 220 ? CA  ? N SAH ? CA  
3 1 N 0 A SAH 220 ? CB  ? N SAH ? CB  
4 1 N 0 A SAH 220 ? CG  ? N SAH ? CG  
5 1 N 0 A SAH 220 ? C   ? N SAH ? C   
6 1 N 0 A SAH 220 ? O   ? N SAH ? O   
7 1 N 0 A SAH 220 ? OXT ? N SAH ? OXT 
# 
loop_
_chem_comp_atom.comp_id 
_chem_comp_atom.atom_id 
_chem_comp_atom.type_symbol 
_chem_comp_atom.pdbx_aromatic_flag 
_chem_comp_atom.pdbx_stereo_config 
_chem_comp_atom.pdbx_ordinal 
A   OP3    O  N N 1   
A   P      P  N N 2   
A   OP1    O  N N 3   
A   OP2    O  N N 4   
A   "O5'"  O  N N 5   
A   "C5'"  C  N N 6   
A   "C4'"  C  N R 7   
A   "O4'"  O  N N 8   
A   "C3'"  C  N S 9   
A   "O3'"  O  N N 10  
A   "C2'"  C  N R 11  
A   "O2'"  O  N N 12  
A   "C1'"  C  N R 13  
A   N9     N  Y N 14  
A   C8     C  Y N 15  
A   N7     N  Y N 16  
A   C5     C  Y N 17  
A   C6     C  Y N 18  
A   N6     N  N N 19  
A   N1     N  Y N 20  
A   C2     C  Y N 21  
A   N3     N  Y N 22  
A   C4     C  Y N 23  
A   HOP3   H  N N 24  
A   HOP2   H  N N 25  
A   "H5'"  H  N N 26  
A   "H5''" H  N N 27  
A   "H4'"  H  N N 28  
A   "H3'"  H  N N 29  
A   "HO3'" H  N N 30  
A   "H2'"  H  N N 31  
A   "HO2'" H  N N 32  
A   "H1'"  H  N N 33  
A   H8     H  N N 34  
A   H61    H  N N 35  
A   H62    H  N N 36  
A   H2     H  N N 37  
C   OP3    O  N N 38  
C   P      P  N N 39  
C   OP1    O  N N 40  
C   OP2    O  N N 41  
C   "O5'"  O  N N 42  
C   "C5'"  C  N N 43  
C   "C4'"  C  N R 44  
C   "O4'"  O  N N 45  
C   "C3'"  C  N S 46  
C   "O3'"  O  N N 47  
C   "C2'"  C  N R 48  
C   "O2'"  O  N N 49  
C   "C1'"  C  N R 50  
C   N1     N  N N 51  
C   C2     C  N N 52  
C   O2     O  N N 53  
C   N3     N  N N 54  
C   C4     C  N N 55  
C   N4     N  N N 56  
C   C5     C  N N 57  
C   C6     C  N N 58  
C   HOP3   H  N N 59  
C   HOP2   H  N N 60  
C   "H5'"  H  N N 61  
C   "H5''" H  N N 62  
C   "H4'"  H  N N 63  
C   "H3'"  H  N N 64  
C   "HO3'" H  N N 65  
C   "H2'"  H  N N 66  
C   "HO2'" H  N N 67  
C   "H1'"  H  N N 68  
C   H41    H  N N 69  
C   H42    H  N N 70  
C   H5     H  N N 71  
C   H6     H  N N 72  
G   OP3    O  N N 73  
G   P      P  N N 74  
G   OP1    O  N N 75  
G   OP2    O  N N 76  
G   "O5'"  O  N N 77  
G   "C5'"  C  N N 78  
G   "C4'"  C  N R 79  
G   "O4'"  O  N N 80  
G   "C3'"  C  N S 81  
G   "O3'"  O  N N 82  
G   "C2'"  C  N R 83  
G   "O2'"  O  N N 84  
G   "C1'"  C  N R 85  
G   N9     N  Y N 86  
G   C8     C  Y N 87  
G   N7     N  Y N 88  
G   C5     C  Y N 89  
G   C6     C  N N 90  
G   O6     O  N N 91  
G   N1     N  N N 92  
G   C2     C  N N 93  
G   N2     N  N N 94  
G   N3     N  N N 95  
G   C4     C  Y N 96  
G   HOP3   H  N N 97  
G   HOP2   H  N N 98  
G   "H5'"  H  N N 99  
G   "H5''" H  N N 100 
G   "H4'"  H  N N 101 
G   "H3'"  H  N N 102 
G   "HO3'" H  N N 103 
G   "H2'"  H  N N 104 
G   "HO2'" H  N N 105 
G   "H1'"  H  N N 106 
G   H8     H  N N 107 
G   H1     H  N N 108 
G   H21    H  N N 109 
G   H22    H  N N 110 
GTP PG     P  N N 111 
GTP O1G    O  N N 112 
GTP O2G    O  N N 113 
GTP O3G    O  N N 114 
GTP O3B    O  N N 115 
GTP PB     P  N N 116 
GTP O1B    O  N N 117 
GTP O2B    O  N N 118 
GTP O3A    O  N N 119 
GTP PA     P  N N 120 
GTP O1A    O  N N 121 
GTP O2A    O  N N 122 
GTP "O5'"  O  N N 123 
GTP "C5'"  C  N N 124 
GTP "C4'"  C  N R 125 
GTP "O4'"  O  N N 126 
GTP "C3'"  C  N S 127 
GTP "O3'"  O  N N 128 
GTP "C2'"  C  N R 129 
GTP "O2'"  O  N N 130 
GTP "C1'"  C  N R 131 
GTP N9     N  Y N 132 
GTP C8     C  Y N 133 
GTP N7     N  Y N 134 
GTP C5     C  Y N 135 
GTP C6     C  N N 136 
GTP O6     O  N N 137 
GTP N1     N  N N 138 
GTP C2     C  N N 139 
GTP N2     N  N N 140 
GTP N3     N  N N 141 
GTP C4     C  Y N 142 
GTP HOG2   H  N N 143 
GTP HOG3   H  N N 144 
GTP HOB2   H  N N 145 
GTP HOA2   H  N N 146 
GTP "H5'"  H  N N 147 
GTP "H5''" H  N N 148 
GTP "H4'"  H  N N 149 
GTP "H3'"  H  N N 150 
GTP "HO3'" H  N N 151 
GTP "H2'"  H  N N 152 
GTP "HO2'" H  N N 153 
GTP "H1'"  H  N N 154 
GTP H8     H  N N 155 
GTP HN1    H  N N 156 
GTP HN21   H  N N 157 
GTP HN22   H  N N 158 
HOH O      O  N N 159 
HOH H1     H  N N 160 
HOH H2     H  N N 161 
SAH N      N  N N 162 
SAH CA     C  N S 163 
SAH CB     C  N N 164 
SAH CG     C  N N 165 
SAH SD     S  N N 166 
SAH C      C  N N 167 
SAH O      O  N N 168 
SAH OXT    O  N N 169 
SAH "C5'"  C  N N 170 
SAH "C4'"  C  N S 171 
SAH "O4'"  O  N N 172 
SAH "C3'"  C  N S 173 
SAH "O3'"  O  N N 174 
SAH "C2'"  C  N R 175 
SAH "O2'"  O  N N 176 
SAH "C1'"  C  N R 177 
SAH N9     N  Y N 178 
SAH C8     C  Y N 179 
SAH N7     N  Y N 180 
SAH C5     C  Y N 181 
SAH C6     C  Y N 182 
SAH N6     N  N N 183 
SAH N1     N  Y N 184 
SAH C2     C  Y N 185 
SAH N3     N  Y N 186 
SAH C4     C  Y N 187 
SAH HN1    H  N N 188 
SAH HN2    H  N N 189 
SAH HA     H  N N 190 
SAH HB1    H  N N 191 
SAH HB2    H  N N 192 
SAH HG1    H  N N 193 
SAH HG2    H  N N 194 
SAH HXT    H  N N 195 
SAH "H5'1" H  N N 196 
SAH "H5'2" H  N N 197 
SAH "H4'"  H  N N 198 
SAH "H3'"  H  N N 199 
SAH "HO3'" H  N N 200 
SAH "H2'"  H  N N 201 
SAH "HO2'" H  N N 202 
SAH "H1'"  H  N N 203 
SAH H8     H  N N 204 
SAH HN61   H  N N 205 
SAH HN62   H  N N 206 
SAH H2     H  N N 207 
SR  SR     SR N N 208 
U   OP3    O  N N 209 
U   P      P  N N 210 
U   OP1    O  N N 211 
U   OP2    O  N N 212 
U   "O5'"  O  N N 213 
U   "C5'"  C  N N 214 
U   "C4'"  C  N R 215 
U   "O4'"  O  N N 216 
U   "C3'"  C  N S 217 
U   "O3'"  O  N N 218 
U   "C2'"  C  N R 219 
U   "O2'"  O  N N 220 
U   "C1'"  C  N R 221 
U   N1     N  N N 222 
U   C2     C  N N 223 
U   O2     O  N N 224 
U   N3     N  N N 225 
U   C4     C  N N 226 
U   O4     O  N N 227 
U   C5     C  N N 228 
U   C6     C  N N 229 
U   HOP3   H  N N 230 
U   HOP2   H  N N 231 
U   "H5'"  H  N N 232 
U   "H5''" H  N N 233 
U   "H4'"  H  N N 234 
U   "H3'"  H  N N 235 
U   "HO3'" H  N N 236 
U   "H2'"  H  N N 237 
U   "HO2'" H  N N 238 
U   "H1'"  H  N N 239 
U   H3     H  N N 240 
U   H5     H  N N 241 
U   H6     H  N N 242 
# 
loop_
_chem_comp_bond.comp_id 
_chem_comp_bond.atom_id_1 
_chem_comp_bond.atom_id_2 
_chem_comp_bond.value_order 
_chem_comp_bond.pdbx_aromatic_flag 
_chem_comp_bond.pdbx_stereo_config 
_chem_comp_bond.pdbx_ordinal 
A   OP3   P      sing N N 1   
A   OP3   HOP3   sing N N 2   
A   P     OP1    doub N N 3   
A   P     OP2    sing N N 4   
A   P     "O5'"  sing N N 5   
A   OP2   HOP2   sing N N 6   
A   "O5'" "C5'"  sing N N 7   
A   "C5'" "C4'"  sing N N 8   
A   "C5'" "H5'"  sing N N 9   
A   "C5'" "H5''" sing N N 10  
A   "C4'" "O4'"  sing N N 11  
A   "C4'" "C3'"  sing N N 12  
A   "C4'" "H4'"  sing N N 13  
A   "O4'" "C1'"  sing N N 14  
A   "C3'" "O3'"  sing N N 15  
A   "C3'" "C2'"  sing N N 16  
A   "C3'" "H3'"  sing N N 17  
A   "O3'" "HO3'" sing N N 18  
A   "C2'" "O2'"  sing N N 19  
A   "C2'" "C1'"  sing N N 20  
A   "C2'" "H2'"  sing N N 21  
A   "O2'" "HO2'" sing N N 22  
A   "C1'" N9     sing N N 23  
A   "C1'" "H1'"  sing N N 24  
A   N9    C8     sing Y N 25  
A   N9    C4     sing Y N 26  
A   C8    N7     doub Y N 27  
A   C8    H8     sing N N 28  
A   N7    C5     sing Y N 29  
A   C5    C6     sing Y N 30  
A   C5    C4     doub Y N 31  
A   C6    N6     sing N N 32  
A   C6    N1     doub Y N 33  
A   N6    H61    sing N N 34  
A   N6    H62    sing N N 35  
A   N1    C2     sing Y N 36  
A   C2    N3     doub Y N 37  
A   C2    H2     sing N N 38  
A   N3    C4     sing Y N 39  
C   OP3   P      sing N N 40  
C   OP3   HOP3   sing N N 41  
C   P     OP1    doub N N 42  
C   P     OP2    sing N N 43  
C   P     "O5'"  sing N N 44  
C   OP2   HOP2   sing N N 45  
C   "O5'" "C5'"  sing N N 46  
C   "C5'" "C4'"  sing N N 47  
C   "C5'" "H5'"  sing N N 48  
C   "C5'" "H5''" sing N N 49  
C   "C4'" "O4'"  sing N N 50  
C   "C4'" "C3'"  sing N N 51  
C   "C4'" "H4'"  sing N N 52  
C   "O4'" "C1'"  sing N N 53  
C   "C3'" "O3'"  sing N N 54  
C   "C3'" "C2'"  sing N N 55  
C   "C3'" "H3'"  sing N N 56  
C   "O3'" "HO3'" sing N N 57  
C   "C2'" "O2'"  sing N N 58  
C   "C2'" "C1'"  sing N N 59  
C   "C2'" "H2'"  sing N N 60  
C   "O2'" "HO2'" sing N N 61  
C   "C1'" N1     sing N N 62  
C   "C1'" "H1'"  sing N N 63  
C   N1    C2     sing N N 64  
C   N1    C6     sing N N 65  
C   C2    O2     doub N N 66  
C   C2    N3     sing N N 67  
C   N3    C4     doub N N 68  
C   C4    N4     sing N N 69  
C   C4    C5     sing N N 70  
C   N4    H41    sing N N 71  
C   N4    H42    sing N N 72  
C   C5    C6     doub N N 73  
C   C5    H5     sing N N 74  
C   C6    H6     sing N N 75  
G   OP3   P      sing N N 76  
G   OP3   HOP3   sing N N 77  
G   P     OP1    doub N N 78  
G   P     OP2    sing N N 79  
G   P     "O5'"  sing N N 80  
G   OP2   HOP2   sing N N 81  
G   "O5'" "C5'"  sing N N 82  
G   "C5'" "C4'"  sing N N 83  
G   "C5'" "H5'"  sing N N 84  
G   "C5'" "H5''" sing N N 85  
G   "C4'" "O4'"  sing N N 86  
G   "C4'" "C3'"  sing N N 87  
G   "C4'" "H4'"  sing N N 88  
G   "O4'" "C1'"  sing N N 89  
G   "C3'" "O3'"  sing N N 90  
G   "C3'" "C2'"  sing N N 91  
G   "C3'" "H3'"  sing N N 92  
G   "O3'" "HO3'" sing N N 93  
G   "C2'" "O2'"  sing N N 94  
G   "C2'" "C1'"  sing N N 95  
G   "C2'" "H2'"  sing N N 96  
G   "O2'" "HO2'" sing N N 97  
G   "C1'" N9     sing N N 98  
G   "C1'" "H1'"  sing N N 99  
G   N9    C8     sing Y N 100 
G   N9    C4     sing Y N 101 
G   C8    N7     doub Y N 102 
G   C8    H8     sing N N 103 
G   N7    C5     sing Y N 104 
G   C5    C6     sing N N 105 
G   C5    C4     doub Y N 106 
G   C6    O6     doub N N 107 
G   C6    N1     sing N N 108 
G   N1    C2     sing N N 109 
G   N1    H1     sing N N 110 
G   C2    N2     sing N N 111 
G   C2    N3     doub N N 112 
G   N2    H21    sing N N 113 
G   N2    H22    sing N N 114 
G   N3    C4     sing N N 115 
GTP PG    O1G    doub N N 116 
GTP PG    O2G    sing N N 117 
GTP PG    O3G    sing N N 118 
GTP PG    O3B    sing N N 119 
GTP O2G   HOG2   sing N N 120 
GTP O3G   HOG3   sing N N 121 
GTP O3B   PB     sing N N 122 
GTP PB    O1B    doub N N 123 
GTP PB    O2B    sing N N 124 
GTP PB    O3A    sing N N 125 
GTP O2B   HOB2   sing N N 126 
GTP O3A   PA     sing N N 127 
GTP PA    O1A    doub N N 128 
GTP PA    O2A    sing N N 129 
GTP PA    "O5'"  sing N N 130 
GTP O2A   HOA2   sing N N 131 
GTP "O5'" "C5'"  sing N N 132 
GTP "C5'" "C4'"  sing N N 133 
GTP "C5'" "H5'"  sing N N 134 
GTP "C5'" "H5''" sing N N 135 
GTP "C4'" "O4'"  sing N N 136 
GTP "C4'" "C3'"  sing N N 137 
GTP "C4'" "H4'"  sing N N 138 
GTP "O4'" "C1'"  sing N N 139 
GTP "C3'" "O3'"  sing N N 140 
GTP "C3'" "C2'"  sing N N 141 
GTP "C3'" "H3'"  sing N N 142 
GTP "O3'" "HO3'" sing N N 143 
GTP "C2'" "O2'"  sing N N 144 
GTP "C2'" "C1'"  sing N N 145 
GTP "C2'" "H2'"  sing N N 146 
GTP "O2'" "HO2'" sing N N 147 
GTP "C1'" N9     sing N N 148 
GTP "C1'" "H1'"  sing N N 149 
GTP N9    C8     sing Y N 150 
GTP N9    C4     sing Y N 151 
GTP C8    N7     doub Y N 152 
GTP C8    H8     sing N N 153 
GTP N7    C5     sing Y N 154 
GTP C5    C6     sing N N 155 
GTP C5    C4     doub Y N 156 
GTP C6    O6     doub N N 157 
GTP C6    N1     sing N N 158 
GTP N1    C2     sing N N 159 
GTP N1    HN1    sing N N 160 
GTP C2    N2     sing N N 161 
GTP C2    N3     doub N N 162 
GTP N2    HN21   sing N N 163 
GTP N2    HN22   sing N N 164 
GTP N3    C4     sing N N 165 
HOH O     H1     sing N N 166 
HOH O     H2     sing N N 167 
SAH N     CA     sing N N 168 
SAH N     HN1    sing N N 169 
SAH N     HN2    sing N N 170 
SAH CA    CB     sing N N 171 
SAH CA    C      sing N N 172 
SAH CA    HA     sing N N 173 
SAH CB    CG     sing N N 174 
SAH CB    HB1    sing N N 175 
SAH CB    HB2    sing N N 176 
SAH CG    SD     sing N N 177 
SAH CG    HG1    sing N N 178 
SAH CG    HG2    sing N N 179 
SAH SD    "C5'"  sing N N 180 
SAH C     O      doub N N 181 
SAH C     OXT    sing N N 182 
SAH OXT   HXT    sing N N 183 
SAH "C5'" "C4'"  sing N N 184 
SAH "C5'" "H5'1" sing N N 185 
SAH "C5'" "H5'2" sing N N 186 
SAH "C4'" "O4'"  sing N N 187 
SAH "C4'" "C3'"  sing N N 188 
SAH "C4'" "H4'"  sing N N 189 
SAH "O4'" "C1'"  sing N N 190 
SAH "C3'" "O3'"  sing N N 191 
SAH "C3'" "C2'"  sing N N 192 
SAH "C3'" "H3'"  sing N N 193 
SAH "O3'" "HO3'" sing N N 194 
SAH "C2'" "O2'"  sing N N 195 
SAH "C2'" "C1'"  sing N N 196 
SAH "C2'" "H2'"  sing N N 197 
SAH "O2'" "HO2'" sing N N 198 
SAH "C1'" N9     sing N N 199 
SAH "C1'" "H1'"  sing N N 200 
SAH N9    C8     sing Y N 201 
SAH N9    C4     sing Y N 202 
SAH C8    N7     doub Y N 203 
SAH C8    H8     sing N N 204 
SAH N7    C5     sing Y N 205 
SAH C5    C6     sing Y N 206 
SAH C5    C4     doub Y N 207 
SAH C6    N6     sing N N 208 
SAH C6    N1     doub Y N 209 
SAH N6    HN61   sing N N 210 
SAH N6    HN62   sing N N 211 
SAH N1    C2     sing Y N 212 
SAH C2    N3     doub Y N 213 
SAH C2    H2     sing N N 214 
SAH N3    C4     sing Y N 215 
U   OP3   P      sing N N 216 
U   OP3   HOP3   sing N N 217 
U   P     OP1    doub N N 218 
U   P     OP2    sing N N 219 
U   P     "O5'"  sing N N 220 
U   OP2   HOP2   sing N N 221 
U   "O5'" "C5'"  sing N N 222 
U   "C5'" "C4'"  sing N N 223 
U   "C5'" "H5'"  sing N N 224 
U   "C5'" "H5''" sing N N 225 
U   "C4'" "O4'"  sing N N 226 
U   "C4'" "C3'"  sing N N 227 
U   "C4'" "H4'"  sing N N 228 
U   "O4'" "C1'"  sing N N 229 
U   "C3'" "O3'"  sing N N 230 
U   "C3'" "C2'"  sing N N 231 
U   "C3'" "H3'"  sing N N 232 
U   "O3'" "HO3'" sing N N 233 
U   "C2'" "O2'"  sing N N 234 
U   "C2'" "C1'"  sing N N 235 
U   "C2'" "H2'"  sing N N 236 
U   "O2'" "HO2'" sing N N 237 
U   "C1'" N1     sing N N 238 
U   "C1'" "H1'"  sing N N 239 
U   N1    C2     sing N N 240 
U   N1    C6     sing N N 241 
U   C2    O2     doub N N 242 
U   C2    N3     sing N N 243 
U   N3    C4     sing N N 244 
U   N3    H3     sing N N 245 
U   C4    O4     doub N N 246 
U   C4    C5     sing N N 247 
U   C5    C6     doub N N 248 
U   C5    H5     sing N N 249 
U   C6    H6     sing N N 250 
# 
_ndb_struct_conf_na.entry_id   3E5E 
_ndb_struct_conf_na.feature    'double helix' 
# 
loop_
_ndb_struct_na_base_pair.model_number 
_ndb_struct_na_base_pair.i_label_asym_id 
_ndb_struct_na_base_pair.i_label_comp_id 
_ndb_struct_na_base_pair.i_label_seq_id 
_ndb_struct_na_base_pair.i_symmetry 
_ndb_struct_na_base_pair.j_label_asym_id 
_ndb_struct_na_base_pair.j_label_comp_id 
_ndb_struct_na_base_pair.j_label_seq_id 
_ndb_struct_na_base_pair.j_symmetry 
_ndb_struct_na_base_pair.shear 
_ndb_struct_na_base_pair.stretch 
_ndb_struct_na_base_pair.stagger 
_ndb_struct_na_base_pair.buckle 
_ndb_struct_na_base_pair.propeller 
_ndb_struct_na_base_pair.opening 
_ndb_struct_na_base_pair.pair_number 
_ndb_struct_na_base_pair.pair_name 
_ndb_struct_na_base_pair.i_auth_asym_id 
_ndb_struct_na_base_pair.i_auth_seq_id 
_ndb_struct_na_base_pair.i_PDB_ins_code 
_ndb_struct_na_base_pair.j_auth_asym_id 
_ndb_struct_na_base_pair.j_auth_seq_id 
_ndb_struct_na_base_pair.j_PDB_ins_code 
_ndb_struct_na_base_pair.hbond_type_28 
_ndb_struct_na_base_pair.hbond_type_12 
1 A GTP 1  1_555 A U 53 1_555 -2.407 -0.762 0.255  0.184   -7.981  -3.579   1  A_GTP1:U53_A A 1  ? A 53 ? 28 ? 
1 A U   2  1_555 A A 52 1_555 0.072  -0.288 0.056  4.887   -17.304 2.283    2  A_U2:A52_A   A 2  ? A 52 ? 20 1 
1 A U   3  1_555 A A 51 1_555 -0.181 -0.184 0.278  3.657   -9.450  4.266    3  A_U3:A51_A   A 3  ? A 51 ? 20 1 
1 A C   4  1_555 A G 50 1_555 0.084  -0.176 -0.055 7.366   -13.165 2.789    4  A_C4:G50_A   A 4  ? A 50 ? 19 1 
1 A C   5  1_555 A G 49 1_555 0.204  -0.281 -0.010 7.618   -5.749  -1.062   5  A_C5:G49_A   A 5  ? A 49 ? 19 1 
1 A C   6  1_555 A G 48 1_555 0.367  -0.433 -0.226 9.419   -6.260  -1.944   6  A_C6:G48_A   A 6  ? A 48 ? 19 1 
1 A A   22 1_555 A G 19 1_555 -6.755 -4.813 0.692  -16.125 9.571   -13.674  7  A_A22:G19_A  A 22 ? A 19 ? ?  ? 
1 A C   23 1_555 A G 18 1_555 0.108  -0.186 0.282  -2.458  -0.217  -1.992   8  A_C23:G18_A  A 23 ? A 18 ? 19 1 
1 A G   24 1_555 A C 17 1_555 -0.240 -0.161 0.315  6.244   -10.925 -6.409   9  A_G24:C17_A  A 24 ? A 17 ? 19 1 
1 A C   25 1_555 A G 16 1_555 1.367  -0.397 0.289  3.555   -10.491 5.478    10 A_C25:G16_A  A 25 ? A 16 ? 19 1 
1 A C   26 1_555 A G 15 1_555 1.391  -0.291 0.855  -2.934  -14.546 11.616   11 A_C26:G15_A  A 26 ? A 15 ? ?  1 
1 A A   27 1_555 A U 14 1_555 -1.360 -0.162 0.874  -9.515  -8.057  3.318    12 A_A27:U14_A  A 27 ? A 14 ? ?  1 
1 A G   28 1_555 A A 13 1_555 -0.112 1.622  0.356  11.167  -15.679 -18.014  13 A_G28:A13_A  A 28 ? A 13 ? 8  ? 
1 A C   32 1_555 A G 12 1_555 0.089  0.054  0.375  -3.373  -2.959  5.004    14 A_C32:G12_A  A 32 ? A 12 ? 19 1 
1 A C   33 1_555 A G 11 1_555 0.120  -0.152 -0.318 3.318   -6.774  1.025    15 A_C33:G11_A  A 33 ? A 11 ? 19 1 
1 A U   34 1_555 A A 10 1_555 0.370  -0.331 -0.344 -0.860  -4.969  -0.689   16 A_U34:A10_A  A 34 ? A 10 ? 20 1 
1 A U   35 1_555 A A 9  1_555 0.394  -0.343 -0.184 9.581   -3.103  6.291    17 A_U35:A9_A   A 35 ? A 9  ? 20 1 
1 A G   36 1_555 A G 31 1_555 5.171  -0.009 0.273  13.212  9.337   -116.145 18 A_G36:G31_A  A 36 ? A 31 ? 7  ? 
1 A C   40 1_555 A G 47 1_555 0.271  -0.383 -0.389 6.438   -8.848  -0.588   19 A_C40:G47_A  A 40 ? A 47 ? 19 1 
1 A C   41 1_555 A G 46 1_555 0.367  -0.433 0.002  0.478   3.671   -3.952   20 A_C41:G46_A  A 41 ? A 46 ? 19 1 
1 A G   42 1_555 A A 45 1_555 7.995  -5.047 0.874  7.974   -3.097  -47.277  21 A_G42:A45_A  A 42 ? A 45 ? ?  ? 
# 
loop_
_ndb_struct_na_base_pair_step.model_number 
_ndb_struct_na_base_pair_step.i_label_asym_id_1 
_ndb_struct_na_base_pair_step.i_label_comp_id_1 
_ndb_struct_na_base_pair_step.i_label_seq_id_1 
_ndb_struct_na_base_pair_step.i_symmetry_1 
_ndb_struct_na_base_pair_step.j_label_asym_id_1 
_ndb_struct_na_base_pair_step.j_label_comp_id_1 
_ndb_struct_na_base_pair_step.j_label_seq_id_1 
_ndb_struct_na_base_pair_step.j_symmetry_1 
_ndb_struct_na_base_pair_step.i_label_asym_id_2 
_ndb_struct_na_base_pair_step.i_label_comp_id_2 
_ndb_struct_na_base_pair_step.i_label_seq_id_2 
_ndb_struct_na_base_pair_step.i_symmetry_2 
_ndb_struct_na_base_pair_step.j_label_asym_id_2 
_ndb_struct_na_base_pair_step.j_label_comp_id_2 
_ndb_struct_na_base_pair_step.j_label_seq_id_2 
_ndb_struct_na_base_pair_step.j_symmetry_2 
_ndb_struct_na_base_pair_step.shift 
_ndb_struct_na_base_pair_step.slide 
_ndb_struct_na_base_pair_step.rise 
_ndb_struct_na_base_pair_step.tilt 
_ndb_struct_na_base_pair_step.roll 
_ndb_struct_na_base_pair_step.twist 
_ndb_struct_na_base_pair_step.x_displacement 
_ndb_struct_na_base_pair_step.y_displacement 
_ndb_struct_na_base_pair_step.helical_rise 
_ndb_struct_na_base_pair_step.inclination 
_ndb_struct_na_base_pair_step.tip 
_ndb_struct_na_base_pair_step.helical_twist 
_ndb_struct_na_base_pair_step.step_number 
_ndb_struct_na_base_pair_step.step_name 
_ndb_struct_na_base_pair_step.i_auth_asym_id_1 
_ndb_struct_na_base_pair_step.i_auth_seq_id_1 
_ndb_struct_na_base_pair_step.i_PDB_ins_code_1 
_ndb_struct_na_base_pair_step.j_auth_asym_id_1 
_ndb_struct_na_base_pair_step.j_auth_seq_id_1 
_ndb_struct_na_base_pair_step.j_PDB_ins_code_1 
_ndb_struct_na_base_pair_step.i_auth_asym_id_2 
_ndb_struct_na_base_pair_step.i_auth_seq_id_2 
_ndb_struct_na_base_pair_step.i_PDB_ins_code_2 
_ndb_struct_na_base_pair_step.j_auth_asym_id_2 
_ndb_struct_na_base_pair_step.j_auth_seq_id_2 
_ndb_struct_na_base_pair_step.j_PDB_ins_code_2 
1 A GTP 1  1_555 A U 53 1_555 A U 2  1_555 A A 52 1_555 0.085  -0.927 3.174 -0.211 7.715  45.466  -1.812 -0.126 2.986 9.898  0.271 
46.082  1  AA_GTP1U2:A52U53_AA A 1  ? A 53 ? A 2  ? A 52 ? 
1 A U   2  1_555 A A 52 1_555 A U 3  1_555 A A 51 1_555 -0.004 -1.080 3.253 -3.542 6.478  30.968  -3.110 -0.615 2.955 11.922 6.518 
31.815  2  AA_U2U3:A51A52_AA   A 2  ? A 52 ? A 3  ? A 51 ? 
1 A U   3  1_555 A A 51 1_555 A C 4  1_555 A G 50 1_555 0.000  -1.642 3.099 1.941  1.842  34.771  -3.001 0.276  3.006 3.077  
-3.242  34.871  3  AA_U3C4:G50A51_AA   A 3  ? A 51 ? A 4  ? A 50 ? 
1 A C   4  1_555 A G 50 1_555 A C 5  1_555 A G 49 1_555 -0.646 -2.057 3.281 -3.414 7.229  29.397  -5.277 0.588  2.764 13.923 6.575 
30.442  4  AA_C4C5:G49G50_AA   A 4  ? A 50 ? A 5  ? A 49 ? 
1 A C   5  1_555 A G 49 1_555 A C 6  1_555 A G 48 1_555 -0.458 -1.898 3.216 -1.239 8.109  27.763  -5.429 0.668  2.586 16.451 2.513 
28.927  5  AA_C5C6:G48G49_AA   A 5  ? A 49 ? A 6  ? A 48 ? 
1 A A   22 1_555 A G 19 1_555 A C 23 1_555 A G 18 1_555 1.886  -1.294 2.958 2.924  4.829  48.291  -1.908 -2.088 2.926 5.879  
-3.560  48.601  6  AA_A22C23:G18G19_AA A 22 ? A 19 ? A 23 ? A 18 ? 
1 A C   23 1_555 A G 18 1_555 A G 24 1_555 A C 17 1_555 -0.776 -2.016 2.842 -0.933 3.419  26.576  -5.087 1.473  2.592 7.396  2.019 
26.807  7  AA_C23G24:C17G18_AA A 23 ? A 18 ? A 24 ? A 17 ? 
1 A G   24 1_555 A C 17 1_555 A C 25 1_555 A G 16 1_555 0.761  -1.615 3.342 1.529  1.909  38.611  -2.676 -0.958 3.288 2.884  
-2.309  38.685  8  AA_G24C25:G16C17_AA A 24 ? A 17 ? A 25 ? A 16 ? 
1 A C   25 1_555 A G 16 1_555 A C 26 1_555 A G 15 1_555 0.573  -1.909 3.234 1.055  8.915  30.017  -5.071 -0.880 2.592 16.748 
-1.983  31.301  9  AA_C25C26:G15G16_AA A 25 ? A 16 ? A 26 ? A 15 ? 
1 A C   26 1_555 A G 15 1_555 A A 27 1_555 A U 14 1_555 -0.668 -2.019 2.533 -2.258 21.079 26.662  -5.410 0.935  0.814 38.841 4.161 
33.943  10 AA_C26A27:U14G15_AA A 26 ? A 15 ? A 27 ? A 14 ? 
1 A A   27 1_555 A U 14 1_555 A G 28 1_555 A A 13 1_555 -1.600 -0.746 2.964 4.347  4.847  31.091  -2.126 3.608  2.580 8.920  
-8.000  31.749  11 AA_A27G28:A13U14_AA A 27 ? A 14 ? A 28 ? A 13 ? 
1 A G   28 1_555 A A 13 1_555 A C 32 1_555 A G 12 1_555 -1.043 -2.608 3.026 -7.225 15.152 53.231  -3.540 0.762  2.372 16.454 7.846 
55.630  12 AA_G28C32:G12A13_AA A 28 ? A 13 ? A 32 ? A 12 ? 
1 A C   32 1_555 A G 12 1_555 A C 33 1_555 A G 11 1_555 -1.124 -2.319 2.887 1.513  3.484  29.554  -5.116 2.450  2.543 6.794  
-2.951  29.791  13 AA_C32C33:G11G12_AA A 32 ? A 12 ? A 33 ? A 11 ? 
1 A C   33 1_555 A G 11 1_555 A U 34 1_555 A A 10 1_555 -0.493 -1.705 3.356 -1.304 12.860 30.114  -5.090 0.666  2.460 23.440 2.377 
32.712  14 AA_C33U34:A10G11_AA A 33 ? A 11 ? A 34 ? A 10 ? 
1 A U   34 1_555 A A 10 1_555 A U 35 1_555 A A 9  1_555 0.144  -1.709 3.163 -2.336 11.717 20.375  -7.432 -1.000 1.883 30.019 5.985 
23.587  15 AA_U34U35:A9A10_AA  A 34 ? A 10 ? A 35 ? A 9  ? 
1 A U   35 1_555 A A 9  1_555 A G 36 1_555 A G 31 1_555 2.679  -4.317 2.427 24.620 7.869  112.178 -2.640 -1.384 2.584 4.706  
-14.722 114.119 16 AA_U35G36:G31A9_AA  A 35 ? A 9  ? A 36 ? A 31 ? 
1 A C   40 1_555 A G 47 1_555 A C 41 1_555 A G 46 1_555 -0.260 -2.539 3.466 -1.073 7.325  28.955  -6.398 0.289  2.762 14.355 2.103 
29.867  17 AA_C40C41:G46G47_AA A 40 ? A 47 ? A 41 ? A 46 ? 
1 A C   41 1_555 A G 46 1_555 A G 42 1_555 A A 45 1_555 -4.163 -1.895 3.048 2.503  10.441 54.260  -2.571 4.616  2.493 11.323 
-2.714  55.233  18 AA_C41G42:A45G46_AA A 41 ? A 46 ? A 42 ? A 45 ? 
# 
loop_
_pdbx_entity_nonpoly.entity_id 
_pdbx_entity_nonpoly.name 
_pdbx_entity_nonpoly.comp_id 
2 'STRONTIUM ION'           SR  
3 S-ADENOSYL-L-HOMOCYSTEINE SAH 
4 water                     HOH 
# 
_pdbx_initial_refinement_model.id               1 
_pdbx_initial_refinement_model.entity_id_list   ? 
_pdbx_initial_refinement_model.type             'experimental model' 
_pdbx_initial_refinement_model.source_name      PDB 
_pdbx_initial_refinement_model.accession_code   3E5C 
_pdbx_initial_refinement_model.details          '3e5c Without SAM or ion or water' 
# 
